data_3WMI
# 
_entry.id   3WMI 
# 
_audit_conform.dict_name       mmcif_pdbx.dic 
_audit_conform.dict_version    5.388 
_audit_conform.dict_location   http://mmcif.pdb.org/dictionaries/ascii/mmcif_pdbx.dic 
# 
loop_
_database_2.database_id 
_database_2.database_code 
_database_2.pdbx_database_accession 
_database_2.pdbx_DOI 
PDB   3WMI         pdb_00003wmi 10.2210/pdb3wmi/pdb 
RCSB  RCSB096521   ?            ?                   
WWPDB D_1000096521 ?            ?                   
# 
loop_
_pdbx_audit_revision_history.ordinal 
_pdbx_audit_revision_history.data_content_type 
_pdbx_audit_revision_history.major_revision 
_pdbx_audit_revision_history.minor_revision 
_pdbx_audit_revision_history.revision_date 
1 'Structure model' 1 0 2014-11-19 
2 'Structure model' 1 1 2024-03-20 
# 
_pdbx_audit_revision_details.ordinal             1 
_pdbx_audit_revision_details.revision_ordinal    1 
_pdbx_audit_revision_details.data_content_type   'Structure model' 
_pdbx_audit_revision_details.provider            repository 
_pdbx_audit_revision_details.type                'Initial release' 
_pdbx_audit_revision_details.description         ? 
_pdbx_audit_revision_details.details             ? 
# 
loop_
_pdbx_audit_revision_group.ordinal 
_pdbx_audit_revision_group.revision_ordinal 
_pdbx_audit_revision_group.data_content_type 
_pdbx_audit_revision_group.group 
1 2 'Structure model' 'Data collection'     
2 2 'Structure model' 'Database references' 
# 
loop_
_pdbx_audit_revision_category.ordinal 
_pdbx_audit_revision_category.revision_ordinal 
_pdbx_audit_revision_category.data_content_type 
_pdbx_audit_revision_category.category 
1 2 'Structure model' chem_comp_atom 
2 2 'Structure model' chem_comp_bond 
3 2 'Structure model' database_2     
# 
loop_
_pdbx_audit_revision_item.ordinal 
_pdbx_audit_revision_item.revision_ordinal 
_pdbx_audit_revision_item.data_content_type 
_pdbx_audit_revision_item.item 
1 2 'Structure model' '_database_2.pdbx_DOI'                
2 2 'Structure model' '_database_2.pdbx_database_accession' 
# 
_pdbx_database_status.status_code                     REL 
_pdbx_database_status.entry_id                        3WMI 
_pdbx_database_status.recvd_initial_deposition_date   2013-11-19 
_pdbx_database_status.deposit_site                    PDBJ 
_pdbx_database_status.process_site                    PDBJ 
_pdbx_database_status.methods_development_category    ? 
_pdbx_database_status.status_code_sf                  REL 
_pdbx_database_status.status_code_mr                  ? 
_pdbx_database_status.SG_entry                        ? 
_pdbx_database_status.status_code_cs                  ? 
_pdbx_database_status.pdb_format_compatible           Y 
_pdbx_database_status.status_code_nmr_data            ? 
# 
_pdbx_database_related.db_name        PDB 
_pdbx_database_related.db_id          3wmj 
_pdbx_database_related.details        . 
_pdbx_database_related.content_type   unspecified 
# 
loop_
_audit_author.name 
_audit_author.pdbx_ordinal 
'Liu, X.'  1 
'Du, J.'   2 
'Qiao, W.' 3 
# 
_citation.id                        primary 
_citation.title                     
'A mutation associated with EIAV vaccine strain within heptad repeat of EIAV gp45 provides insight into vaccine development for HIV' 
_citation.journal_abbrev            'To be Published' 
_citation.journal_volume            ? 
_citation.page_first                ? 
_citation.page_last                 ? 
_citation.year                      ? 
_citation.journal_id_ASTM           ? 
_citation.country                   ? 
_citation.journal_id_ISSN           ? 
_citation.journal_id_CSD            0353 
_citation.book_publisher            ? 
_citation.pdbx_database_id_PubMed   ? 
_citation.pdbx_database_id_DOI      ? 
# 
loop_
_citation_author.citation_id 
_citation_author.name 
_citation_author.ordinal 
_citation_author.identifier_ORCID 
primary 'Liu, X.'  1 ? 
primary 'Du, J.'   2 ? 
primary 'Qiao, W.' 3 ? 
# 
loop_
_entity.id 
_entity.type 
_entity.src_method 
_entity.pdbx_description 
_entity.formula_weight 
_entity.pdbx_number_of_molecules 
_entity.pdbx_ec 
_entity.pdbx_mutation 
_entity.pdbx_fragment 
_entity.details 
1 polymer man 'EIAV gp45 wild type' 6578.155 1   ? ? ? ? 
2 polymer man 'EIAV gp45 wild type' 4450.874 1   ? ? ? ? 
3 water   nat water                 18.015   183 ? ? ? ? 
# 
loop_
_entity_poly.entity_id 
_entity_poly.type 
_entity_poly.nstd_linkage 
_entity_poly.nstd_monomer 
_entity_poly.pdbx_seq_one_letter_code 
_entity_poly.pdbx_seq_one_letter_code_can 
_entity_poly.pdbx_strand_id 
_entity_poly.pdbx_target_identifier 
1 'polypeptide(L)' no no STENLYFQSNADSVQNHTFEVENNTINGLELVEEQVHILYAMVLQTHADVQLLKEQQ 
STENLYFQSNADSVQNHTFEVENNTINGLELVEEQVHILYAMVLQTHADVQLLKEQQ A ? 
2 'polypeptide(L)' no no TQWDDWVDKMENLNHDILTTLHTARNNLEQSMITFNT                     TQWDDWVDKMENLNHDILTTLHTARNNLEQSMITFNT B ? 
# 
_pdbx_entity_nonpoly.entity_id   3 
_pdbx_entity_nonpoly.name        water 
_pdbx_entity_nonpoly.comp_id     HOH 
# 
loop_
_entity_poly_seq.entity_id 
_entity_poly_seq.num 
_entity_poly_seq.mon_id 
_entity_poly_seq.hetero 
1 1  SER n 
1 2  THR n 
1 3  GLU n 
1 4  ASN n 
1 5  LEU n 
1 6  TYR n 
1 7  PHE n 
1 8  GLN n 
1 9  SER n 
1 10 ASN n 
1 11 ALA n 
1 12 ASP n 
1 13 SER n 
1 14 VAL n 
1 15 GLN n 
1 16 ASN n 
1 17 HIS n 
1 18 THR n 
1 19 PHE n 
1 20 GLU n 
1 21 VAL n 
1 22 GLU n 
1 23 ASN n 
1 24 ASN n 
1 25 THR n 
1 26 ILE n 
1 27 ASN n 
1 28 GLY n 
1 29 LEU n 
1 30 GLU n 
1 31 LEU n 
1 32 VAL n 
1 33 GLU n 
1 34 GLU n 
1 35 GLN n 
1 36 VAL n 
1 37 HIS n 
1 38 ILE n 
1 39 LEU n 
1 40 TYR n 
1 41 ALA n 
1 42 MET n 
1 43 VAL n 
1 44 LEU n 
1 45 GLN n 
1 46 THR n 
1 47 HIS n 
1 48 ALA n 
1 49 ASP n 
1 50 VAL n 
1 51 GLN n 
1 52 LEU n 
1 53 LEU n 
1 54 LYS n 
1 55 GLU n 
1 56 GLN n 
1 57 GLN n 
2 1  THR n 
2 2  GLN n 
2 3  TRP n 
2 4  ASP n 
2 5  ASP n 
2 6  TRP n 
2 7  VAL n 
2 8  ASP n 
2 9  LYS n 
2 10 MET n 
2 11 GLU n 
2 12 ASN n 
2 13 LEU n 
2 14 ASN n 
2 15 HIS n 
2 16 ASP n 
2 17 ILE n 
2 18 LEU n 
2 19 THR n 
2 20 THR n 
2 21 LEU n 
2 22 HIS n 
2 23 THR n 
2 24 ALA n 
2 25 ARG n 
2 26 ASN n 
2 27 ASN n 
2 28 LEU n 
2 29 GLU n 
2 30 GLN n 
2 31 SER n 
2 32 MET n 
2 33 ILE n 
2 34 THR n 
2 35 PHE n 
2 36 ASN n 
2 37 THR n 
# 
loop_
_entity_src_gen.entity_id 
_entity_src_gen.pdbx_src_id 
_entity_src_gen.pdbx_alt_source_flag 
_entity_src_gen.pdbx_seq_type 
_entity_src_gen.pdbx_beg_seq_num 
_entity_src_gen.pdbx_end_seq_num 
_entity_src_gen.gene_src_common_name 
_entity_src_gen.gene_src_genus 
_entity_src_gen.pdbx_gene_src_gene 
_entity_src_gen.gene_src_species 
_entity_src_gen.gene_src_strain 
_entity_src_gen.gene_src_tissue 
_entity_src_gen.gene_src_tissue_fraction 
_entity_src_gen.gene_src_details 
_entity_src_gen.pdbx_gene_src_fragment 
_entity_src_gen.pdbx_gene_src_scientific_name 
_entity_src_gen.pdbx_gene_src_ncbi_taxonomy_id 
_entity_src_gen.pdbx_gene_src_variant 
_entity_src_gen.pdbx_gene_src_cell_line 
_entity_src_gen.pdbx_gene_src_atcc 
_entity_src_gen.pdbx_gene_src_organ 
_entity_src_gen.pdbx_gene_src_organelle 
_entity_src_gen.pdbx_gene_src_cell 
_entity_src_gen.pdbx_gene_src_cellular_location 
_entity_src_gen.host_org_common_name 
_entity_src_gen.pdbx_host_org_scientific_name 
_entity_src_gen.pdbx_host_org_ncbi_taxonomy_id 
_entity_src_gen.host_org_genus 
_entity_src_gen.pdbx_host_org_gene 
_entity_src_gen.pdbx_host_org_organ 
_entity_src_gen.host_org_species 
_entity_src_gen.pdbx_host_org_tissue 
_entity_src_gen.pdbx_host_org_tissue_fraction 
_entity_src_gen.pdbx_host_org_strain 
_entity_src_gen.pdbx_host_org_variant 
_entity_src_gen.pdbx_host_org_cell_line 
_entity_src_gen.pdbx_host_org_atcc 
_entity_src_gen.pdbx_host_org_culture_collection 
_entity_src_gen.pdbx_host_org_cell 
_entity_src_gen.pdbx_host_org_organelle 
_entity_src_gen.pdbx_host_org_cellular_location 
_entity_src_gen.pdbx_host_org_vector_type 
_entity_src_gen.pdbx_host_org_vector 
_entity_src_gen.host_org_details 
_entity_src_gen.expression_system_id 
_entity_src_gen.plasmid_name 
_entity_src_gen.plasmid_details 
_entity_src_gen.pdbx_description 
1 1 sample ? ? ? ? ? ? ? ? ? ? ? ? Equine 9796 ? ? ? ? ? ? ? ? 'Escherichia coli' 562 ? ? ? ? ? ? ? ? ? ? ? ? ? ? ? ? ? ? ? ? ? 
2 1 sample ? ? ? ? ? ? ? ? ? ? ? ? Equine 9796 ? ? ? ? ? ? ? ? 'Escherichia coli' 562 ? ? ? ? ? ? ? ? ? ? ? ? ? ? ? ? ? ? ? ? ? 
# 
loop_
_chem_comp.id 
_chem_comp.type 
_chem_comp.mon_nstd_flag 
_chem_comp.name 
_chem_comp.pdbx_synonyms 
_chem_comp.formula 
_chem_comp.formula_weight 
ALA 'L-peptide linking' y ALANINE         ? 'C3 H7 N O2'     89.093  
ARG 'L-peptide linking' y ARGININE        ? 'C6 H15 N4 O2 1' 175.209 
ASN 'L-peptide linking' y ASPARAGINE      ? 'C4 H8 N2 O3'    132.118 
ASP 'L-peptide linking' y 'ASPARTIC ACID' ? 'C4 H7 N O4'     133.103 
GLN 'L-peptide linking' y GLUTAMINE       ? 'C5 H10 N2 O3'   146.144 
GLU 'L-peptide linking' y 'GLUTAMIC ACID' ? 'C5 H9 N O4'     147.129 
GLY 'peptide linking'   y GLYCINE         ? 'C2 H5 N O2'     75.067  
HIS 'L-peptide linking' y HISTIDINE       ? 'C6 H10 N3 O2 1' 156.162 
HOH non-polymer         . WATER           ? 'H2 O'           18.015  
ILE 'L-peptide linking' y ISOLEUCINE      ? 'C6 H13 N O2'    131.173 
LEU 'L-peptide linking' y LEUCINE         ? 'C6 H13 N O2'    131.173 
LYS 'L-peptide linking' y LYSINE          ? 'C6 H15 N2 O2 1' 147.195 
MET 'L-peptide linking' y METHIONINE      ? 'C5 H11 N O2 S'  149.211 
PHE 'L-peptide linking' y PHENYLALANINE   ? 'C9 H11 N O2'    165.189 
SER 'L-peptide linking' y SERINE          ? 'C3 H7 N O3'     105.093 
THR 'L-peptide linking' y THREONINE       ? 'C4 H9 N O3'     119.119 
TRP 'L-peptide linking' y TRYPTOPHAN      ? 'C11 H12 N2 O2'  204.225 
TYR 'L-peptide linking' y TYROSINE        ? 'C9 H11 N O3'    181.189 
VAL 'L-peptide linking' y VALINE          ? 'C5 H11 N O2'    117.146 
# 
loop_
_pdbx_poly_seq_scheme.asym_id 
_pdbx_poly_seq_scheme.entity_id 
_pdbx_poly_seq_scheme.seq_id 
_pdbx_poly_seq_scheme.mon_id 
_pdbx_poly_seq_scheme.ndb_seq_num 
_pdbx_poly_seq_scheme.pdb_seq_num 
_pdbx_poly_seq_scheme.auth_seq_num 
_pdbx_poly_seq_scheme.pdb_mon_id 
_pdbx_poly_seq_scheme.auth_mon_id 
_pdbx_poly_seq_scheme.pdb_strand_id 
_pdbx_poly_seq_scheme.pdb_ins_code 
_pdbx_poly_seq_scheme.hetero 
A 1 1  SER 1  474 474 SER SER A . n 
A 1 2  THR 2  475 475 THR THR A . n 
A 1 3  GLU 3  476 476 GLU GLU A . n 
A 1 4  ASN 4  477 477 ASN ASN A . n 
A 1 5  LEU 5  478 478 LEU LEU A . n 
A 1 6  TYR 6  479 479 TYR TYR A . n 
A 1 7  PHE 7  480 480 PHE PHE A . n 
A 1 8  GLN 8  481 481 GLN GLN A . n 
A 1 9  SER 9  482 482 SER SER A . n 
A 1 10 ASN 10 483 483 ASN ASN A . n 
A 1 11 ALA 11 484 484 ALA ALA A . n 
A 1 12 ASP 12 485 485 ASP ASP A . n 
A 1 13 SER 13 486 486 SER SER A . n 
A 1 14 VAL 14 487 487 VAL VAL A . n 
A 1 15 GLN 15 488 488 GLN GLN A . n 
A 1 16 ASN 16 489 489 ASN ASN A . n 
A 1 17 HIS 17 490 490 HIS HIS A . n 
A 1 18 THR 18 491 491 THR THR A . n 
A 1 19 PHE 19 492 492 PHE PHE A . n 
A 1 20 GLU 20 493 493 GLU GLU A . n 
A 1 21 VAL 21 494 494 VAL VAL A . n 
A 1 22 GLU 22 495 495 GLU GLU A . n 
A 1 23 ASN 23 496 496 ASN ASN A . n 
A 1 24 ASN 24 497 497 ASN ASN A . n 
A 1 25 THR 25 498 498 THR THR A . n 
A 1 26 ILE 26 499 499 ILE ILE A . n 
A 1 27 ASN 27 500 500 ASN ASN A . n 
A 1 28 GLY 28 501 501 GLY GLY A . n 
A 1 29 LEU 29 502 502 LEU LEU A . n 
A 1 30 GLU 30 503 503 GLU GLU A . n 
A 1 31 LEU 31 504 504 LEU LEU A . n 
A 1 32 VAL 32 505 505 VAL VAL A . n 
A 1 33 GLU 33 506 506 GLU GLU A . n 
A 1 34 GLU 34 507 507 GLU GLU A . n 
A 1 35 GLN 35 508 508 GLN GLN A . n 
A 1 36 VAL 36 509 509 VAL VAL A . n 
A 1 37 HIS 37 510 510 HIS HIS A . n 
A 1 38 ILE 38 511 511 ILE ILE A . n 
A 1 39 LEU 39 512 512 LEU LEU A . n 
A 1 40 TYR 40 513 513 TYR TYR A . n 
A 1 41 ALA 41 514 514 ALA ALA A . n 
A 1 42 MET 42 515 515 MET MET A . n 
A 1 43 VAL 43 516 516 VAL VAL A . n 
A 1 44 LEU 44 517 517 LEU LEU A . n 
A 1 45 GLN 45 518 518 GLN GLN A . n 
A 1 46 THR 46 519 519 THR THR A . n 
A 1 47 HIS 47 520 520 HIS HIS A . n 
A 1 48 ALA 48 521 521 ALA ALA A . n 
A 1 49 ASP 49 522 522 ASP ASP A . n 
A 1 50 VAL 50 523 523 VAL VAL A . n 
A 1 51 GLN 51 524 524 GLN GLN A . n 
A 1 52 LEU 52 525 525 LEU LEU A . n 
A 1 53 LEU 53 526 526 LEU LEU A . n 
A 1 54 LYS 54 527 527 LYS LYS A . n 
A 1 55 GLU 55 528 528 GLU GLU A . n 
A 1 56 GLN 56 529 529 GLN GLN A . n 
A 1 57 GLN 57 530 530 GLN GLN A . n 
B 2 1  THR 1  566 566 THR THR B . n 
B 2 2  GLN 2  567 567 GLN GLN B . n 
B 2 3  TRP 3  568 568 TRP TRP B . n 
B 2 4  ASP 4  569 569 ASP ASP B . n 
B 2 5  ASP 5  570 570 ASP ASP B . n 
B 2 6  TRP 6  571 571 TRP TRP B . n 
B 2 7  VAL 7  572 572 VAL VAL B . n 
B 2 8  ASP 8  573 573 ASP ASP B . n 
B 2 9  LYS 9  574 574 LYS LYS B . n 
B 2 10 MET 10 575 575 MET MET B . n 
B 2 11 GLU 11 576 576 GLU GLU B . n 
B 2 12 ASN 12 577 577 ASN ASN B . n 
B 2 13 LEU 13 578 578 LEU LEU B . n 
B 2 14 ASN 14 579 579 ASN ASN B . n 
B 2 15 HIS 15 580 580 HIS HIS B . n 
B 2 16 ASP 16 581 581 ASP ASP B . n 
B 2 17 ILE 17 582 582 ILE ILE B . n 
B 2 18 LEU 18 583 583 LEU LEU B . n 
B 2 19 THR 19 584 584 THR THR B . n 
B 2 20 THR 20 585 585 THR THR B . n 
B 2 21 LEU 21 586 586 LEU LEU B . n 
B 2 22 HIS 22 587 587 HIS HIS B . n 
B 2 23 THR 23 588 588 THR THR B . n 
B 2 24 ALA 24 589 589 ALA ALA B . n 
B 2 25 ARG 25 590 590 ARG ARG B . n 
B 2 26 ASN 26 591 591 ASN ASN B . n 
B 2 27 ASN 27 592 592 ASN ASN B . n 
B 2 28 LEU 28 593 593 LEU LEU B . n 
B 2 29 GLU 29 594 594 GLU GLU B . n 
B 2 30 GLN 30 595 595 GLN GLN B . n 
B 2 31 SER 31 596 596 SER SER B . n 
B 2 32 MET 32 597 597 MET MET B . n 
B 2 33 ILE 33 598 598 ILE ILE B . n 
B 2 34 THR 34 599 599 THR THR B . n 
B 2 35 PHE 35 600 600 PHE PHE B . n 
B 2 36 ASN 36 601 601 ASN ASN B . n 
B 2 37 THR 37 602 602 THR THR B . n 
# 
loop_
_pdbx_nonpoly_scheme.asym_id 
_pdbx_nonpoly_scheme.entity_id 
_pdbx_nonpoly_scheme.mon_id 
_pdbx_nonpoly_scheme.ndb_seq_num 
_pdbx_nonpoly_scheme.pdb_seq_num 
_pdbx_nonpoly_scheme.auth_seq_num 
_pdbx_nonpoly_scheme.pdb_mon_id 
_pdbx_nonpoly_scheme.auth_mon_id 
_pdbx_nonpoly_scheme.pdb_strand_id 
_pdbx_nonpoly_scheme.pdb_ins_code 
C 3 HOH 1   601 1   HOH HOH A . 
C 3 HOH 2   602 2   HOH HOH A . 
C 3 HOH 3   603 3   HOH HOH A . 
C 3 HOH 4   604 4   HOH HOH A . 
C 3 HOH 5   605 5   HOH HOH A . 
C 3 HOH 6   606 6   HOH HOH A . 
C 3 HOH 7   607 7   HOH HOH A . 
C 3 HOH 8   608 8   HOH HOH A . 
C 3 HOH 9   609 9   HOH HOH A . 
C 3 HOH 10  610 11  HOH HOH A . 
C 3 HOH 11  611 12  HOH HOH A . 
C 3 HOH 12  612 13  HOH HOH A . 
C 3 HOH 13  613 15  HOH HOH A . 
C 3 HOH 14  614 16  HOH HOH A . 
C 3 HOH 15  615 19  HOH HOH A . 
C 3 HOH 16  616 21  HOH HOH A . 
C 3 HOH 17  617 22  HOH HOH A . 
C 3 HOH 18  618 25  HOH HOH A . 
C 3 HOH 19  619 26  HOH HOH A . 
C 3 HOH 20  620 27  HOH HOH A . 
C 3 HOH 21  621 28  HOH HOH A . 
C 3 HOH 22  622 29  HOH HOH A . 
C 3 HOH 23  623 30  HOH HOH A . 
C 3 HOH 24  624 32  HOH HOH A . 
C 3 HOH 25  625 35  HOH HOH A . 
C 3 HOH 26  626 38  HOH HOH A . 
C 3 HOH 27  627 41  HOH HOH A . 
C 3 HOH 28  628 42  HOH HOH A . 
C 3 HOH 29  629 45  HOH HOH A . 
C 3 HOH 30  630 47  HOH HOH A . 
C 3 HOH 31  631 48  HOH HOH A . 
C 3 HOH 32  632 50  HOH HOH A . 
C 3 HOH 33  633 52  HOH HOH A . 
C 3 HOH 34  634 54  HOH HOH A . 
C 3 HOH 35  635 55  HOH HOH A . 
C 3 HOH 36  636 57  HOH HOH A . 
C 3 HOH 37  637 58  HOH HOH A . 
C 3 HOH 38  638 59  HOH HOH A . 
C 3 HOH 39  639 60  HOH HOH A . 
C 3 HOH 40  640 62  HOH HOH A . 
C 3 HOH 41  641 63  HOH HOH A . 
C 3 HOH 42  642 65  HOH HOH A . 
C 3 HOH 43  643 66  HOH HOH A . 
C 3 HOH 44  644 67  HOH HOH A . 
C 3 HOH 45  645 68  HOH HOH A . 
C 3 HOH 46  646 71  HOH HOH A . 
C 3 HOH 47  647 75  HOH HOH A . 
C 3 HOH 48  648 79  HOH HOH A . 
C 3 HOH 49  649 83  HOH HOH A . 
C 3 HOH 50  650 85  HOH HOH A . 
C 3 HOH 51  651 88  HOH HOH A . 
C 3 HOH 52  652 93  HOH HOH A . 
C 3 HOH 53  653 94  HOH HOH A . 
C 3 HOH 54  654 95  HOH HOH A . 
C 3 HOH 55  655 96  HOH HOH A . 
C 3 HOH 56  656 97  HOH HOH A . 
C 3 HOH 57  657 102 HOH HOH A . 
C 3 HOH 58  658 103 HOH HOH A . 
C 3 HOH 59  659 104 HOH HOH A . 
C 3 HOH 60  660 109 HOH HOH A . 
C 3 HOH 61  661 111 HOH HOH A . 
C 3 HOH 62  662 112 HOH HOH A . 
C 3 HOH 63  663 113 HOH HOH A . 
C 3 HOH 64  664 114 HOH HOH A . 
C 3 HOH 65  665 116 HOH HOH A . 
C 3 HOH 66  666 126 HOH HOH A . 
C 3 HOH 67  667 128 HOH HOH A . 
C 3 HOH 68  668 129 HOH HOH A . 
C 3 HOH 69  669 130 HOH HOH A . 
C 3 HOH 70  670 132 HOH HOH A . 
C 3 HOH 71  671 133 HOH HOH A . 
C 3 HOH 72  672 137 HOH HOH A . 
C 3 HOH 73  673 138 HOH HOH A . 
C 3 HOH 74  674 139 HOH HOH A . 
C 3 HOH 75  675 140 HOH HOH A . 
C 3 HOH 76  676 142 HOH HOH A . 
C 3 HOH 77  677 143 HOH HOH A . 
C 3 HOH 78  678 146 HOH HOH A . 
C 3 HOH 79  679 147 HOH HOH A . 
C 3 HOH 80  680 152 HOH HOH A . 
C 3 HOH 81  681 153 HOH HOH A . 
C 3 HOH 82  682 155 HOH HOH A . 
C 3 HOH 83  683 159 HOH HOH A . 
C 3 HOH 84  684 160 HOH HOH A . 
C 3 HOH 85  685 161 HOH HOH A . 
C 3 HOH 86  686 162 HOH HOH A . 
C 3 HOH 87  687 163 HOH HOH A . 
C 3 HOH 88  688 164 HOH HOH A . 
C 3 HOH 89  689 165 HOH HOH A . 
C 3 HOH 90  690 166 HOH HOH A . 
C 3 HOH 91  691 167 HOH HOH A . 
C 3 HOH 92  692 171 HOH HOH A . 
C 3 HOH 93  693 172 HOH HOH A . 
C 3 HOH 94  694 173 HOH HOH A . 
C 3 HOH 95  695 174 HOH HOH A . 
C 3 HOH 96  696 175 HOH HOH A . 
C 3 HOH 97  697 176 HOH HOH A . 
C 3 HOH 98  698 177 HOH HOH A . 
C 3 HOH 99  699 179 HOH HOH A . 
C 3 HOH 100 700 181 HOH HOH A . 
C 3 HOH 101 701 76  HOH HOH A . 
C 3 HOH 102 702 90  HOH HOH A . 
C 3 HOH 103 703 156 HOH HOH A . 
D 3 HOH 1   701 10  HOH HOH B . 
D 3 HOH 2   702 14  HOH HOH B . 
D 3 HOH 3   703 17  HOH HOH B . 
D 3 HOH 4   704 18  HOH HOH B . 
D 3 HOH 5   705 20  HOH HOH B . 
D 3 HOH 6   706 23  HOH HOH B . 
D 3 HOH 7   707 24  HOH HOH B . 
D 3 HOH 8   708 31  HOH HOH B . 
D 3 HOH 9   709 33  HOH HOH B . 
D 3 HOH 10  710 34  HOH HOH B . 
D 3 HOH 11  711 36  HOH HOH B . 
D 3 HOH 12  712 37  HOH HOH B . 
D 3 HOH 13  713 39  HOH HOH B . 
D 3 HOH 14  714 40  HOH HOH B . 
D 3 HOH 15  715 43  HOH HOH B . 
D 3 HOH 16  716 44  HOH HOH B . 
D 3 HOH 17  717 46  HOH HOH B . 
D 3 HOH 18  718 49  HOH HOH B . 
D 3 HOH 19  719 51  HOH HOH B . 
D 3 HOH 20  720 53  HOH HOH B . 
D 3 HOH 21  721 56  HOH HOH B . 
D 3 HOH 22  722 61  HOH HOH B . 
D 3 HOH 23  723 64  HOH HOH B . 
D 3 HOH 24  724 69  HOH HOH B . 
D 3 HOH 25  725 70  HOH HOH B . 
D 3 HOH 26  726 72  HOH HOH B . 
D 3 HOH 27  727 73  HOH HOH B . 
D 3 HOH 28  728 74  HOH HOH B . 
D 3 HOH 29  729 77  HOH HOH B . 
D 3 HOH 30  730 78  HOH HOH B . 
D 3 HOH 31  731 80  HOH HOH B . 
D 3 HOH 32  732 81  HOH HOH B . 
D 3 HOH 33  733 82  HOH HOH B . 
D 3 HOH 34  734 84  HOH HOH B . 
D 3 HOH 35  735 86  HOH HOH B . 
D 3 HOH 36  736 87  HOH HOH B . 
D 3 HOH 37  737 89  HOH HOH B . 
D 3 HOH 38  738 91  HOH HOH B . 
D 3 HOH 39  739 92  HOH HOH B . 
D 3 HOH 40  740 98  HOH HOH B . 
D 3 HOH 41  741 99  HOH HOH B . 
D 3 HOH 42  742 100 HOH HOH B . 
D 3 HOH 43  743 101 HOH HOH B . 
D 3 HOH 44  744 105 HOH HOH B . 
D 3 HOH 45  745 106 HOH HOH B . 
D 3 HOH 46  746 107 HOH HOH B . 
D 3 HOH 47  747 108 HOH HOH B . 
D 3 HOH 48  748 110 HOH HOH B . 
D 3 HOH 49  749 115 HOH HOH B . 
D 3 HOH 50  750 117 HOH HOH B . 
D 3 HOH 51  751 118 HOH HOH B . 
D 3 HOH 52  752 119 HOH HOH B . 
D 3 HOH 53  753 120 HOH HOH B . 
D 3 HOH 54  754 121 HOH HOH B . 
D 3 HOH 55  755 122 HOH HOH B . 
D 3 HOH 56  756 123 HOH HOH B . 
D 3 HOH 57  757 124 HOH HOH B . 
D 3 HOH 58  758 125 HOH HOH B . 
D 3 HOH 59  759 127 HOH HOH B . 
D 3 HOH 60  760 131 HOH HOH B . 
D 3 HOH 61  761 134 HOH HOH B . 
D 3 HOH 62  762 135 HOH HOH B . 
D 3 HOH 63  763 136 HOH HOH B . 
D 3 HOH 64  764 141 HOH HOH B . 
D 3 HOH 65  765 144 HOH HOH B . 
D 3 HOH 66  766 145 HOH HOH B . 
D 3 HOH 67  767 148 HOH HOH B . 
D 3 HOH 68  768 149 HOH HOH B . 
D 3 HOH 69  769 150 HOH HOH B . 
D 3 HOH 70  770 151 HOH HOH B . 
D 3 HOH 71  771 154 HOH HOH B . 
D 3 HOH 72  772 157 HOH HOH B . 
D 3 HOH 73  773 158 HOH HOH B . 
D 3 HOH 74  774 168 HOH HOH B . 
D 3 HOH 75  775 169 HOH HOH B . 
D 3 HOH 76  776 170 HOH HOH B . 
D 3 HOH 77  777 178 HOH HOH B . 
D 3 HOH 78  778 180 HOH HOH B . 
D 3 HOH 79  779 182 HOH HOH B . 
D 3 HOH 80  780 183 HOH HOH B . 
# 
loop_
_software.name 
_software.classification 
_software.version 
_software.citation_id 
_software.pdbx_ordinal 
HKL-2000 'data collection' .                             ? 1 
CNS      refinement        .                             ? 2 
PHENIX   refinement        '(phenix.refine: 1.8.2_1309)' ? 3 
HKL-2000 'data reduction'  .                             ? 4 
HKL-2000 'data scaling'    .                             ? 5 
CNS      phasing           .                             ? 6 
# 
_cell.entry_id           3WMI 
_cell.length_a           47.051 
_cell.length_b           47.051 
_cell.length_c           101.918 
_cell.angle_alpha        90.00 
_cell.angle_beta         90.00 
_cell.angle_gamma        120.00 
_cell.Z_PDB              6 
_cell.pdbx_unique_axis   ? 
_cell.length_a_esd       ? 
_cell.length_b_esd       ? 
_cell.length_c_esd       ? 
_cell.angle_alpha_esd    ? 
_cell.angle_beta_esd     ? 
_cell.angle_gamma_esd    ? 
# 
_symmetry.entry_id                         3WMI 
_symmetry.space_group_name_H-M             'P 63' 
_symmetry.pdbx_full_space_group_name_H-M   ? 
_symmetry.cell_setting                     ? 
_symmetry.Int_Tables_number                173 
_symmetry.space_group_name_Hall            ? 
# 
_exptl.entry_id          3WMI 
_exptl.method            'X-RAY DIFFRACTION' 
_exptl.crystals_number   1 
# 
_exptl_crystal.id                    1 
_exptl_crystal.density_meas          ? 
_exptl_crystal.density_Matthews      2.95 
_exptl_crystal.density_percent_sol   58.34 
_exptl_crystal.description           ? 
_exptl_crystal.F_000                 ? 
_exptl_crystal.preparation           ? 
# 
_exptl_crystal_grow.crystal_id      1 
_exptl_crystal_grow.method          EVAPORATION 
_exptl_crystal_grow.temp            293 
_exptl_crystal_grow.temp_details    ? 
_exptl_crystal_grow.pH              5.5 
_exptl_crystal_grow.pdbx_details    '0.1M Bis-Tris, 2M NaCl, pH 5.5, EVAPORATION, temperature 293K' 
_exptl_crystal_grow.pdbx_pH_range   ? 
# 
_diffrn.id                     1 
_diffrn.ambient_temp           200 
_diffrn.ambient_temp_details   ? 
_diffrn.crystal_id             1 
# 
_diffrn_detector.diffrn_id              1 
_diffrn_detector.detector               CCD 
_diffrn_detector.type                   ENRAF-NONIUS 
_diffrn_detector.pdbx_collection_date   2011-05-09 
_diffrn_detector.details                ? 
# 
_diffrn_radiation.diffrn_id                        1 
_diffrn_radiation.wavelength_id                    1 
_diffrn_radiation.pdbx_monochromatic_or_laue_m_l   M 
_diffrn_radiation.monochromator                    GRAPHITE 
_diffrn_radiation.pdbx_diffrn_protocol             'SINGLE WAVELENGTH' 
_diffrn_radiation.pdbx_scattering_type             x-ray 
# 
_diffrn_radiation_wavelength.id           1 
_diffrn_radiation_wavelength.wavelength   0.9794 
_diffrn_radiation_wavelength.wt           1.0 
# 
_diffrn_source.diffrn_id                   1 
_diffrn_source.source                      SYNCHROTRON 
_diffrn_source.type                        'SSRF BEAMLINE BL17U' 
_diffrn_source.pdbx_synchrotron_site       SSRF 
_diffrn_source.pdbx_synchrotron_beamline   BL17U 
_diffrn_source.pdbx_wavelength             ? 
_diffrn_source.pdbx_wavelength_list        0.9794 
# 
_reflns.entry_id                     3WMI 
_reflns.observed_criterion_sigma_I   2.9 
_reflns.observed_criterion_sigma_F   2.0 
_reflns.d_resolution_low             31.824 
_reflns.d_resolution_high            1.9 
_reflns.number_obs                   10074 
_reflns.number_all                   ? 
_reflns.percent_possible_obs         11 
_reflns.pdbx_Rmerge_I_obs            ? 
_reflns.pdbx_Rsym_value              ? 
_reflns.pdbx_netI_over_sigmaI        ? 
_reflns.B_iso_Wilson_estimate        ? 
_reflns.pdbx_redundancy              ? 
_reflns.R_free_details               ? 
_reflns.limit_h_max                  ? 
_reflns.limit_h_min                  ? 
_reflns.limit_k_max                  ? 
_reflns.limit_k_min                  ? 
_reflns.limit_l_max                  ? 
_reflns.limit_l_min                  ? 
_reflns.observed_criterion_F_max     ? 
_reflns.observed_criterion_F_min     ? 
_reflns.pdbx_chi_squared             ? 
_reflns.pdbx_scaling_rejects         ? 
_reflns.pdbx_ordinal                 1 
_reflns.pdbx_diffrn_id               1 
# 
_reflns_shell.d_res_high                  1.9 
_reflns_shell.d_res_low                   1.93 
_reflns_shell.percent_possible_all        95 
_reflns_shell.Rmerge_I_obs                ? 
_reflns_shell.pdbx_Rsym_value             ? 
_reflns_shell.meanI_over_sigI_obs         ? 
_reflns_shell.pdbx_redundancy             ? 
_reflns_shell.percent_possible_obs        ? 
_reflns_shell.number_unique_all           ? 
_reflns_shell.number_measured_all         ? 
_reflns_shell.number_measured_obs         ? 
_reflns_shell.number_unique_obs           ? 
_reflns_shell.pdbx_chi_squared            ? 
_reflns_shell.pdbx_rejects                ? 
_reflns_shell.pdbx_netI_over_sigmaI_obs   ? 
_reflns_shell.number_possible             ? 
_reflns_shell.Rmerge_F_all                ? 
_reflns_shell.Rmerge_F_obs                ? 
_reflns_shell.Rmerge_I_all                ? 
_reflns_shell.meanI_over_sigI_all         ? 
_reflns_shell.pdbx_Rrim_I_all             ? 
_reflns_shell.pdbx_Rpim_I_all             ? 
_reflns_shell.pdbx_ordinal                1 
_reflns_shell.pdbx_diffrn_id              1 
# 
_refine.entry_id                                 3WMI 
_refine.ls_number_reflns_obs                     10028 
_refine.ls_number_reflns_all                     ? 
_refine.pdbx_ls_sigma_I                          ? 
_refine.pdbx_ls_sigma_F                          1.40 
_refine.pdbx_data_cutoff_high_absF               ? 
_refine.pdbx_data_cutoff_low_absF                ? 
_refine.pdbx_data_cutoff_high_rms_absF           ? 
_refine.ls_d_res_low                             31.824 
_refine.ls_d_res_high                            1.900 
_refine.ls_percent_reflns_obs                    99.36 
_refine.ls_R_factor_obs                          0.1778 
_refine.ls_R_factor_all                          0.1783 
_refine.ls_R_factor_R_work                       0.1754 
_refine.ls_R_factor_R_free                       0.2292 
_refine.ls_R_factor_R_free_error                 ? 
_refine.ls_R_factor_R_free_error_details         ? 
_refine.ls_percent_reflns_R_free                 4.80 
_refine.ls_number_reflns_R_free                  481 
_refine.ls_number_parameters                     ? 
_refine.ls_number_restraints                     ? 
_refine.occupancy_min                            ? 
_refine.occupancy_max                            ? 
_refine.correlation_coeff_Fo_to_Fc               ? 
_refine.correlation_coeff_Fo_to_Fc_free          ? 
_refine.B_iso_mean                               ? 
_refine.aniso_B[1][1]                            ? 
_refine.aniso_B[2][2]                            ? 
_refine.aniso_B[3][3]                            ? 
_refine.aniso_B[1][2]                            ? 
_refine.aniso_B[1][3]                            ? 
_refine.aniso_B[2][3]                            ? 
_refine.solvent_model_details                    'FLAT BULK SOLVENT MODEL' 
_refine.solvent_model_param_ksol                 ? 
_refine.solvent_model_param_bsol                 ? 
_refine.pdbx_solvent_vdw_probe_radii             1.11 
_refine.pdbx_solvent_ion_probe_radii             ? 
_refine.pdbx_solvent_shrinkage_radii             0.90 
_refine.pdbx_ls_cross_valid_method               ? 
_refine.details                                  ? 
_refine.pdbx_starting_model                      ? 
_refine.pdbx_method_to_determine_struct          'MOLECULAR REPLACEMENT' 
_refine.pdbx_isotropic_thermal_model             ? 
_refine.pdbx_stereochemistry_target_values       ML 
_refine.pdbx_stereochem_target_val_spec_case     ? 
_refine.pdbx_R_Free_selection_details            RANDOM 
_refine.pdbx_overall_ESU_R                       ? 
_refine.pdbx_overall_ESU_R_Free                  ? 
_refine.overall_SU_ML                            0.24 
_refine.pdbx_overall_phase_error                 23.41 
_refine.overall_SU_B                             ? 
_refine.overall_SU_R_Cruickshank_DPI             ? 
_refine.ls_redundancy_reflns_obs                 ? 
_refine.B_iso_min                                ? 
_refine.B_iso_max                                ? 
_refine.overall_SU_R_free                        ? 
_refine.ls_wR_factor_R_free                      ? 
_refine.ls_wR_factor_R_work                      ? 
_refine.overall_FOM_free_R_set                   ? 
_refine.overall_FOM_work_R_set                   ? 
_refine.pdbx_diffrn_id                           1 
_refine.pdbx_refine_id                           'X-RAY DIFFRACTION' 
_refine.pdbx_TLS_residual_ADP_flag               ? 
_refine.pdbx_overall_SU_R_free_Cruickshank_DPI   ? 
_refine.pdbx_overall_SU_R_Blow_DPI               ? 
_refine.pdbx_overall_SU_R_free_Blow_DPI          ? 
# 
_refine_hist.pdbx_refine_id                   'X-RAY DIFFRACTION' 
_refine_hist.cycle_id                         LAST 
_refine_hist.pdbx_number_atoms_protein        773 
_refine_hist.pdbx_number_atoms_nucleic_acid   0 
_refine_hist.pdbx_number_atoms_ligand         0 
_refine_hist.number_atoms_solvent             183 
_refine_hist.number_atoms_total               956 
_refine_hist.d_res_high                       1.900 
_refine_hist.d_res_low                        31.824 
# 
loop_
_refine_ls_restr.type 
_refine_ls_restr.dev_ideal 
_refine_ls_restr.dev_ideal_target 
_refine_ls_restr.weight 
_refine_ls_restr.number 
_refine_ls_restr.pdbx_restraint_function 
_refine_ls_restr.pdbx_refine_id 
f_bond_d           0.007  ? ? 785  ? 'X-RAY DIFFRACTION' 
f_angle_d          0.788  ? ? 1068 ? 'X-RAY DIFFRACTION' 
f_dihedral_angle_d 17.691 ? ? 279  ? 'X-RAY DIFFRACTION' 
f_chiral_restr     0.061  ? ? 125  ? 'X-RAY DIFFRACTION' 
f_plane_restr      0.003  ? ? 140  ? 'X-RAY DIFFRACTION' 
# 
loop_
_refine_ls_shell.pdbx_refine_id 
_refine_ls_shell.pdbx_total_number_of_bins_used 
_refine_ls_shell.d_res_high 
_refine_ls_shell.d_res_low 
_refine_ls_shell.number_reflns_R_work 
_refine_ls_shell.R_factor_R_work 
_refine_ls_shell.percent_reflns_obs 
_refine_ls_shell.R_factor_R_free 
_refine_ls_shell.R_factor_R_free_error 
_refine_ls_shell.percent_reflns_R_free 
_refine_ls_shell.number_reflns_R_free 
_refine_ls_shell.number_reflns_all 
_refine_ls_shell.R_factor_all 
_refine_ls_shell.number_reflns_obs 
_refine_ls_shell.redundancy_reflns_obs 
'X-RAY DIFFRACTION' 3 1.900  2.1752  3153 0.1712 99.00  0.2270 . . 169 . . . . 
'X-RAY DIFFRACTION' 3 2.1752 2.7403  3161 0.1791 100.00 0.2201 . . 169 . . . . 
'X-RAY DIFFRACTION' 3 2.7403 31.8288 3233 0.1747 99.00  0.2357 . . 143 . . . . 
# 
_struct.entry_id                  3WMI 
_struct.title                     'Crystal structure of EIAV wild type gp45' 
_struct.pdbx_model_details        ? 
_struct.pdbx_CASP_flag            ? 
_struct.pdbx_model_type_details   ? 
# 
_struct_keywords.entry_id        3WMI 
_struct_keywords.pdbx_keywords   'VIRAL PROTEIN' 
_struct_keywords.text            'alpha-helix, virus fusion, VIRAL PROTEIN' 
# 
loop_
_struct_asym.id 
_struct_asym.pdbx_blank_PDB_chainid_flag 
_struct_asym.pdbx_modified 
_struct_asym.entity_id 
_struct_asym.details 
A N N 1 ? 
B N N 2 ? 
C N N 3 ? 
D N N 3 ? 
# 
loop_
_struct_ref.id 
_struct_ref.db_name 
_struct_ref.db_code 
_struct_ref.pdbx_db_accession 
_struct_ref.entity_id 
_struct_ref.pdbx_align_begin 
_struct_ref.pdbx_seq_one_letter_code 
_struct_ref.pdbx_db_isoform 
1 PDB 3WMI 3WMI 1 ? ? ? 
2 PDB 3WMI 3WMI 2 ? ? ? 
# 
loop_
_struct_ref_seq.align_id 
_struct_ref_seq.ref_id 
_struct_ref_seq.pdbx_PDB_id_code 
_struct_ref_seq.pdbx_strand_id 
_struct_ref_seq.seq_align_beg 
_struct_ref_seq.pdbx_seq_align_beg_ins_code 
_struct_ref_seq.seq_align_end 
_struct_ref_seq.pdbx_seq_align_end_ins_code 
_struct_ref_seq.pdbx_db_accession 
_struct_ref_seq.db_align_beg 
_struct_ref_seq.pdbx_db_align_beg_ins_code 
_struct_ref_seq.db_align_end 
_struct_ref_seq.pdbx_db_align_end_ins_code 
_struct_ref_seq.pdbx_auth_seq_align_beg 
_struct_ref_seq.pdbx_auth_seq_align_end 
1 1 3WMI A 1 ? 57 ? 3WMI 474 ? 530 ? 474 530 
2 2 3WMI B 1 ? 37 ? 3WMI 566 ? 602 ? 566 602 
# 
_pdbx_struct_assembly.id                   1 
_pdbx_struct_assembly.details              author_and_software_defined_assembly 
_pdbx_struct_assembly.method_details       PISA 
_pdbx_struct_assembly.oligomeric_details   hexameric 
_pdbx_struct_assembly.oligomeric_count     6 
# 
loop_
_pdbx_struct_assembly_prop.biol_id 
_pdbx_struct_assembly_prop.type 
_pdbx_struct_assembly_prop.value 
_pdbx_struct_assembly_prop.details 
1 'ABSA (A^2)' 13170 ? 
1 MORE         -124  ? 
1 'SSA (A^2)'  14570 ? 
# 
_pdbx_struct_assembly_gen.assembly_id       1 
_pdbx_struct_assembly_gen.oper_expression   1,2,3 
_pdbx_struct_assembly_gen.asym_id_list      A,B,C,D 
# 
loop_
_pdbx_struct_oper_list.id 
_pdbx_struct_oper_list.type 
_pdbx_struct_oper_list.name 
_pdbx_struct_oper_list.symmetry_operation 
_pdbx_struct_oper_list.matrix[1][1] 
_pdbx_struct_oper_list.matrix[1][2] 
_pdbx_struct_oper_list.matrix[1][3] 
_pdbx_struct_oper_list.vector[1] 
_pdbx_struct_oper_list.matrix[2][1] 
_pdbx_struct_oper_list.matrix[2][2] 
_pdbx_struct_oper_list.matrix[2][3] 
_pdbx_struct_oper_list.vector[2] 
_pdbx_struct_oper_list.matrix[3][1] 
_pdbx_struct_oper_list.matrix[3][2] 
_pdbx_struct_oper_list.matrix[3][3] 
_pdbx_struct_oper_list.vector[3] 
1 'identity operation'         1_555 x,y,z        1.0000000000 0.0000000000 0.0000000000  0.0000000000 0.0000000000 1.0000000000 0.0000000000  0.0000000000  0.0000000000  0.0000000000  1.0000000000  0.0000000000  
2 'crystal symmetry operation' 2_665 -y+1,x-y+1,z 0.0714208884 0.9772030813 -0.1999329753 9.5763995899 0.2646286063 0.1746979204 0.9483946106  -4.7033835725 0.9617020107  -0.1206431703 -0.2461188088 -6.6995355903 
3 'crystal symmetry operation' 3_565 -x+y,-x+1,z  0.0714208884 0.2646286063 0.9617020107  7.0036517204 0.9772030813 0.1746979204 -0.1206431703 -9.3446690706 -0.1999329753 0.9483946106  -0.2461188088 4.7264199751 
# 
_struct_biol.id        1 
_struct_biol.details   ? 
# 
loop_
_struct_conf.conf_type_id 
_struct_conf.id 
_struct_conf.pdbx_PDB_helix_id 
_struct_conf.beg_label_comp_id 
_struct_conf.beg_label_asym_id 
_struct_conf.beg_label_seq_id 
_struct_conf.pdbx_beg_PDB_ins_code 
_struct_conf.end_label_comp_id 
_struct_conf.end_label_asym_id 
_struct_conf.end_label_seq_id 
_struct_conf.pdbx_end_PDB_ins_code 
_struct_conf.beg_auth_comp_id 
_struct_conf.beg_auth_asym_id 
_struct_conf.beg_auth_seq_id 
_struct_conf.end_auth_comp_id 
_struct_conf.end_auth_asym_id 
_struct_conf.end_auth_seq_id 
_struct_conf.pdbx_PDB_helix_class 
_struct_conf.details 
_struct_conf.pdbx_PDB_helix_length 
HELX_P HELX_P1 1 SER A 1 ? GLN A 57 ? SER A 474 GLN A 530 1 ? 57 
HELX_P HELX_P2 2 GLN B 2 ? ASN B 36 ? GLN B 567 ASN B 601 1 ? 35 
# 
_struct_conf_type.id          HELX_P 
_struct_conf_type.criteria    ? 
_struct_conf_type.reference   ? 
# 
loop_
_pdbx_validate_close_contact.id 
_pdbx_validate_close_contact.PDB_model_num 
_pdbx_validate_close_contact.auth_atom_id_1 
_pdbx_validate_close_contact.auth_asym_id_1 
_pdbx_validate_close_contact.auth_comp_id_1 
_pdbx_validate_close_contact.auth_seq_id_1 
_pdbx_validate_close_contact.PDB_ins_code_1 
_pdbx_validate_close_contact.label_alt_id_1 
_pdbx_validate_close_contact.auth_atom_id_2 
_pdbx_validate_close_contact.auth_asym_id_2 
_pdbx_validate_close_contact.auth_comp_id_2 
_pdbx_validate_close_contact.auth_seq_id_2 
_pdbx_validate_close_contact.PDB_ins_code_2 
_pdbx_validate_close_contact.label_alt_id_2 
_pdbx_validate_close_contact.dist 
1  1 O   A HOH 658 ? ? O A HOH 664 ? ? 1.92 
2  1 O   A HOH 645 ? ? O A HOH 687 ? ? 1.94 
3  1 O   B HOH 778 ? ? O B HOH 779 ? ? 1.95 
4  1 O   B HOH 717 ? ? O B HOH 745 ? ? 1.96 
5  1 O   A HOH 669 ? ? O A HOH 671 ? ? 1.98 
6  1 O   A HOH 676 ? ? O A HOH 681 ? ? 2.00 
7  1 O   B HOH 773 ? ? O B HOH 775 ? ? 2.03 
8  1 O   B HOH 740 ? ? O B HOH 773 ? ? 2.04 
9  1 O   B HOH 723 ? ? O B HOH 744 ? ? 2.05 
10 1 O   A HOH 687 ? ? O A HOH 701 ? ? 2.05 
11 1 OE2 A GLU 493 ? ? O A HOH 699 ? ? 2.06 
12 1 OE2 A GLU 503 ? ? O A HOH 638 ? ? 2.07 
13 1 O   B HOH 722 ? ? O B HOH 762 ? ? 2.09 
14 1 O   B HOH 737 ? ? O B HOH 763 ? ? 2.10 
15 1 O   B HOH 733 ? ? O B HOH 744 ? ? 2.10 
16 1 O   A HOH 676 ? ? O A HOH 691 ? ? 2.12 
17 1 O   A GLN 530 ? ? O A HOH 659 ? ? 2.13 
18 1 OE1 B GLU 576 ? ? O B HOH 756 ? ? 2.14 
19 1 OE1 A GLN 530 ? ? O A HOH 680 ? ? 2.14 
20 1 O   B HOH 759 ? ? O B HOH 765 ? ? 2.16 
21 1 O   B HOH 759 ? ? O B HOH 766 ? ? 2.16 
22 1 O   A HOH 660 ? ? O A HOH 677 ? ? 2.17 
23 1 O   A HOH 676 ? ? O A HOH 679 ? ? 2.18 
# 
_pdbx_validate_symm_contact.id                1 
_pdbx_validate_symm_contact.PDB_model_num     1 
_pdbx_validate_symm_contact.auth_atom_id_1    O 
_pdbx_validate_symm_contact.auth_asym_id_1    A 
_pdbx_validate_symm_contact.auth_comp_id_1    HOH 
_pdbx_validate_symm_contact.auth_seq_id_1     647 
_pdbx_validate_symm_contact.PDB_ins_code_1    ? 
_pdbx_validate_symm_contact.label_alt_id_1    ? 
_pdbx_validate_symm_contact.site_symmetry_1   1_555 
_pdbx_validate_symm_contact.auth_atom_id_2    O 
_pdbx_validate_symm_contact.auth_asym_id_2    B 
_pdbx_validate_symm_contact.auth_comp_id_2    HOH 
_pdbx_validate_symm_contact.auth_seq_id_2     723 
_pdbx_validate_symm_contact.PDB_ins_code_2    ? 
_pdbx_validate_symm_contact.label_alt_id_2    ? 
_pdbx_validate_symm_contact.site_symmetry_2   5_564 
_pdbx_validate_symm_contact.dist              1.90 
# 
loop_
_pdbx_struct_special_symmetry.id 
_pdbx_struct_special_symmetry.PDB_model_num 
_pdbx_struct_special_symmetry.auth_asym_id 
_pdbx_struct_special_symmetry.auth_comp_id 
_pdbx_struct_special_symmetry.auth_seq_id 
_pdbx_struct_special_symmetry.PDB_ins_code 
_pdbx_struct_special_symmetry.label_asym_id 
_pdbx_struct_special_symmetry.label_comp_id 
_pdbx_struct_special_symmetry.label_seq_id 
1 1 A HOH 604 ? C HOH . 
2 1 A HOH 608 ? C HOH . 
3 1 A HOH 624 ? C HOH . 
4 1 A HOH 644 ? C HOH . 
5 1 A HOH 654 ? C HOH . 
# 
_pdbx_entry_details.entry_id                 3WMI 
_pdbx_entry_details.nonpolymer_details       ? 
_pdbx_entry_details.sequence_details         
;THE SEQUENCE OF THIS PROTEIN WAS NOT AVAILABLE AT THE UNIPROT KNOWLEDGEBASE DATABASE (UNIPROTKB) AT THE TIME OF DEPOSITION. THE MUTATION OF THE GP45 IN POSITION 505, IN WILD TYPE IS 505VAL AND IN VACCINE IS 505THR.
;
_pdbx_entry_details.compound_details         ? 
_pdbx_entry_details.source_details           ? 
_pdbx_entry_details.has_ligand_of_interest   ? 
# 
loop_
_chem_comp_atom.comp_id 
_chem_comp_atom.atom_id 
_chem_comp_atom.type_symbol 
_chem_comp_atom.pdbx_aromatic_flag 
_chem_comp_atom.pdbx_stereo_config 
_chem_comp_atom.pdbx_ordinal 
ALA N    N N N 1   
ALA CA   C N S 2   
ALA C    C N N 3   
ALA O    O N N 4   
ALA CB   C N N 5   
ALA OXT  O N N 6   
ALA H    H N N 7   
ALA H2   H N N 8   
ALA HA   H N N 9   
ALA HB1  H N N 10  
ALA HB2  H N N 11  
ALA HB3  H N N 12  
ALA HXT  H N N 13  
ARG N    N N N 14  
ARG CA   C N S 15  
ARG C    C N N 16  
ARG O    O N N 17  
ARG CB   C N N 18  
ARG CG   C N N 19  
ARG CD   C N N 20  
ARG NE   N N N 21  
ARG CZ   C N N 22  
ARG NH1  N N N 23  
ARG NH2  N N N 24  
ARG OXT  O N N 25  
ARG H    H N N 26  
ARG H2   H N N 27  
ARG HA   H N N 28  
ARG HB2  H N N 29  
ARG HB3  H N N 30  
ARG HG2  H N N 31  
ARG HG3  H N N 32  
ARG HD2  H N N 33  
ARG HD3  H N N 34  
ARG HE   H N N 35  
ARG HH11 H N N 36  
ARG HH12 H N N 37  
ARG HH21 H N N 38  
ARG HH22 H N N 39  
ARG HXT  H N N 40  
ASN N    N N N 41  
ASN CA   C N S 42  
ASN C    C N N 43  
ASN O    O N N 44  
ASN CB   C N N 45  
ASN CG   C N N 46  
ASN OD1  O N N 47  
ASN ND2  N N N 48  
ASN OXT  O N N 49  
ASN H    H N N 50  
ASN H2   H N N 51  
ASN HA   H N N 52  
ASN HB2  H N N 53  
ASN HB3  H N N 54  
ASN HD21 H N N 55  
ASN HD22 H N N 56  
ASN HXT  H N N 57  
ASP N    N N N 58  
ASP CA   C N S 59  
ASP C    C N N 60  
ASP O    O N N 61  
ASP CB   C N N 62  
ASP CG   C N N 63  
ASP OD1  O N N 64  
ASP OD2  O N N 65  
ASP OXT  O N N 66  
ASP H    H N N 67  
ASP H2   H N N 68  
ASP HA   H N N 69  
ASP HB2  H N N 70  
ASP HB3  H N N 71  
ASP HD2  H N N 72  
ASP HXT  H N N 73  
GLN N    N N N 74  
GLN CA   C N S 75  
GLN C    C N N 76  
GLN O    O N N 77  
GLN CB   C N N 78  
GLN CG   C N N 79  
GLN CD   C N N 80  
GLN OE1  O N N 81  
GLN NE2  N N N 82  
GLN OXT  O N N 83  
GLN H    H N N 84  
GLN H2   H N N 85  
GLN HA   H N N 86  
GLN HB2  H N N 87  
GLN HB3  H N N 88  
GLN HG2  H N N 89  
GLN HG3  H N N 90  
GLN HE21 H N N 91  
GLN HE22 H N N 92  
GLN HXT  H N N 93  
GLU N    N N N 94  
GLU CA   C N S 95  
GLU C    C N N 96  
GLU O    O N N 97  
GLU CB   C N N 98  
GLU CG   C N N 99  
GLU CD   C N N 100 
GLU OE1  O N N 101 
GLU OE2  O N N 102 
GLU OXT  O N N 103 
GLU H    H N N 104 
GLU H2   H N N 105 
GLU HA   H N N 106 
GLU HB2  H N N 107 
GLU HB3  H N N 108 
GLU HG2  H N N 109 
GLU HG3  H N N 110 
GLU HE2  H N N 111 
GLU HXT  H N N 112 
GLY N    N N N 113 
GLY CA   C N N 114 
GLY C    C N N 115 
GLY O    O N N 116 
GLY OXT  O N N 117 
GLY H    H N N 118 
GLY H2   H N N 119 
GLY HA2  H N N 120 
GLY HA3  H N N 121 
GLY HXT  H N N 122 
HIS N    N N N 123 
HIS CA   C N S 124 
HIS C    C N N 125 
HIS O    O N N 126 
HIS CB   C N N 127 
HIS CG   C Y N 128 
HIS ND1  N Y N 129 
HIS CD2  C Y N 130 
HIS CE1  C Y N 131 
HIS NE2  N Y N 132 
HIS OXT  O N N 133 
HIS H    H N N 134 
HIS H2   H N N 135 
HIS HA   H N N 136 
HIS HB2  H N N 137 
HIS HB3  H N N 138 
HIS HD1  H N N 139 
HIS HD2  H N N 140 
HIS HE1  H N N 141 
HIS HE2  H N N 142 
HIS HXT  H N N 143 
HOH O    O N N 144 
HOH H1   H N N 145 
HOH H2   H N N 146 
ILE N    N N N 147 
ILE CA   C N S 148 
ILE C    C N N 149 
ILE O    O N N 150 
ILE CB   C N S 151 
ILE CG1  C N N 152 
ILE CG2  C N N 153 
ILE CD1  C N N 154 
ILE OXT  O N N 155 
ILE H    H N N 156 
ILE H2   H N N 157 
ILE HA   H N N 158 
ILE HB   H N N 159 
ILE HG12 H N N 160 
ILE HG13 H N N 161 
ILE HG21 H N N 162 
ILE HG22 H N N 163 
ILE HG23 H N N 164 
ILE HD11 H N N 165 
ILE HD12 H N N 166 
ILE HD13 H N N 167 
ILE HXT  H N N 168 
LEU N    N N N 169 
LEU CA   C N S 170 
LEU C    C N N 171 
LEU O    O N N 172 
LEU CB   C N N 173 
LEU CG   C N N 174 
LEU CD1  C N N 175 
LEU CD2  C N N 176 
LEU OXT  O N N 177 
LEU H    H N N 178 
LEU H2   H N N 179 
LEU HA   H N N 180 
LEU HB2  H N N 181 
LEU HB3  H N N 182 
LEU HG   H N N 183 
LEU HD11 H N N 184 
LEU HD12 H N N 185 
LEU HD13 H N N 186 
LEU HD21 H N N 187 
LEU HD22 H N N 188 
LEU HD23 H N N 189 
LEU HXT  H N N 190 
LYS N    N N N 191 
LYS CA   C N S 192 
LYS C    C N N 193 
LYS O    O N N 194 
LYS CB   C N N 195 
LYS CG   C N N 196 
LYS CD   C N N 197 
LYS CE   C N N 198 
LYS NZ   N N N 199 
LYS OXT  O N N 200 
LYS H    H N N 201 
LYS H2   H N N 202 
LYS HA   H N N 203 
LYS HB2  H N N 204 
LYS HB3  H N N 205 
LYS HG2  H N N 206 
LYS HG3  H N N 207 
LYS HD2  H N N 208 
LYS HD3  H N N 209 
LYS HE2  H N N 210 
LYS HE3  H N N 211 
LYS HZ1  H N N 212 
LYS HZ2  H N N 213 
LYS HZ3  H N N 214 
LYS HXT  H N N 215 
MET N    N N N 216 
MET CA   C N S 217 
MET C    C N N 218 
MET O    O N N 219 
MET CB   C N N 220 
MET CG   C N N 221 
MET SD   S N N 222 
MET CE   C N N 223 
MET OXT  O N N 224 
MET H    H N N 225 
MET H2   H N N 226 
MET HA   H N N 227 
MET HB2  H N N 228 
MET HB3  H N N 229 
MET HG2  H N N 230 
MET HG3  H N N 231 
MET HE1  H N N 232 
MET HE2  H N N 233 
MET HE3  H N N 234 
MET HXT  H N N 235 
PHE N    N N N 236 
PHE CA   C N S 237 
PHE C    C N N 238 
PHE O    O N N 239 
PHE CB   C N N 240 
PHE CG   C Y N 241 
PHE CD1  C Y N 242 
PHE CD2  C Y N 243 
PHE CE1  C Y N 244 
PHE CE2  C Y N 245 
PHE CZ   C Y N 246 
PHE OXT  O N N 247 
PHE H    H N N 248 
PHE H2   H N N 249 
PHE HA   H N N 250 
PHE HB2  H N N 251 
PHE HB3  H N N 252 
PHE HD1  H N N 253 
PHE HD2  H N N 254 
PHE HE1  H N N 255 
PHE HE2  H N N 256 
PHE HZ   H N N 257 
PHE HXT  H N N 258 
SER N    N N N 259 
SER CA   C N S 260 
SER C    C N N 261 
SER O    O N N 262 
SER CB   C N N 263 
SER OG   O N N 264 
SER OXT  O N N 265 
SER H    H N N 266 
SER H2   H N N 267 
SER HA   H N N 268 
SER HB2  H N N 269 
SER HB3  H N N 270 
SER HG   H N N 271 
SER HXT  H N N 272 
THR N    N N N 273 
THR CA   C N S 274 
THR C    C N N 275 
THR O    O N N 276 
THR CB   C N R 277 
THR OG1  O N N 278 
THR CG2  C N N 279 
THR OXT  O N N 280 
THR H    H N N 281 
THR H2   H N N 282 
THR HA   H N N 283 
THR HB   H N N 284 
THR HG1  H N N 285 
THR HG21 H N N 286 
THR HG22 H N N 287 
THR HG23 H N N 288 
THR HXT  H N N 289 
TRP N    N N N 290 
TRP CA   C N S 291 
TRP C    C N N 292 
TRP O    O N N 293 
TRP CB   C N N 294 
TRP CG   C Y N 295 
TRP CD1  C Y N 296 
TRP CD2  C Y N 297 
TRP NE1  N Y N 298 
TRP CE2  C Y N 299 
TRP CE3  C Y N 300 
TRP CZ2  C Y N 301 
TRP CZ3  C Y N 302 
TRP CH2  C Y N 303 
TRP OXT  O N N 304 
TRP H    H N N 305 
TRP H2   H N N 306 
TRP HA   H N N 307 
TRP HB2  H N N 308 
TRP HB3  H N N 309 
TRP HD1  H N N 310 
TRP HE1  H N N 311 
TRP HE3  H N N 312 
TRP HZ2  H N N 313 
TRP HZ3  H N N 314 
TRP HH2  H N N 315 
TRP HXT  H N N 316 
TYR N    N N N 317 
TYR CA   C N S 318 
TYR C    C N N 319 
TYR O    O N N 320 
TYR CB   C N N 321 
TYR CG   C Y N 322 
TYR CD1  C Y N 323 
TYR CD2  C Y N 324 
TYR CE1  C Y N 325 
TYR CE2  C Y N 326 
TYR CZ   C Y N 327 
TYR OH   O N N 328 
TYR OXT  O N N 329 
TYR H    H N N 330 
TYR H2   H N N 331 
TYR HA   H N N 332 
TYR HB2  H N N 333 
TYR HB3  H N N 334 
TYR HD1  H N N 335 
TYR HD2  H N N 336 
TYR HE1  H N N 337 
TYR HE2  H N N 338 
TYR HH   H N N 339 
TYR HXT  H N N 340 
VAL N    N N N 341 
VAL CA   C N S 342 
VAL C    C N N 343 
VAL O    O N N 344 
VAL CB   C N N 345 
VAL CG1  C N N 346 
VAL CG2  C N N 347 
VAL OXT  O N N 348 
VAL H    H N N 349 
VAL H2   H N N 350 
VAL HA   H N N 351 
VAL HB   H N N 352 
VAL HG11 H N N 353 
VAL HG12 H N N 354 
VAL HG13 H N N 355 
VAL HG21 H N N 356 
VAL HG22 H N N 357 
VAL HG23 H N N 358 
VAL HXT  H N N 359 
# 
loop_
_chem_comp_bond.comp_id 
_chem_comp_bond.atom_id_1 
_chem_comp_bond.atom_id_2 
_chem_comp_bond.value_order 
_chem_comp_bond.pdbx_aromatic_flag 
_chem_comp_bond.pdbx_stereo_config 
_chem_comp_bond.pdbx_ordinal 
ALA N   CA   sing N N 1   
ALA N   H    sing N N 2   
ALA N   H2   sing N N 3   
ALA CA  C    sing N N 4   
ALA CA  CB   sing N N 5   
ALA CA  HA   sing N N 6   
ALA C   O    doub N N 7   
ALA C   OXT  sing N N 8   
ALA CB  HB1  sing N N 9   
ALA CB  HB2  sing N N 10  
ALA CB  HB3  sing N N 11  
ALA OXT HXT  sing N N 12  
ARG N   CA   sing N N 13  
ARG N   H    sing N N 14  
ARG N   H2   sing N N 15  
ARG CA  C    sing N N 16  
ARG CA  CB   sing N N 17  
ARG CA  HA   sing N N 18  
ARG C   O    doub N N 19  
ARG C   OXT  sing N N 20  
ARG CB  CG   sing N N 21  
ARG CB  HB2  sing N N 22  
ARG CB  HB3  sing N N 23  
ARG CG  CD   sing N N 24  
ARG CG  HG2  sing N N 25  
ARG CG  HG3  sing N N 26  
ARG CD  NE   sing N N 27  
ARG CD  HD2  sing N N 28  
ARG CD  HD3  sing N N 29  
ARG NE  CZ   sing N N 30  
ARG NE  HE   sing N N 31  
ARG CZ  NH1  sing N N 32  
ARG CZ  NH2  doub N N 33  
ARG NH1 HH11 sing N N 34  
ARG NH1 HH12 sing N N 35  
ARG NH2 HH21 sing N N 36  
ARG NH2 HH22 sing N N 37  
ARG OXT HXT  sing N N 38  
ASN N   CA   sing N N 39  
ASN N   H    sing N N 40  
ASN N   H2   sing N N 41  
ASN CA  C    sing N N 42  
ASN CA  CB   sing N N 43  
ASN CA  HA   sing N N 44  
ASN C   O    doub N N 45  
ASN C   OXT  sing N N 46  
ASN CB  CG   sing N N 47  
ASN CB  HB2  sing N N 48  
ASN CB  HB3  sing N N 49  
ASN CG  OD1  doub N N 50  
ASN CG  ND2  sing N N 51  
ASN ND2 HD21 sing N N 52  
ASN ND2 HD22 sing N N 53  
ASN OXT HXT  sing N N 54  
ASP N   CA   sing N N 55  
ASP N   H    sing N N 56  
ASP N   H2   sing N N 57  
ASP CA  C    sing N N 58  
ASP CA  CB   sing N N 59  
ASP CA  HA   sing N N 60  
ASP C   O    doub N N 61  
ASP C   OXT  sing N N 62  
ASP CB  CG   sing N N 63  
ASP CB  HB2  sing N N 64  
ASP CB  HB3  sing N N 65  
ASP CG  OD1  doub N N 66  
ASP CG  OD2  sing N N 67  
ASP OD2 HD2  sing N N 68  
ASP OXT HXT  sing N N 69  
GLN N   CA   sing N N 70  
GLN N   H    sing N N 71  
GLN N   H2   sing N N 72  
GLN CA  C    sing N N 73  
GLN CA  CB   sing N N 74  
GLN CA  HA   sing N N 75  
GLN C   O    doub N N 76  
GLN C   OXT  sing N N 77  
GLN CB  CG   sing N N 78  
GLN CB  HB2  sing N N 79  
GLN CB  HB3  sing N N 80  
GLN CG  CD   sing N N 81  
GLN CG  HG2  sing N N 82  
GLN CG  HG3  sing N N 83  
GLN CD  OE1  doub N N 84  
GLN CD  NE2  sing N N 85  
GLN NE2 HE21 sing N N 86  
GLN NE2 HE22 sing N N 87  
GLN OXT HXT  sing N N 88  
GLU N   CA   sing N N 89  
GLU N   H    sing N N 90  
GLU N   H2   sing N N 91  
GLU CA  C    sing N N 92  
GLU CA  CB   sing N N 93  
GLU CA  HA   sing N N 94  
GLU C   O    doub N N 95  
GLU C   OXT  sing N N 96  
GLU CB  CG   sing N N 97  
GLU CB  HB2  sing N N 98  
GLU CB  HB3  sing N N 99  
GLU CG  CD   sing N N 100 
GLU CG  HG2  sing N N 101 
GLU CG  HG3  sing N N 102 
GLU CD  OE1  doub N N 103 
GLU CD  OE2  sing N N 104 
GLU OE2 HE2  sing N N 105 
GLU OXT HXT  sing N N 106 
GLY N   CA   sing N N 107 
GLY N   H    sing N N 108 
GLY N   H2   sing N N 109 
GLY CA  C    sing N N 110 
GLY CA  HA2  sing N N 111 
GLY CA  HA3  sing N N 112 
GLY C   O    doub N N 113 
GLY C   OXT  sing N N 114 
GLY OXT HXT  sing N N 115 
HIS N   CA   sing N N 116 
HIS N   H    sing N N 117 
HIS N   H2   sing N N 118 
HIS CA  C    sing N N 119 
HIS CA  CB   sing N N 120 
HIS CA  HA   sing N N 121 
HIS C   O    doub N N 122 
HIS C   OXT  sing N N 123 
HIS CB  CG   sing N N 124 
HIS CB  HB2  sing N N 125 
HIS CB  HB3  sing N N 126 
HIS CG  ND1  sing Y N 127 
HIS CG  CD2  doub Y N 128 
HIS ND1 CE1  doub Y N 129 
HIS ND1 HD1  sing N N 130 
HIS CD2 NE2  sing Y N 131 
HIS CD2 HD2  sing N N 132 
HIS CE1 NE2  sing Y N 133 
HIS CE1 HE1  sing N N 134 
HIS NE2 HE2  sing N N 135 
HIS OXT HXT  sing N N 136 
HOH O   H1   sing N N 137 
HOH O   H2   sing N N 138 
ILE N   CA   sing N N 139 
ILE N   H    sing N N 140 
ILE N   H2   sing N N 141 
ILE CA  C    sing N N 142 
ILE CA  CB   sing N N 143 
ILE CA  HA   sing N N 144 
ILE C   O    doub N N 145 
ILE C   OXT  sing N N 146 
ILE CB  CG1  sing N N 147 
ILE CB  CG2  sing N N 148 
ILE CB  HB   sing N N 149 
ILE CG1 CD1  sing N N 150 
ILE CG1 HG12 sing N N 151 
ILE CG1 HG13 sing N N 152 
ILE CG2 HG21 sing N N 153 
ILE CG2 HG22 sing N N 154 
ILE CG2 HG23 sing N N 155 
ILE CD1 HD11 sing N N 156 
ILE CD1 HD12 sing N N 157 
ILE CD1 HD13 sing N N 158 
ILE OXT HXT  sing N N 159 
LEU N   CA   sing N N 160 
LEU N   H    sing N N 161 
LEU N   H2   sing N N 162 
LEU CA  C    sing N N 163 
LEU CA  CB   sing N N 164 
LEU CA  HA   sing N N 165 
LEU C   O    doub N N 166 
LEU C   OXT  sing N N 167 
LEU CB  CG   sing N N 168 
LEU CB  HB2  sing N N 169 
LEU CB  HB3  sing N N 170 
LEU CG  CD1  sing N N 171 
LEU CG  CD2  sing N N 172 
LEU CG  HG   sing N N 173 
LEU CD1 HD11 sing N N 174 
LEU CD1 HD12 sing N N 175 
LEU CD1 HD13 sing N N 176 
LEU CD2 HD21 sing N N 177 
LEU CD2 HD22 sing N N 178 
LEU CD2 HD23 sing N N 179 
LEU OXT HXT  sing N N 180 
LYS N   CA   sing N N 181 
LYS N   H    sing N N 182 
LYS N   H2   sing N N 183 
LYS CA  C    sing N N 184 
LYS CA  CB   sing N N 185 
LYS CA  HA   sing N N 186 
LYS C   O    doub N N 187 
LYS C   OXT  sing N N 188 
LYS CB  CG   sing N N 189 
LYS CB  HB2  sing N N 190 
LYS CB  HB3  sing N N 191 
LYS CG  CD   sing N N 192 
LYS CG  HG2  sing N N 193 
LYS CG  HG3  sing N N 194 
LYS CD  CE   sing N N 195 
LYS CD  HD2  sing N N 196 
LYS CD  HD3  sing N N 197 
LYS CE  NZ   sing N N 198 
LYS CE  HE2  sing N N 199 
LYS CE  HE3  sing N N 200 
LYS NZ  HZ1  sing N N 201 
LYS NZ  HZ2  sing N N 202 
LYS NZ  HZ3  sing N N 203 
LYS OXT HXT  sing N N 204 
MET N   CA   sing N N 205 
MET N   H    sing N N 206 
MET N   H2   sing N N 207 
MET CA  C    sing N N 208 
MET CA  CB   sing N N 209 
MET CA  HA   sing N N 210 
MET C   O    doub N N 211 
MET C   OXT  sing N N 212 
MET CB  CG   sing N N 213 
MET CB  HB2  sing N N 214 
MET CB  HB3  sing N N 215 
MET CG  SD   sing N N 216 
MET CG  HG2  sing N N 217 
MET CG  HG3  sing N N 218 
MET SD  CE   sing N N 219 
MET CE  HE1  sing N N 220 
MET CE  HE2  sing N N 221 
MET CE  HE3  sing N N 222 
MET OXT HXT  sing N N 223 
PHE N   CA   sing N N 224 
PHE N   H    sing N N 225 
PHE N   H2   sing N N 226 
PHE CA  C    sing N N 227 
PHE CA  CB   sing N N 228 
PHE CA  HA   sing N N 229 
PHE C   O    doub N N 230 
PHE C   OXT  sing N N 231 
PHE CB  CG   sing N N 232 
PHE CB  HB2  sing N N 233 
PHE CB  HB3  sing N N 234 
PHE CG  CD1  doub Y N 235 
PHE CG  CD2  sing Y N 236 
PHE CD1 CE1  sing Y N 237 
PHE CD1 HD1  sing N N 238 
PHE CD2 CE2  doub Y N 239 
PHE CD2 HD2  sing N N 240 
PHE CE1 CZ   doub Y N 241 
PHE CE1 HE1  sing N N 242 
PHE CE2 CZ   sing Y N 243 
PHE CE2 HE2  sing N N 244 
PHE CZ  HZ   sing N N 245 
PHE OXT HXT  sing N N 246 
SER N   CA   sing N N 247 
SER N   H    sing N N 248 
SER N   H2   sing N N 249 
SER CA  C    sing N N 250 
SER CA  CB   sing N N 251 
SER CA  HA   sing N N 252 
SER C   O    doub N N 253 
SER C   OXT  sing N N 254 
SER CB  OG   sing N N 255 
SER CB  HB2  sing N N 256 
SER CB  HB3  sing N N 257 
SER OG  HG   sing N N 258 
SER OXT HXT  sing N N 259 
THR N   CA   sing N N 260 
THR N   H    sing N N 261 
THR N   H2   sing N N 262 
THR CA  C    sing N N 263 
THR CA  CB   sing N N 264 
THR CA  HA   sing N N 265 
THR C   O    doub N N 266 
THR C   OXT  sing N N 267 
THR CB  OG1  sing N N 268 
THR CB  CG2  sing N N 269 
THR CB  HB   sing N N 270 
THR OG1 HG1  sing N N 271 
THR CG2 HG21 sing N N 272 
THR CG2 HG22 sing N N 273 
THR CG2 HG23 sing N N 274 
THR OXT HXT  sing N N 275 
TRP N   CA   sing N N 276 
TRP N   H    sing N N 277 
TRP N   H2   sing N N 278 
TRP CA  C    sing N N 279 
TRP CA  CB   sing N N 280 
TRP CA  HA   sing N N 281 
TRP C   O    doub N N 282 
TRP C   OXT  sing N N 283 
TRP CB  CG   sing N N 284 
TRP CB  HB2  sing N N 285 
TRP CB  HB3  sing N N 286 
TRP CG  CD1  doub Y N 287 
TRP CG  CD2  sing Y N 288 
TRP CD1 NE1  sing Y N 289 
TRP CD1 HD1  sing N N 290 
TRP CD2 CE2  doub Y N 291 
TRP CD2 CE3  sing Y N 292 
TRP NE1 CE2  sing Y N 293 
TRP NE1 HE1  sing N N 294 
TRP CE2 CZ2  sing Y N 295 
TRP CE3 CZ3  doub Y N 296 
TRP CE3 HE3  sing N N 297 
TRP CZ2 CH2  doub Y N 298 
TRP CZ2 HZ2  sing N N 299 
TRP CZ3 CH2  sing Y N 300 
TRP CZ3 HZ3  sing N N 301 
TRP CH2 HH2  sing N N 302 
TRP OXT HXT  sing N N 303 
TYR N   CA   sing N N 304 
TYR N   H    sing N N 305 
TYR N   H2   sing N N 306 
TYR CA  C    sing N N 307 
TYR CA  CB   sing N N 308 
TYR CA  HA   sing N N 309 
TYR C   O    doub N N 310 
TYR C   OXT  sing N N 311 
TYR CB  CG   sing N N 312 
TYR CB  HB2  sing N N 313 
TYR CB  HB3  sing N N 314 
TYR CG  CD1  doub Y N 315 
TYR CG  CD2  sing Y N 316 
TYR CD1 CE1  sing Y N 317 
TYR CD1 HD1  sing N N 318 
TYR CD2 CE2  doub Y N 319 
TYR CD2 HD2  sing N N 320 
TYR CE1 CZ   doub Y N 321 
TYR CE1 HE1  sing N N 322 
TYR CE2 CZ   sing Y N 323 
TYR CE2 HE2  sing N N 324 
TYR CZ  OH   sing N N 325 
TYR OH  HH   sing N N 326 
TYR OXT HXT  sing N N 327 
VAL N   CA   sing N N 328 
VAL N   H    sing N N 329 
VAL N   H2   sing N N 330 
VAL CA  C    sing N N 331 
VAL CA  CB   sing N N 332 
VAL CA  HA   sing N N 333 
VAL C   O    doub N N 334 
VAL C   OXT  sing N N 335 
VAL CB  CG1  sing N N 336 
VAL CB  CG2  sing N N 337 
VAL CB  HB   sing N N 338 
VAL CG1 HG11 sing N N 339 
VAL CG1 HG12 sing N N 340 
VAL CG1 HG13 sing N N 341 
VAL CG2 HG21 sing N N 342 
VAL CG2 HG22 sing N N 343 
VAL CG2 HG23 sing N N 344 
VAL OXT HXT  sing N N 345 
# 
_atom_sites.entry_id                    3WMI 
_atom_sites.fract_transf_matrix[1][1]   -0.01597529 
_atom_sites.fract_transf_matrix[1][2]   0.01789069 
_atom_sites.fract_transf_matrix[1][3]   -0.00519842 
_atom_sites.fract_transf_matrix[2][1]   0.00140586 
_atom_sites.fract_transf_matrix[2][2]   0.01185799 
_atom_sites.fract_transf_matrix[2][3]   -0.02143997 
_atom_sites.fract_transf_matrix[3][1]   -0.00605606 
_atom_sites.fract_transf_matrix[3][2]   -0.00658062 
_atom_sites.fract_transf_matrix[3][3]   -0.00403671 
_atom_sites.fract_transf_vector[1]      0.501988 
_atom_sites.fract_transf_vector[2]      0.700310 
_atom_sites.fract_transf_vector[3]      0.560996 
# 
loop_
_atom_type.symbol 
C 
N 
O 
S 
# 
loop_
_atom_site.group_PDB 
_atom_site.id 
_atom_site.type_symbol 
_atom_site.label_atom_id 
_atom_site.label_alt_id 
_atom_site.label_comp_id 
_atom_site.label_asym_id 
_atom_site.label_entity_id 
_atom_site.label_seq_id 
_atom_site.pdbx_PDB_ins_code 
_atom_site.Cartn_x 
_atom_site.Cartn_y 
_atom_site.Cartn_z 
_atom_site.occupancy 
_atom_site.B_iso_or_equiv 
_atom_site.pdbx_formal_charge 
_atom_site.auth_seq_id 
_atom_site.auth_comp_id 
_atom_site.auth_asym_id 
_atom_site.auth_atom_id 
_atom_site.pdbx_PDB_model_num 
ATOM   1   N N   . SER A 1 1  ? -31.185 -24.529 -13.607 1.00 39.65 ? 474 SER A N   1 
ATOM   2   C CA  . SER A 1 1  ? -29.769 -24.643 -13.273 1.00 27.19 ? 474 SER A CA  1 
ATOM   3   C C   . SER A 1 1  ? -29.396 -23.599 -12.237 1.00 27.55 ? 474 SER A C   1 
ATOM   4   O O   . SER A 1 1  ? -28.311 -23.014 -12.289 1.00 21.74 ? 474 SER A O   1 
ATOM   5   C CB  . SER A 1 1  ? -28.900 -24.472 -14.521 1.00 27.43 ? 474 SER A CB  1 
ATOM   6   O OG  . SER A 1 1  ? -29.177 -23.245 -15.173 1.00 33.96 ? 474 SER A OG  1 
ATOM   7   N N   . THR A 1 2  ? -30.302 -23.375 -11.292 1.00 21.82 ? 475 THR A N   1 
ATOM   8   C CA  . THR A 1 2  ? -30.107 -22.367 -10.259 1.00 20.70 ? 475 THR A CA  1 
ATOM   9   C C   . THR A 1 2  ? -28.831 -22.593 -9.452  1.00 20.22 ? 475 THR A C   1 
ATOM   10  O O   . THR A 1 2  ? -28.047 -21.658 -9.231  1.00 18.05 ? 475 THR A O   1 
ATOM   11  C CB  . THR A 1 2  ? -31.324 -22.320 -9.314  1.00 22.05 ? 475 THR A CB  1 
ATOM   12  O OG1 . THR A 1 2  ? -32.466 -21.877 -10.052 1.00 22.80 ? 475 THR A OG1 1 
ATOM   13  C CG2 . THR A 1 2  ? -31.083 -21.354 -8.182  1.00 18.44 ? 475 THR A CG2 1 
ATOM   14  N N   . GLU A 1 3  ? -28.609 -23.828 -9.018  1.00 19.00 ? 476 GLU A N   1 
ATOM   15  C CA  . GLU A 1 3  ? -27.440 -24.101 -8.190  1.00 23.00 ? 476 GLU A CA  1 
ATOM   16  C C   . GLU A 1 3  ? -26.136 -23.956 -8.954  1.00 22.49 ? 476 GLU A C   1 
ATOM   17  O O   . GLU A 1 3  ? -25.191 -23.330 -8.473  1.00 22.14 ? 476 GLU A O   1 
ATOM   18  C CB  . GLU A 1 3  ? -27.541 -25.468 -7.522  1.00 23.23 ? 476 GLU A CB  1 
ATOM   19  C CG  . GLU A 1 3  ? -28.330 -25.401 -6.233  1.00 27.00 ? 476 GLU A CG  1 
ATOM   20  C CD  . GLU A 1 3  ? -28.445 -26.747 -5.571  1.00 33.53 ? 476 GLU A CD  1 
ATOM   21  O OE1 . GLU A 1 3  ? -27.396 -27.395 -5.339  1.00 44.06 ? 476 GLU A OE1 1 
ATOM   22  O OE2 . GLU A 1 3  ? -29.585 -27.160 -5.306  1.00 28.24 ? 476 GLU A OE2 1 
ATOM   23  N N   . ASN A 1 4  ? -26.086 -24.518 -10.149 1.00 21.15 ? 477 ASN A N   1 
ATOM   24  C CA  . ASN A 1 4  ? -24.886 -24.398 -10.960 1.00 25.15 ? 477 ASN A CA  1 
ATOM   25  C C   . ASN A 1 4  ? -24.579 -22.946 -11.346 1.00 24.65 ? 477 ASN A C   1 
ATOM   26  O O   . ASN A 1 4  ? -23.414 -22.533 -11.332 1.00 23.12 ? 477 ASN A O   1 
ATOM   27  C CB  . ASN A 1 4  ? -24.961 -25.322 -12.179 1.00 31.40 ? 477 ASN A CB  1 
ATOM   28  C CG  . ASN A 1 4  ? -24.826 -26.794 -11.801 1.00 34.82 ? 477 ASN A CG  1 
ATOM   29  O OD1 . ASN A 1 4  ? -24.182 -27.133 -10.806 1.00 37.48 ? 477 ASN A OD1 1 
ATOM   30  N ND2 . ASN A 1 4  ? -25.435 -27.673 -12.594 1.00 38.93 ? 477 ASN A ND2 1 
ATOM   31  N N   . LEU A 1 5  ? -25.618 -22.174 -11.664 1.00 21.31 ? 478 LEU A N   1 
ATOM   32  C CA  . LEU A 1 5  ? -25.459 -20.739 -11.905 1.00 20.90 ? 478 LEU A CA  1 
ATOM   33  C C   . LEU A 1 5  ? -24.909 -20.040 -10.662 1.00 22.62 ? 478 LEU A C   1 
ATOM   34  O O   . LEU A 1 5  ? -24.050 -19.153 -10.755 1.00 18.52 ? 478 LEU A O   1 
ATOM   35  C CB  . LEU A 1 5  ? -26.786 -20.096 -12.300 1.00 23.90 ? 478 LEU A CB  1 
ATOM   36  C CG  . LEU A 1 5  ? -27.229 -20.200 -13.760 1.00 29.25 ? 478 LEU A CG  1 
ATOM   37  C CD1 . LEU A 1 5  ? -28.596 -19.548 -13.937 1.00 33.68 ? 478 LEU A CD1 1 
ATOM   38  C CD2 . LEU A 1 5  ? -26.195 -19.560 -14.672 1.00 31.75 ? 478 LEU A CD2 1 
ATOM   39  N N   . TYR A 1 6  ? -25.405 -20.439 -9.494  1.00 19.10 ? 479 TYR A N   1 
ATOM   40  C CA  . TYR A 1 6  ? -24.939 -19.845 -8.250  1.00 17.30 ? 479 TYR A CA  1 
ATOM   41  C C   . TYR A 1 6  ? -23.469 -20.187 -7.997  1.00 20.17 ? 479 TYR A C   1 
ATOM   42  O O   . TYR A 1 6  ? -22.662 -19.320 -7.640  1.00 17.39 ? 479 TYR A O   1 
ATOM   43  C CB  . TYR A 1 6  ? -25.810 -20.276 -7.065  1.00 17.46 ? 479 TYR A CB  1 
ATOM   44  C CG  . TYR A 1 6  ? -25.250 -19.811 -5.742  1.00 15.47 ? 479 TYR A CG  1 
ATOM   45  C CD1 . TYR A 1 6  ? -25.081 -18.459 -5.478  1.00 20.04 ? 479 TYR A CD1 1 
ATOM   46  C CD2 . TYR A 1 6  ? -24.865 -20.720 -4.773  1.00 19.54 ? 479 TYR A CD2 1 
ATOM   47  C CE1 . TYR A 1 6  ? -24.553 -18.026 -4.274  1.00 18.41 ? 479 TYR A CE1 1 
ATOM   48  C CE2 . TYR A 1 6  ? -24.331 -20.294 -3.563  1.00 19.85 ? 479 TYR A CE2 1 
ATOM   49  C CZ  . TYR A 1 6  ? -24.182 -18.952 -3.321  1.00 16.86 ? 479 TYR A CZ  1 
ATOM   50  O OH  . TYR A 1 6  ? -23.652 -18.534 -2.119  1.00 21.55 ? 479 TYR A OH  1 
ATOM   51  N N   . PHE A 1 7  ? -23.115 -21.447 -8.193  1.00 20.00 ? 480 PHE A N   1 
ATOM   52  C CA  . PHE A 1 7  ? -21.750 -21.876 -7.944  1.00 22.81 ? 480 PHE A CA  1 
ATOM   53  C C   . PHE A 1 7  ? -20.789 -21.253 -8.949  1.00 22.90 ? 480 PHE A C   1 
ATOM   54  O O   . PHE A 1 7  ? -19.651 -20.926 -8.613  1.00 24.72 ? 480 PHE A O   1 
ATOM   55  C CB  . PHE A 1 7  ? -21.681 -23.399 -7.900  1.00 24.09 ? 480 PHE A CB  1 
ATOM   56  C CG  . PHE A 1 7  ? -22.452 -23.984 -6.747  1.00 28.28 ? 480 PHE A CG  1 
ATOM   57  C CD1 . PHE A 1 7  ? -22.433 -23.357 -5.511  1.00 26.36 ? 480 PHE A CD1 1 
ATOM   58  C CD2 . PHE A 1 7  ? -23.224 -25.123 -6.904  1.00 35.45 ? 480 PHE A CD2 1 
ATOM   59  C CE1 . PHE A 1 7  ? -23.152 -23.872 -4.437  1.00 34.05 ? 480 PHE A CE1 1 
ATOM   60  C CE2 . PHE A 1 7  ? -23.951 -25.644 -5.833  1.00 34.23 ? 480 PHE A CE2 1 
ATOM   61  C CZ  . PHE A 1 7  ? -23.915 -25.018 -4.605  1.00 29.59 ? 480 PHE A CZ  1 
ATOM   62  N N   . GLN A 1 8  ? -21.273 -21.033 -10.165 1.00 21.61 ? 481 GLN A N   1 
ATOM   63  C CA  . GLN A 1 8  ? -20.514 -20.274 -11.158 1.00 24.16 ? 481 GLN A CA  1 
ATOM   64  C C   . GLN A 1 8  ? -20.316 -18.813 -10.739 1.00 21.61 ? 481 GLN A C   1 
ATOM   65  O O   . GLN A 1 8  ? -19.233 -18.248 -10.915 1.00 21.57 ? 481 GLN A O   1 
ATOM   66  C CB  . GLN A 1 8  ? -21.220 -20.344 -12.510 1.00 26.89 ? 481 GLN A CB  1 
ATOM   67  C CG  . GLN A 1 8  ? -20.590 -19.511 -13.605 1.00 29.53 ? 481 GLN A CG  1 
ATOM   68  C CD  . GLN A 1 8  ? -21.401 -19.554 -14.892 1.00 40.42 ? 481 GLN A CD  1 
ATOM   69  O OE1 . GLN A 1 8  ? -21.207 -20.436 -15.727 1.00 44.42 ? 481 GLN A OE1 1 
ATOM   70  N NE2 . GLN A 1 8  ? -22.324 -18.607 -15.047 1.00 36.17 ? 481 GLN A NE2 1 
ATOM   71  N N   . SER A 1 9  ? -21.366 -18.204 -10.198 1.00 19.88 ? 482 SER A N   1 
ATOM   72  C CA  . SER A 1 9  ? -21.289 -16.840 -9.690  1.00 19.29 ? 482 SER A CA  1 
ATOM   73  C C   . SER A 1 9  ? -20.260 -16.754 -8.562  1.00 19.76 ? 482 SER A C   1 
ATOM   74  O O   . SER A 1 9  ? -19.484 -15.789 -8.478  1.00 19.06 ? 482 SER A O   1 
ATOM   75  C CB  . SER A 1 9  ? -22.662 -16.370 -9.201  1.00 21.42 ? 482 SER A CB  1 
ATOM   76  O OG  . SER A 1 9  ? -22.585 -15.052 -8.687  1.00 27.62 ? 482 SER A OG  1 
ATOM   77  N N   . ASN A 1 10 ? -20.248 -17.771 -7.704  1.00 18.69 ? 483 ASN A N   1 
ATOM   78  C CA  . ASN A 1 10 ? -19.258 -17.859 -6.638  1.00 18.62 ? 483 ASN A CA  1 
ATOM   79  C C   . ASN A 1 10 ? -17.837 -17.953 -7.183  1.00 19.12 ? 483 ASN A C   1 
ATOM   80  O O   . ASN A 1 10 ? -16.920 -17.294 -6.677  1.00 15.07 ? 483 ASN A O   1 
ATOM   81  C CB  . ASN A 1 10 ? -19.549 -19.051 -5.728  1.00 20.35 ? 483 ASN A CB  1 
ATOM   82  C CG  . ASN A 1 10 ? -20.542 -18.717 -4.634  1.00 18.50 ? 483 ASN A CG  1 
ATOM   83  O OD1 . ASN A 1 10 ? -21.077 -17.617 -4.590  1.00 18.67 ? 483 ASN A OD1 1 
ATOM   84  N ND2 . ASN A 1 10 ? -20.788 -19.672 -3.743  1.00 23.19 ? 483 ASN A ND2 1 
ATOM   85  N N   . ALA A 1 11 ? -17.655 -18.772 -8.212  1.00 16.90 ? 484 ALA A N   1 
ATOM   86  C CA  . ALA A 1 11 ? -16.342 -18.912 -8.843  1.00 21.40 ? 484 ALA A CA  1 
ATOM   87  C C   . ALA A 1 11 ? -15.859 -17.572 -9.405  1.00 18.35 ? 484 ALA A C   1 
ATOM   88  O O   . ALA A 1 11 ? -14.699 -17.190 -9.224  1.00 17.95 ? 484 ALA A O   1 
ATOM   89  C CB  . ALA A 1 11 ? -16.389 -19.970 -9.937  1.00 21.90 ? 484 ALA A CB  1 
ATOM   90  N N   . ASP A 1 12 ? -16.753 -16.862 -10.084 1.00 18.84 ? 485 ASP A N   1 
ATOM   91  C CA  . ASP A 1 12 ? -16.430 -15.546 -10.626 1.00 18.24 ? 485 ASP A CA  1 
ATOM   92  C C   . ASP A 1 12 ? -16.073 -14.552 -9.524  1.00 19.03 ? 485 ASP A C   1 
ATOM   93  O O   . ASP A 1 12 ? -15.118 -13.777 -9.661  1.00 18.25 ? 485 ASP A O   1 
ATOM   94  C CB  . ASP A 1 12 ? -17.581 -14.999 -11.474 1.00 18.98 ? 485 ASP A CB  1 
ATOM   95  C CG  . ASP A 1 12 ? -17.871 -15.857 -12.692 1.00 23.44 ? 485 ASP A CG  1 
ATOM   96  O OD1 . ASP A 1 12 ? -17.026 -16.699 -13.066 1.00 21.78 ? 485 ASP A OD1 1 
ATOM   97  O OD2 . ASP A 1 12 ? -18.956 -15.687 -13.275 1.00 28.17 ? 485 ASP A OD2 1 
ATOM   98  N N   . SER A 1 13 ? -16.840 -14.570 -8.437  1.00 16.22 ? 486 SER A N   1 
ATOM   99  C CA  . SER A 1 13 ? -16.568 -13.685 -7.300  1.00 18.39 ? 486 SER A CA  1 
ATOM   100 C C   . SER A 1 13 ? -15.179 -13.902 -6.697  1.00 17.43 ? 486 SER A C   1 
ATOM   101 O O   . SER A 1 13 ? -14.465 -12.939 -6.408  1.00 17.50 ? 486 SER A O   1 
ATOM   102 C CB  . SER A 1 13 ? -17.628 -13.846 -6.213  1.00 17.73 ? 486 SER A CB  1 
ATOM   103 O OG  . SER A 1 13 ? -17.337 -13.011 -5.102  1.00 20.38 ? 486 SER A OG  1 
ATOM   104 N N   . VAL A 1 14 ? -14.807 -15.162 -6.495  1.00 15.78 ? 487 VAL A N   1 
ATOM   105 C CA  . VAL A 1 14 ? -13.486 -15.499 -5.962  1.00 14.52 ? 487 VAL A CA  1 
ATOM   106 C C   . VAL A 1 14 ? -12.418 -14.979 -6.919  1.00 18.05 ? 487 VAL A C   1 
ATOM   107 O O   . VAL A 1 14 ? -11.431 -14.361 -6.500  1.00 16.44 ? 487 VAL A O   1 
ATOM   108 C CB  . VAL A 1 14 ? -13.333 -17.032 -5.776  1.00 15.02 ? 487 VAL A CB  1 
ATOM   109 C CG1 . VAL A 1 14 ? -11.896 -17.401 -5.445  1.00 16.57 ? 487 VAL A CG1 1 
ATOM   110 C CG2 . VAL A 1 14 ? -14.289 -17.533 -4.690  1.00 14.33 ? 487 VAL A CG2 1 
ATOM   111 N N   . GLN A 1 15 ? -12.630 -15.197 -8.214  1.00 13.87 ? 488 GLN A N   1 
ATOM   112 C CA  . GLN A 1 15 ? -11.659 -14.729 -9.208  1.00 16.77 ? 488 GLN A CA  1 
ATOM   113 C C   . GLN A 1 15 ? -11.510 -13.202 -9.161  1.00 16.93 ? 488 GLN A C   1 
ATOM   114 O O   . GLN A 1 15 ? -10.391 -12.671 -9.137  1.00 15.09 ? 488 GLN A O   1 
ATOM   115 C CB  . GLN A 1 15 ? -12.046 -15.201 -10.609 1.00 15.69 ? 488 GLN A CB  1 
ATOM   116 C CG  . GLN A 1 15 ? -11.015 -14.865 -11.681 1.00 15.55 ? 488 GLN A CG  1 
ATOM   117 C CD  . GLN A 1 15 ? -9.676  -15.530 -11.448 1.00 14.72 ? 488 GLN A CD  1 
ATOM   118 O OE1 . GLN A 1 15 ? -8.704  -14.877 -11.048 1.00 20.11 ? 488 GLN A OE1 1 
ATOM   119 N NE2 . GLN A 1 15 ? -9.608  -16.829 -11.710 1.00 14.45 ? 488 GLN A NE2 1 
ATOM   120 N N   . ASN A 1 16 ? -12.631 -12.493 -9.119  1.00 15.09 ? 489 ASN A N   1 
ATOM   121 C CA  . ASN A 1 16 ? -12.583 -11.041 -9.124  1.00 16.51 ? 489 ASN A CA  1 
ATOM   122 C C   . ASN A 1 16 ? -11.996 -10.467 -7.840  1.00 16.31 ? 489 ASN A C   1 
ATOM   123 O O   . ASN A 1 16 ? -11.261 -9.486  -7.864  1.00 15.43 ? 489 ASN A O   1 
ATOM   124 C CB  . ASN A 1 16 ? -13.966 -10.461 -9.414  1.00 18.00 ? 489 ASN A CB  1 
ATOM   125 C CG  . ASN A 1 16 ? -14.317 -10.545 -10.879 1.00 21.31 ? 489 ASN A CG  1 
ATOM   126 O OD1 . ASN A 1 16 ? -13.456 -10.369 -11.738 1.00 24.77 ? 489 ASN A OD1 1 
ATOM   127 N ND2 . ASN A 1 16 ? -15.576 -10.829 -11.177 1.00 21.67 ? 489 ASN A ND2 1 
ATOM   128 N N   . HIS A 1 17 ? -12.308 -11.084 -6.712  1.00 18.12 ? 490 HIS A N   1 
ATOM   129 C CA  . HIS A 1 17 ? -11.695 -10.649 -5.466  1.00 16.81 ? 490 HIS A CA  1 
ATOM   130 C C   . HIS A 1 17 ? -10.187 -10.897 -5.466  1.00 15.55 ? 490 HIS A C   1 
ATOM   131 O O   . HIS A 1 17 ? -9.425  -10.124 -4.891  1.00 16.12 ? 490 HIS A O   1 
ATOM   132 C CB  . HIS A 1 17 ? -12.403 -11.266 -4.265  1.00 13.26 ? 490 HIS A CB  1 
ATOM   133 C CG  . HIS A 1 17 ? -13.714 -10.609 -3.961  1.00 17.43 ? 490 HIS A CG  1 
ATOM   134 N ND1 . HIS A 1 17 ? -14.899 -11.009 -4.536  1.00 21.29 ? 490 HIS A ND1 1 
ATOM   135 C CD2 . HIS A 1 17 ? -14.016 -9.539  -3.185  1.00 20.43 ? 490 HIS A CD2 1 
ATOM   136 C CE1 . HIS A 1 17 ? -15.883 -10.240 -4.100  1.00 25.09 ? 490 HIS A CE1 1 
ATOM   137 N NE2 . HIS A 1 17 ? -15.371 -9.338  -3.282  1.00 25.92 ? 490 HIS A NE2 1 
ATOM   138 N N   . THR A 1 18 ? -9.753  -11.945 -6.150  1.00 12.40 ? 491 THR A N   1 
ATOM   139 C CA  . THR A 1 18 ? -8.321  -12.188 -6.318  1.00 13.16 ? 491 THR A CA  1 
ATOM   140 C C   . THR A 1 18 ? -7.640  -11.067 -7.112  1.00 14.90 ? 491 THR A C   1 
ATOM   141 O O   . THR A 1 18 ? -6.547  -10.596 -6.744  1.00 12.69 ? 491 THR A O   1 
ATOM   142 C CB  . THR A 1 18 ? -8.065  -13.546 -6.982  1.00 15.22 ? 491 THR A CB  1 
ATOM   143 O OG1 . THR A 1 18 ? -8.464  -14.587 -6.085  1.00 15.73 ? 491 THR A OG1 1 
ATOM   144 C CG2 . THR A 1 18 ? -6.593  -13.716 -7.290  1.00 15.91 ? 491 THR A CG2 1 
ATOM   145 N N   . PHE A 1 19 ? -8.288  -10.634 -8.186  1.00 11.11 ? 492 PHE A N   1 
ATOM   146 C CA  . PHE A 1 19 ? -7.798  -9.504  -8.961  1.00 12.96 ? 492 PHE A CA  1 
ATOM   147 C C   . PHE A 1 19 ? -7.703  -8.266  -8.067  1.00 12.69 ? 492 PHE A C   1 
ATOM   148 O O   . PHE A 1 19 ? -6.750  -7.499  -8.172  1.00 12.57 ? 492 PHE A O   1 
ATOM   149 C CB  . PHE A 1 19 ? -8.730  -9.191  -10.130 1.00 15.99 ? 492 PHE A CB  1 
ATOM   150 C CG  . PHE A 1 19 ? -8.751  -10.247 -11.202 1.00 16.23 ? 492 PHE A CG  1 
ATOM   151 C CD1 . PHE A 1 19 ? -7.628  -11.007 -11.481 1.00 14.67 ? 492 PHE A CD1 1 
ATOM   152 C CD2 . PHE A 1 19 ? -9.908  -10.467 -11.941 1.00 17.48 ? 492 PHE A CD2 1 
ATOM   153 C CE1 . PHE A 1 19 ? -7.662  -11.967 -12.471 1.00 15.87 ? 492 PHE A CE1 1 
ATOM   154 C CE2 . PHE A 1 19 ? -9.943  -11.428 -12.934 1.00 15.76 ? 492 PHE A CE2 1 
ATOM   155 C CZ  . PHE A 1 19 ? -8.827  -12.175 -13.196 1.00 15.65 ? 492 PHE A CZ  1 
ATOM   156 N N   . GLU A 1 20 ? -8.696  -8.068  -7.203  1.00 14.81 ? 493 GLU A N   1 
ATOM   157 C CA  . GLU A 1 20 ? -8.685  -6.918  -6.296  1.00 14.94 ? 493 GLU A CA  1 
ATOM   158 C C   . GLU A 1 20 ? -7.555  -7.001  -5.262  1.00 13.46 ? 493 GLU A C   1 
ATOM   159 O O   . GLU A 1 20 ? -6.878  -6.008  -5.014  1.00 13.90 ? 493 GLU A O   1 
ATOM   160 C CB  . GLU A 1 20 ? -10.051 -6.702  -5.620  1.00 17.96 ? 493 GLU A CB  1 
ATOM   161 C CG  . GLU A 1 20 ? -11.160 -6.344  -6.610  1.00 20.74 ? 493 GLU A CG  1 
ATOM   162 C CD  . GLU A 1 20 ? -12.483 -5.960  -5.955  1.00 29.52 ? 493 GLU A CD  1 
ATOM   163 O OE1 . GLU A 1 20 ? -13.090 -6.798  -5.253  1.00 28.09 ? 493 GLU A OE1 1 
ATOM   164 O OE2 . GLU A 1 20 ? -12.927 -4.810  -6.165  1.00 34.87 ? 493 GLU A OE2 1 
ATOM   165 N N   . VAL A 1 21 ? -7.352  -8.175  -4.668  1.00 12.51 ? 494 VAL A N   1 
ATOM   166 C CA  . VAL A 1 21 ? -6.233  -8.367  -3.726  1.00 12.06 ? 494 VAL A CA  1 
ATOM   167 C C   . VAL A 1 21 ? -4.907  -8.044  -4.410  1.00 13.95 ? 494 VAL A C   1 
ATOM   168 O O   . VAL A 1 21 ? -4.028  -7.383  -3.838  1.00 12.41 ? 494 VAL A O   1 
ATOM   169 C CB  . VAL A 1 21 ? -6.156  -9.809  -3.193  1.00 11.58 ? 494 VAL A CB  1 
ATOM   170 C CG1 . VAL A 1 21 ? -4.861  -10.018 -2.408  1.00 11.30 ? 494 VAL A CG1 1 
ATOM   171 C CG2 . VAL A 1 21 ? -7.354  -10.130 -2.315  1.00 11.89 ? 494 VAL A CG2 1 
ATOM   172 N N   . GLU A 1 22 ? -4.765  -8.508  -5.646  1.00 11.45 ? 495 GLU A N   1 
ATOM   173 C CA  . GLU A 1 22 ? -3.556  -8.243  -6.410  1.00 11.14 ? 495 GLU A CA  1 
ATOM   174 C C   . GLU A 1 22 ? -3.343  -6.752  -6.679  1.00 14.39 ? 495 GLU A C   1 
ATOM   175 O O   . GLU A 1 22 ? -2.238  -6.230  -6.481  1.00 13.73 ? 495 GLU A O   1 
ATOM   176 C CB  . GLU A 1 22 ? -3.573  -9.058  -7.703  1.00 12.41 ? 495 GLU A CB  1 
ATOM   177 C CG  . GLU A 1 22 ? -3.353  -10.532 -7.418  1.00 13.19 ? 495 GLU A CG  1 
ATOM   178 C CD  . GLU A 1 22 ? -3.393  -11.392 -8.658  1.00 13.93 ? 495 GLU A CD  1 
ATOM   179 O OE1 . GLU A 1 22 ? -3.861  -10.930 -9.711  1.00 14.76 ? 495 GLU A OE1 1 
ATOM   180 O OE2 . GLU A 1 22 ? -2.947  -12.550 -8.559  1.00 17.34 ? 495 GLU A OE2 1 
ATOM   181 N N   . ASN A 1 23 ? -4.401  -6.076  -7.117  1.00 11.65 ? 496 ASN A N   1 
ATOM   182 C CA  . ASN A 1 23 ? -4.374  -4.619  -7.281  1.00 14.73 ? 496 ASN A CA  1 
ATOM   183 C C   . ASN A 1 23 ? -4.052  -3.867  -5.978  1.00 15.57 ? 496 ASN A C   1 
ATOM   184 O O   . ASN A 1 23 ? -3.234  -2.936  -5.986  1.00 13.83 ? 496 ASN A O   1 
ATOM   185 C CB  . ASN A 1 23 ? -5.690  -4.111  -7.884  1.00 16.04 ? 496 ASN A CB  1 
ATOM   186 C CG  . ASN A 1 23 ? -5.710  -2.595  -8.056  1.00 21.06 ? 496 ASN A CG  1 
ATOM   187 O OD1 . ASN A 1 23 ? -4.901  -2.038  -8.791  1.00 20.64 ? 496 ASN A OD1 1 
ATOM   188 N ND2 . ASN A 1 23 ? -6.630  -1.932  -7.377  1.00 20.26 ? 496 ASN A ND2 1 
ATOM   189 N N   . ASN A 1 24 ? -4.676  -4.271  -4.869  1.00 13.57 ? 497 ASN A N   1 
ATOM   190 C CA  . ASN A 1 24 ? -4.393  -3.655  -3.565  1.00 15.17 ? 497 ASN A CA  1 
ATOM   191 C C   . ASN A 1 24 ? -2.919  -3.806  -3.202  1.00 14.70 ? 497 ASN A C   1 
ATOM   192 O O   . ASN A 1 24 ? -2.294  -2.883  -2.690  1.00 14.66 ? 497 ASN A O   1 
ATOM   193 C CB  . ASN A 1 24 ? -5.220  -4.272  -2.422  1.00 15.18 ? 497 ASN A CB  1 
ATOM   194 C CG  . ASN A 1 24 ? -6.733  -4.145  -2.615  1.00 17.42 ? 497 ASN A CG  1 
ATOM   195 O OD1 . ASN A 1 24 ? -7.483  -5.049  -2.239  1.00 16.34 ? 497 ASN A OD1 1 
ATOM   196 N ND2 . ASN A 1 24 ? -7.184  -3.030  -3.178  1.00 13.84 ? 497 ASN A ND2 1 
ATOM   197 N N   . THR A 1 25 ? -2.375  -4.988  -3.451  1.00 14.54 ? 498 THR A N   1 
ATOM   198 C CA  . THR A 1 25 ? -1.019  -5.304  -3.031  1.00 13.67 ? 498 THR A CA  1 
ATOM   199 C C   . THR A 1 25 ? 0.018   -4.567  -3.889  1.00 13.04 ? 498 THR A C   1 
ATOM   200 O O   . THR A 1 25 ? 1.027   -4.070  -3.376  1.00 13.11 ? 498 THR A O   1 
ATOM   201 C CB  . THR A 1 25 ? -0.777  -6.817  -3.064  1.00 16.16 ? 498 THR A CB  1 
ATOM   202 O OG1 . THR A 1 25 ? -1.772  -7.469  -2.263  1.00 18.39 ? 498 THR A OG1 1 
ATOM   203 C CG2 . THR A 1 25 ? 0.570   -7.124  -2.480  1.00 19.66 ? 498 THR A CG2 1 
ATOM   204 N N   . ILE A 1 26 ? -0.238  -4.493  -5.190  1.00 12.18 ? 499 ILE A N   1 
ATOM   205 C CA  . ILE A 1 26 ? 0.613   -3.703  -6.086  1.00 12.26 ? 499 ILE A CA  1 
ATOM   206 C C   . ILE A 1 26 ? 0.539   -2.239  -5.680  1.00 14.73 ? 499 ILE A C   1 
ATOM   207 O O   . ILE A 1 26 ? 1.561   -1.556  -5.606  1.00 12.39 ? 499 ILE A O   1 
ATOM   208 C CB  . ILE A 1 26 ? 0.215   -3.876  -7.564  1.00 13.49 ? 499 ILE A CB  1 
ATOM   209 C CG1 . ILE A 1 26 ? 0.408   -5.330  -8.002  1.00 12.65 ? 499 ILE A CG1 1 
ATOM   210 C CG2 . ILE A 1 26 ? 1.042   -2.960  -8.460  1.00 16.64 ? 499 ILE A CG2 1 
ATOM   211 C CD1 . ILE A 1 26 ? -0.363  -5.662  -9.295  1.00 16.28 ? 499 ILE A CD1 1 
ATOM   212 N N   . ASN A 1 27 ? -0.671  -1.762  -5.395  1.00 14.62 ? 500 ASN A N   1 
ATOM   213 C CA  . ASN A 1 27 ? -0.847  -0.382  -4.953  1.00 14.39 ? 500 ASN A CA  1 
ATOM   214 C C   . ASN A 1 27 ? -0.105  -0.082  -3.640  1.00 15.90 ? 500 ASN A C   1 
ATOM   215 O O   . ASN A 1 27 ? 0.506   0.983   -3.492  1.00 13.55 ? 500 ASN A O   1 
ATOM   216 C CB  . ASN A 1 27 ? -2.331  -0.032  -4.826  1.00 16.35 ? 500 ASN A CB  1 
ATOM   217 C CG  . ASN A 1 27 ? -2.980  0.250   -6.168  1.00 16.91 ? 500 ASN A CG  1 
ATOM   218 O OD1 . ASN A 1 27 ? -2.295  0.425   -7.168  1.00 18.74 ? 500 ASN A OD1 1 
ATOM   219 N ND2 . ASN A 1 27 ? -4.308  0.309   -6.190  1.00 20.46 ? 500 ASN A ND2 1 
ATOM   220 N N   . GLY A 1 28 ? -0.170  -1.016  -2.697  1.00 11.45 ? 501 GLY A N   1 
ATOM   221 C CA  . GLY A 1 28 ? 0.522   -0.874  -1.420  1.00 14.20 ? 501 GLY A CA  1 
ATOM   222 C C   . GLY A 1 28 ? 2.028   -0.809  -1.605  1.00 14.00 ? 501 GLY A C   1 
ATOM   223 O O   . GLY A 1 28 ? 2.709   0.019   -0.988  1.00 12.23 ? 501 GLY A O   1 
ATOM   224 N N   . LEU A 1 29 ? 2.549   -1.676  -2.466  1.00 12.19 ? 502 LEU A N   1 
ATOM   225 C CA  . LEU A 1 29 ? 3.965   -1.647  -2.802  1.00 13.75 ? 502 LEU A CA  1 
ATOM   226 C C   . LEU A 1 29 ? 4.345   -0.293  -3.357  1.00 13.56 ? 502 LEU A C   1 
ATOM   227 O O   . LEU A 1 29 ? 5.371   0.270   -2.974  1.00 13.57 ? 502 LEU A O   1 
ATOM   228 C CB  . LEU A 1 29 ? 4.301   -2.712  -3.839  1.00 15.73 ? 502 LEU A CB  1 
ATOM   229 C CG  . LEU A 1 29 ? 4.862   -4.013  -3.296  1.00 21.37 ? 502 LEU A CG  1 
ATOM   230 C CD1 . LEU A 1 29 ? 5.057   -5.002  -4.445  1.00 20.51 ? 502 LEU A CD1 1 
ATOM   231 C CD2 . LEU A 1 29 ? 6.177   -3.729  -2.583  1.00 18.92 ? 502 LEU A CD2 1 
ATOM   232 N N   . GLU A 1 30 ? 3.526   0.239   -4.261  1.00 13.11 ? 503 GLU A N   1 
ATOM   233 C CA  . GLU A 1 30 ? 3.834   1.545   -4.842  1.00 14.70 ? 503 GLU A CA  1 
ATOM   234 C C   . GLU A 1 30 ? 3.838   2.653   -3.796  1.00 16.72 ? 503 GLU A C   1 
ATOM   235 O O   . GLU A 1 30 ? 4.685   3.548   -3.835  1.00 13.61 ? 503 GLU A O   1 
ATOM   236 C CB  . GLU A 1 30 ? 2.875   1.911   -5.969  1.00 21.20 ? 503 GLU A CB  1 
ATOM   237 C CG  . GLU A 1 30 ? 3.244   3.242   -6.613  1.00 26.03 ? 503 GLU A CG  1 
ATOM   238 C CD  . GLU A 1 30 ? 3.132   3.212   -8.125  1.00 36.52 ? 503 GLU A CD  1 
ATOM   239 O OE1 . GLU A 1 30 ? 2.119   2.690   -8.631  1.00 34.81 ? 503 GLU A OE1 1 
ATOM   240 O OE2 . GLU A 1 30 ? 4.055   3.708   -8.804  1.00 40.31 ? 503 GLU A OE2 1 
ATOM   241 N N   . LEU A 1 31 ? 2.889   2.594   -2.869  1.00 15.10 ? 504 LEU A N   1 
ATOM   242 C CA  . LEU A 1 31 ? 2.826   3.585   -1.797  1.00 14.44 ? 504 LEU A CA  1 
ATOM   243 C C   . LEU A 1 31 ? 4.053   3.493   -0.890  1.00 11.53 ? 504 LEU A C   1 
ATOM   244 O O   . LEU A 1 31 ? 4.604   4.510   -0.506  1.00 10.90 ? 504 LEU A O   1 
ATOM   245 C CB  . LEU A 1 31 ? 1.552   3.426   -0.972  1.00 12.26 ? 504 LEU A CB  1 
ATOM   246 C CG  . LEU A 1 31 ? 0.244   3.744   -1.703  1.00 14.75 ? 504 LEU A CG  1 
ATOM   247 C CD1 . LEU A 1 31 ? -0.918  3.241   -0.879  1.00 18.24 ? 504 LEU A CD1 1 
ATOM   248 C CD2 . LEU A 1 31 ? 0.137   5.232   -1.937  1.00 19.08 ? 504 LEU A CD2 1 
ATOM   249 N N   . VAL A 1 32 ? 4.454   2.278   -0.531  1.00 11.52 ? 505 VAL A N   1 
ATOM   250 C CA  . VAL A 1 32 ? 5.647   2.086   0.290   1.00 10.21 ? 505 VAL A CA  1 
ATOM   251 C C   . VAL A 1 32 ? 6.861   2.652   -0.437  1.00 12.48 ? 505 VAL A C   1 
ATOM   252 O O   . VAL A 1 32 ? 7.699   3.330   0.169   1.00 12.77 ? 505 VAL A O   1 
ATOM   253 C CB  . VAL A 1 32 ? 5.869   0.599   0.642   1.00 12.89 ? 505 VAL A CB  1 
ATOM   254 C CG1 . VAL A 1 32 ? 7.248   0.375   1.206   1.00 15.85 ? 505 VAL A CG1 1 
ATOM   255 C CG2 . VAL A 1 32 ? 4.779   0.103   1.613   1.00 13.73 ? 505 VAL A CG2 1 
ATOM   256 N N   . GLU A 1 33 ? 6.936   2.408   -1.739  1.00 10.51 ? 506 GLU A N   1 
ATOM   257 C CA  . GLU A 1 33 ? 8.026   2.950   -2.553  1.00 14.65 ? 506 GLU A CA  1 
ATOM   258 C C   . GLU A 1 33 ? 8.055   4.481   -2.558  1.00 13.58 ? 506 GLU A C   1 
ATOM   259 O O   . GLU A 1 33 ? 9.130   5.080   -2.593  1.00 13.43 ? 506 GLU A O   1 
ATOM   260 C CB  . GLU A 1 33 ? 7.972   2.409   -3.987  1.00 14.42 ? 506 GLU A CB  1 
ATOM   261 C CG  . GLU A 1 33 ? 9.103   2.909   -4.904  1.00 15.87 ? 506 GLU A CG  1 
ATOM   262 C CD  . GLU A 1 33 ? 10.490  2.401   -4.491  1.00 15.97 ? 506 GLU A CD  1 
ATOM   263 O OE1 . GLU A 1 33 ? 10.602  1.664   -3.487  1.00 11.68 ? 506 GLU A OE1 1 
ATOM   264 O OE2 . GLU A 1 33 ? 11.472  2.735   -5.185  1.00 17.22 ? 506 GLU A OE2 1 
ATOM   265 N N   . GLU A 1 34 ? 6.888   5.116   -2.513  1.00 13.85 ? 507 GLU A N   1 
ATOM   266 C CA  . GLU A 1 34 ? 6.847   6.577   -2.428  1.00 12.84 ? 507 GLU A CA  1 
ATOM   267 C C   . GLU A 1 34 ? 7.399   7.044   -1.083  1.00 14.61 ? 507 GLU A C   1 
ATOM   268 O O   . GLU A 1 34 ? 8.091   8.064   -1.009  1.00 11.92 ? 507 GLU A O   1 
ATOM   269 C CB  . GLU A 1 34 ? 5.429   7.114   -2.646  1.00 15.18 ? 507 GLU A CB  1 
ATOM   270 C CG  . GLU A 1 34 ? 4.885   6.856   -4.051  1.00 19.06 ? 507 GLU A CG  1 
ATOM   271 C CD  . GLU A 1 34 ? 3.497   7.435   -4.265  1.00 33.55 ? 507 GLU A CD  1 
ATOM   272 O OE1 . GLU A 1 34 ? 3.109   8.357   -3.510  1.00 34.11 ? 507 GLU A OE1 1 
ATOM   273 O OE2 . GLU A 1 34 ? 2.787   6.964   -5.187  1.00 34.86 ? 507 GLU A OE2 1 
ATOM   274 N N   . GLN A 1 35 ? 7.087   6.299   -0.027  1.00 13.05 ? 508 GLN A N   1 
ATOM   275 C CA  . GLN A 1 35 ? 7.674   6.566   1.282   1.00 10.67 ? 508 GLN A CA  1 
ATOM   276 C C   . GLN A 1 35 ? 9.196   6.415   1.247   1.00 12.42 ? 508 GLN A C   1 
ATOM   277 O O   . GLN A 1 35 ? 9.901   7.205   1.855   1.00 11.94 ? 508 GLN A O   1 
ATOM   278 C CB  . GLN A 1 35 ? 7.094   5.642   2.342   1.00 13.26 ? 508 GLN A CB  1 
ATOM   279 C CG  . GLN A 1 35 ? 5.632   5.876   2.639   1.00 12.42 ? 508 GLN A CG  1 
ATOM   280 C CD  . GLN A 1 35 ? 5.167   4.966   3.730   1.00 14.58 ? 508 GLN A CD  1 
ATOM   281 O OE1 . GLN A 1 35 ? 5.447   3.783   3.692   1.00 16.42 ? 508 GLN A OE1 1 
ATOM   282 N NE2 . GLN A 1 35 ? 4.493   5.510   4.728   1.00 13.68 ? 508 GLN A NE2 1 
ATOM   283 N N   . VAL A 1 36 ? 9.690   5.396   0.547   1.00 12.38 ? 509 VAL A N   1 
ATOM   284 C CA  . VAL A 1 36 ? 11.134  5.178   0.426   1.00 13.82 ? 509 VAL A CA  1 
ATOM   285 C C   . VAL A 1 36 ? 11.793  6.400   -0.212  1.00 13.84 ? 509 VAL A C   1 
ATOM   286 O O   . VAL A 1 36 ? 12.841  6.876   0.259   1.00 12.02 ? 509 VAL A O   1 
ATOM   287 C CB  . VAL A 1 36 ? 11.461  3.892   -0.400  1.00 13.32 ? 509 VAL A CB  1 
ATOM   288 C CG1 . VAL A 1 36 ? 12.927  3.880   -0.826  1.00 15.20 ? 509 VAL A CG1 1 
ATOM   289 C CG2 . VAL A 1 36 ? 11.114  2.619   0.402   1.00 13.89 ? 509 VAL A CG2 1 
ATOM   290 N N   . HIS A 1 37 ? 11.174  6.915   -1.274  1.00 14.16 ? 510 HIS A N   1 
ATOM   291 C CA  . HIS A 1 37 ? 11.689  8.103   -1.966  1.00 14.93 ? 510 HIS A CA  1 
ATOM   292 C C   . HIS A 1 37 ? 11.807  9.300   -1.014  1.00 16.81 ? 510 HIS A C   1 
ATOM   293 O O   . HIS A 1 37 ? 12.773  10.069  -1.074  1.00 13.93 ? 510 HIS A O   1 
ATOM   294 C CB  . HIS A 1 37 ? 10.779  8.505   -3.137  1.00 16.66 ? 510 HIS A CB  1 
ATOM   295 C CG  . HIS A 1 37 ? 10.698  7.494   -4.240  1.00 15.28 ? 510 HIS A CG  1 
ATOM   296 N ND1 . HIS A 1 37 ? 11.648  6.518   -4.438  1.00 13.36 ? 510 HIS A ND1 1 
ATOM   297 C CD2 . HIS A 1 37 ? 9.770   7.317   -5.213  1.00 18.64 ? 510 HIS A CD2 1 
ATOM   298 C CE1 . HIS A 1 37 ? 11.313  5.784   -5.482  1.00 18.31 ? 510 HIS A CE1 1 
ATOM   299 N NE2 . HIS A 1 37 ? 10.173  6.241   -5.970  1.00 16.54 ? 510 HIS A NE2 1 
ATOM   300 N N   . ILE A 1 38 ? 10.800  9.480   -0.164  1.00 13.47 ? 511 ILE A N   1 
ATOM   301 C CA  . ILE A 1 38 ? 10.796  10.584  0.792   1.00 14.04 ? 511 ILE A CA  1 
ATOM   302 C C   . ILE A 1 38 ? 11.892  10.406  1.837   1.00 14.09 ? 511 ILE A C   1 
ATOM   303 O O   . ILE A 1 38 ? 12.629  11.336  2.117   1.00 13.98 ? 511 ILE A O   1 
ATOM   304 C CB  . ILE A 1 38 ? 9.432   10.737  1.489   1.00 14.74 ? 511 ILE A CB  1 
ATOM   305 C CG1 . ILE A 1 38 ? 8.361   11.114  0.462   1.00 16.16 ? 511 ILE A CG1 1 
ATOM   306 C CG2 . ILE A 1 38 ? 9.507   11.766  2.589   1.00 15.28 ? 511 ILE A CG2 1 
ATOM   307 C CD1 . ILE A 1 38 ? 6.952   10.987  0.996   1.00 19.09 ? 511 ILE A CD1 1 
ATOM   308 N N   . LEU A 1 39 ? 11.999  9.211   2.406   1.00 13.45 ? 512 LEU A N   1 
ATOM   309 C CA  . LEU A 1 39 ? 13.064  8.936   3.378   1.00 13.72 ? 512 LEU A CA  1 
ATOM   310 C C   . LEU A 1 39 ? 14.428  9.186   2.751   1.00 14.29 ? 512 LEU A C   1 
ATOM   311 O O   . LEU A 1 39 ? 15.326  9.755   3.386   1.00 10.88 ? 512 LEU A O   1 
ATOM   312 C CB  . LEU A 1 39 ? 12.985  7.491   3.867   1.00 12.21 ? 512 LEU A CB  1 
ATOM   313 C CG  . LEU A 1 39 ? 11.838  7.221   4.838   1.00 15.40 ? 512 LEU A CG  1 
ATOM   314 C CD1 . LEU A 1 39 ? 11.664  5.723   5.044   1.00 13.37 ? 512 LEU A CD1 1 
ATOM   315 C CD2 . LEU A 1 39 ? 12.136  7.904   6.173   1.00 15.44 ? 512 LEU A CD2 1 
ATOM   316 N N   . TYR A 1 40 ? 14.572  8.757   1.500   1.00 11.79 ? 513 TYR A N   1 
ATOM   317 C CA  . TYR A 1 40 ? 15.838  8.883   0.785   1.00 11.97 ? 513 TYR A CA  1 
ATOM   318 C C   . TYR A 1 40 ? 16.237  10.356  0.664   1.00 14.38 ? 513 TYR A C   1 
ATOM   319 O O   . TYR A 1 40 ? 17.379  10.723  0.952   1.00 14.18 ? 513 TYR A O   1 
ATOM   320 C CB  . TYR A 1 40 ? 15.714  8.203   -0.587  1.00 15.10 ? 513 TYR A CB  1 
ATOM   321 C CG  . TYR A 1 40 ? 16.937  8.267   -1.484  1.00 13.16 ? 513 TYR A CG  1 
ATOM   322 C CD1 . TYR A 1 40 ? 18.198  7.919   -1.020  1.00 13.85 ? 513 TYR A CD1 1 
ATOM   323 C CD2 . TYR A 1 40 ? 16.810  8.616   -2.823  1.00 18.23 ? 513 TYR A CD2 1 
ATOM   324 C CE1 . TYR A 1 40 ? 19.315  7.957   -1.870  1.00 14.01 ? 513 TYR A CE1 1 
ATOM   325 C CE2 . TYR A 1 40 ? 17.904  8.664   -3.663  1.00 18.31 ? 513 TYR A CE2 1 
ATOM   326 C CZ  . TYR A 1 40 ? 19.146  8.327   -3.187  1.00 18.76 ? 513 TYR A CZ  1 
ATOM   327 O OH  . TYR A 1 40 ? 20.214  8.379   -4.050  1.00 20.20 ? 513 TYR A OH  1 
ATOM   328 N N   . ALA A 1 41 ? 15.294  11.199  0.253   1.00 14.17 ? 514 ALA A N   1 
ATOM   329 C CA  . ALA A 1 41 ? 15.548  12.638  0.166   1.00 13.05 ? 514 ALA A CA  1 
ATOM   330 C C   . ALA A 1 41 ? 15.883  13.255  1.523   1.00 12.54 ? 514 ALA A C   1 
ATOM   331 O O   . ALA A 1 41 ? 16.786  14.087  1.613   1.00 15.24 ? 514 ALA A O   1 
ATOM   332 C CB  . ALA A 1 41 ? 14.364  13.358  -0.455  1.00 16.17 ? 514 ALA A CB  1 
ATOM   333 N N   . MET A 1 42 ? 15.152  12.868  2.568   1.00 11.14 ? 515 MET A N   1 
ATOM   334 C CA  . MET A 1 42 ? 15.426  13.374  3.911   1.00 11.85 ? 515 MET A CA  1 
ATOM   335 C C   . MET A 1 42 ? 16.831  12.984  4.327   1.00 14.14 ? 515 MET A C   1 
ATOM   336 O O   . MET A 1 42 ? 17.557  13.784  4.907   1.00 14.16 ? 515 MET A O   1 
ATOM   337 C CB  . MET A 1 42 ? 14.417  12.830  4.931   1.00 14.72 ? 515 MET A CB  1 
ATOM   338 C CG  . MET A 1 42 ? 12.986  13.299  4.687   1.00 16.01 ? 515 MET A CG  1 
ATOM   339 S SD  . MET A 1 42 ? 11.766  12.375  5.634   1.00 17.57 ? 515 MET A SD  1 
ATOM   340 C CE  . MET A 1 42 ? 11.469  13.483  7.003   1.00 20.54 ? 515 MET A CE  1 
ATOM   341 N N   . VAL A 1 43 ? 17.204  11.748  4.018   1.00 12.74 ? 516 VAL A N   1 
ATOM   342 C CA  . VAL A 1 43 ? 18.509  11.200  4.387   1.00 13.58 ? 516 VAL A CA  1 
ATOM   343 C C   . VAL A 1 43 ? 19.647  11.931  3.657   1.00 15.01 ? 516 VAL A C   1 
ATOM   344 O O   . VAL A 1 43 ? 20.674  12.272  4.260   1.00 13.46 ? 516 VAL A O   1 
ATOM   345 C CB  . VAL A 1 43 ? 18.553  9.658   4.134   1.00 11.49 ? 516 VAL A CB  1 
ATOM   346 C CG1 . VAL A 1 43 ? 19.996  9.142   4.050   1.00 14.20 ? 516 VAL A CG1 1 
ATOM   347 C CG2 . VAL A 1 43 ? 17.783  8.925   5.236   1.00 11.06 ? 516 VAL A CG2 1 
ATOM   348 N N   . LEU A 1 44 ? 19.452  12.185  2.365   1.00 14.37 ? 517 LEU A N   1 
ATOM   349 C CA  . LEU A 1 44 ? 20.419  12.942  1.576   1.00 14.64 ? 517 LEU A CA  1 
ATOM   350 C C   . LEU A 1 44 ? 20.567  14.382  2.083   1.00 17.36 ? 517 LEU A C   1 
ATOM   351 O O   . LEU A 1 44 ? 21.681  14.917  2.158   1.00 16.58 ? 517 LEU A O   1 
ATOM   352 C CB  . LEU A 1 44 ? 20.018  12.944  0.095   1.00 15.79 ? 517 LEU A CB  1 
ATOM   353 C CG  . LEU A 1 44 ? 20.171  11.638  -0.689  1.00 13.53 ? 517 LEU A CG  1 
ATOM   354 C CD1 . LEU A 1 44 ? 19.658  11.791  -2.128  1.00 15.52 ? 517 LEU A CD1 1 
ATOM   355 C CD2 . LEU A 1 44 ? 21.601  11.134  -0.708  1.00 14.74 ? 517 LEU A CD2 1 
ATOM   356 N N   . GLN A 1 45 ? 19.449  15.014  2.416   1.00 14.23 ? 518 GLN A N   1 
ATOM   357 C CA  . GLN A 1 45 ? 19.486  16.377  2.948   1.00 14.60 ? 518 GLN A CA  1 
ATOM   358 C C   . GLN A 1 45 ? 20.224  16.448  4.284   1.00 18.94 ? 518 GLN A C   1 
ATOM   359 O O   . GLN A 1 45 ? 21.052  17.332  4.498   1.00 13.40 ? 518 GLN A O   1 
ATOM   360 C CB  . GLN A 1 45 ? 18.070  16.936  3.103   1.00 18.98 ? 518 GLN A CB  1 
ATOM   361 C CG  . GLN A 1 45 ? 18.013  18.325  3.740   1.00 20.33 ? 518 GLN A CG  1 
ATOM   362 C CD  . GLN A 1 45 ? 18.601  19.388  2.846   1.00 25.17 ? 518 GLN A CD  1 
ATOM   363 O OE1 . GLN A 1 45 ? 18.468  19.320  1.629   1.00 25.07 ? 518 GLN A OE1 1 
ATOM   364 N NE2 . GLN A 1 45 ? 19.268  20.376  3.446   1.00 26.35 ? 518 GLN A NE2 1 
ATOM   365 N N   . THR A 1 46 ? 19.921  15.513  5.179   1.00 14.81 ? 519 THR A N   1 
ATOM   366 C CA  . THR A 1 46 ? 20.587  15.459  6.478   1.00 16.57 ? 519 THR A CA  1 
ATOM   367 C C   . THR A 1 46 ? 22.088  15.241  6.313   1.00 16.66 ? 519 THR A C   1 
ATOM   368 O O   . THR A 1 46 ? 22.896  15.857  7.007   1.00 14.60 ? 519 THR A O   1 
ATOM   369 C CB  . THR A 1 46 ? 19.991  14.352  7.367   1.00 15.43 ? 519 THR A CB  1 
ATOM   370 O OG1 . THR A 1 46 ? 18.607  14.633  7.606   1.00 16.83 ? 519 THR A OG1 1 
ATOM   371 C CG2 . THR A 1 46 ? 20.716  14.288  8.703   1.00 15.74 ? 519 THR A CG2 1 
ATOM   372 N N   . HIS A 1 47 ? 22.452  14.378  5.372   1.00 14.32 ? 520 HIS A N   1 
ATOM   373 C CA  . HIS A 1 47 ? 23.857  14.107  5.062   1.00 16.18 ? 520 HIS A CA  1 
ATOM   374 C C   . HIS A 1 47 ? 24.576  15.382  4.638   1.00 18.50 ? 520 HIS A C   1 
ATOM   375 O O   . HIS A 1 47 ? 25.692  15.661  5.087   1.00 17.95 ? 520 HIS A O   1 
ATOM   376 C CB  . HIS A 1 47 ? 23.942  13.075  3.936   1.00 16.85 ? 520 HIS A CB  1 
ATOM   377 C CG  . HIS A 1 47 ? 25.342  12.725  3.529   1.00 19.35 ? 520 HIS A CG  1 
ATOM   378 N ND1 . HIS A 1 47 ? 26.237  12.120  4.383   1.00 22.32 ? 520 HIS A ND1 1 
ATOM   379 C CD2 . HIS A 1 47 ? 25.993  12.880  2.351   1.00 23.03 ? 520 HIS A CD2 1 
ATOM   380 C CE1 . HIS A 1 47 ? 27.380  11.918  3.749   1.00 24.70 ? 520 HIS A CE1 1 
ATOM   381 N NE2 . HIS A 1 47 ? 27.258  12.369  2.515   1.00 22.53 ? 520 HIS A NE2 1 
ATOM   382 N N   . ALA A 1 48 ? 23.935  16.146  3.760   1.00 14.74 ? 521 ALA A N   1 
ATOM   383 C CA  . ALA A 1 48 ? 24.464  17.442  3.331   1.00 16.94 ? 521 ALA A CA  1 
ATOM   384 C C   . ALA A 1 48 ? 24.716  18.359  4.523   1.00 14.65 ? 521 ALA A C   1 
ATOM   385 O O   . ALA A 1 48 ? 25.789  18.975  4.635   1.00 15.43 ? 521 ALA A O   1 
ATOM   386 C CB  . ALA A 1 48 ? 23.507  18.107  2.353   1.00 16.02 ? 521 ALA A CB  1 
ATOM   387 N N   . ASP A 1 49 ? 23.734  18.466  5.413   1.00 14.40 ? 522 ASP A N   1 
ATOM   388 C CA  . ASP A 1 49 ? 23.892  19.318  6.591   1.00 17.40 ? 522 ASP A CA  1 
ATOM   389 C C   . ASP A 1 49 ? 25.065  18.839  7.437   1.00 15.44 ? 522 ASP A C   1 
ATOM   390 O O   . ASP A 1 49 ? 25.877  19.643  7.928   1.00 15.02 ? 522 ASP A O   1 
ATOM   391 C CB  . ASP A 1 49 ? 22.619  19.335  7.443   1.00 18.90 ? 522 ASP A CB  1 
ATOM   392 C CG  . ASP A 1 49 ? 21.456  20.004  6.743   1.00 26.54 ? 522 ASP A CG  1 
ATOM   393 O OD1 . ASP A 1 49 ? 21.695  20.845  5.844   1.00 25.77 ? 522 ASP A OD1 1 
ATOM   394 O OD2 . ASP A 1 49 ? 20.302  19.676  7.089   1.00 32.61 ? 522 ASP A OD2 1 
ATOM   395 N N   . VAL A 1 50 ? 25.143  17.530  7.619   1.00 14.28 ? 523 VAL A N   1 
ATOM   396 C CA  . VAL A 1 50 ? 26.215  16.936  8.409   1.00 15.80 ? 523 VAL A CA  1 
ATOM   397 C C   . VAL A 1 50 ? 27.592  17.198  7.781   1.00 15.43 ? 523 VAL A C   1 
ATOM   398 O O   . VAL A 1 50 ? 28.546  17.554  8.475   1.00 14.84 ? 523 VAL A O   1 
ATOM   399 C CB  . VAL A 1 50 ? 25.973  15.431  8.636   1.00 15.05 ? 523 VAL A CB  1 
ATOM   400 C CG1 . VAL A 1 50 ? 27.221  14.760  9.159   1.00 18.96 ? 523 VAL A CG1 1 
ATOM   401 C CG2 . VAL A 1 50 ? 24.802  15.231  9.600   1.00 13.02 ? 523 VAL A CG2 1 
ATOM   402 N N   . GLN A 1 51 ? 27.688  17.059  6.467   1.00 14.49 ? 524 GLN A N   1 
ATOM   403 C CA  . GLN A 1 51 ? 28.935  17.359  5.766   1.00 15.44 ? 524 GLN A CA  1 
ATOM   404 C C   . GLN A 1 51 ? 29.433  18.785  6.015   1.00 16.78 ? 524 GLN A C   1 
ATOM   405 O O   . GLN A 1 51 ? 30.635  19.013  6.218   1.00 17.28 ? 524 GLN A O   1 
ATOM   406 C CB  . GLN A 1 51 ? 28.784  17.114  4.266   1.00 16.96 ? 524 GLN A CB  1 
ATOM   407 C CG  . GLN A 1 51 ? 28.589  15.655  3.906   1.00 23.37 ? 524 GLN A CG  1 
ATOM   408 C CD  . GLN A 1 51 ? 29.764  14.797  4.298   1.00 27.23 ? 524 GLN A CD  1 
ATOM   409 O OE1 . GLN A 1 51 ? 29.646  13.927  5.157   1.00 32.37 ? 524 GLN A OE1 1 
ATOM   410 N NE2 . GLN A 1 51 ? 30.906  15.027  3.665   1.00 33.57 ? 524 GLN A NE2 1 
ATOM   411 N N   . LEU A 1 52 ? 28.512  19.744  6.024   1.00 16.03 ? 525 LEU A N   1 
ATOM   412 C CA  . LEU A 1 52 ? 28.884  21.139  6.277   1.00 17.11 ? 525 LEU A CA  1 
ATOM   413 C C   . LEU A 1 52 ? 29.353  21.335  7.715   1.00 16.86 ? 525 LEU A C   1 
ATOM   414 O O   . LEU A 1 52 ? 30.340  22.031  7.974   1.00 17.57 ? 525 LEU A O   1 
ATOM   415 C CB  . LEU A 1 52 ? 27.713  22.069  5.955   1.00 17.16 ? 525 LEU A CB  1 
ATOM   416 C CG  . LEU A 1 52 ? 27.975  23.561  6.162   1.00 20.53 ? 525 LEU A CG  1 
ATOM   417 C CD1 . LEU A 1 52 ? 29.129  24.020  5.264   1.00 23.11 ? 525 LEU A CD1 1 
ATOM   418 C CD2 . LEU A 1 52 ? 26.716  24.370  5.901   1.00 21.39 ? 525 LEU A CD2 1 
ATOM   419 N N   . LEU A 1 53 ? 28.642  20.716  8.650   1.00 16.14 ? 526 LEU A N   1 
ATOM   420 C CA  . LEU A 1 53 ? 29.026  20.749  10.059  1.00 17.61 ? 526 LEU A CA  1 
ATOM   421 C C   . LEU A 1 53 ? 30.416  20.166  10.271  1.00 18.52 ? 526 LEU A C   1 
ATOM   422 O O   . LEU A 1 53 ? 31.214  20.711  11.036  1.00 20.02 ? 526 LEU A O   1 
ATOM   423 C CB  . LEU A 1 53 ? 27.997  20.011  10.916  1.00 14.26 ? 526 LEU A CB  1 
ATOM   424 C CG  . LEU A 1 53 ? 26.687  20.754  11.128  1.00 14.94 ? 526 LEU A CG  1 
ATOM   425 C CD1 . LEU A 1 53 ? 25.655  19.805  11.736  1.00 14.73 ? 526 LEU A CD1 1 
ATOM   426 C CD2 . LEU A 1 53 ? 26.912  21.986  12.018  1.00 15.19 ? 526 LEU A CD2 1 
ATOM   427 N N   . LYS A 1 54 ? 30.712  19.071  9.581   1.00 14.52 ? 527 LYS A N   1 
ATOM   428 C CA  . LYS A 1 54 ? 32.040  18.467  9.656   1.00 18.64 ? 527 LYS A CA  1 
ATOM   429 C C   . LYS A 1 54 ? 33.108  19.413  9.098   1.00 23.12 ? 527 LYS A C   1 
ATOM   430 O O   . LYS A 1 54 ? 34.209  19.499  9.635   1.00 25.75 ? 527 LYS A O   1 
ATOM   431 C CB  . LYS A 1 54 ? 32.077  17.125  8.934   1.00 16.79 ? 527 LYS A CB  1 
ATOM   432 C CG  . LYS A 1 54 ? 31.302  16.036  9.646   1.00 18.38 ? 527 LYS A CG  1 
ATOM   433 C CD  . LYS A 1 54 ? 31.692  14.654  9.149   1.00 26.63 ? 527 LYS A CD  1 
ATOM   434 C CE  . LYS A 1 54 ? 31.036  14.349  7.838   1.00 29.09 ? 527 LYS A CE  1 
ATOM   435 N NZ  . LYS A 1 54 ? 31.446  13.028  7.268   1.00 30.17 ? 527 LYS A NZ  1 
ATOM   436 N N   . GLU A 1 55 ? 32.773  20.125  8.026   1.00 21.49 ? 528 GLU A N   1 
ATOM   437 C CA  . GLU A 1 55 ? 33.686  21.116  7.451   1.00 26.30 ? 528 GLU A CA  1 
ATOM   438 C C   . GLU A 1 55 ? 33.903  22.302  8.385   1.00 26.52 ? 528 GLU A C   1 
ATOM   439 O O   . GLU A 1 55 ? 35.014  22.828  8.488   1.00 32.05 ? 528 GLU A O   1 
ATOM   440 C CB  . GLU A 1 55 ? 33.178  21.606  6.092   1.00 24.16 ? 528 GLU A CB  1 
ATOM   441 C CG  . GLU A 1 55 ? 33.369  20.606  4.969   1.00 32.18 ? 528 GLU A CG  1 
ATOM   442 C CD  . GLU A 1 55 ? 34.834  20.253  4.746   1.00 37.09 ? 528 GLU A CD  1 
ATOM   443 O OE1 . GLU A 1 55 ? 35.671  21.183  4.695   1.00 35.80 ? 528 GLU A OE1 1 
ATOM   444 O OE2 . GLU A 1 55 ? 35.145  19.049  4.628   1.00 41.53 ? 528 GLU A OE2 1 
ATOM   445 N N   . GLN A 1 56 ? 32.841  22.720  9.065   1.00 23.09 ? 529 GLN A N   1 
ATOM   446 C CA  . GLN A 1 56 ? 32.903  23.846  9.991   1.00 28.21 ? 529 GLN A CA  1 
ATOM   447 C C   . GLN A 1 56 ? 33.626  23.498  11.293  1.00 30.51 ? 529 GLN A C   1 
ATOM   448 O O   . GLN A 1 56 ? 34.185  24.368  11.956  1.00 31.38 ? 529 GLN A O   1 
ATOM   449 C CB  . GLN A 1 56 ? 31.493  24.340  10.306  1.00 23.45 ? 529 GLN A CB  1 
ATOM   450 C CG  . GLN A 1 56 ? 30.780  24.979  9.127   1.00 26.33 ? 529 GLN A CG  1 
ATOM   451 C CD  . GLN A 1 56 ? 29.298  25.169  9.381   1.00 24.14 ? 529 GLN A CD  1 
ATOM   452 O OE1 . GLN A 1 56 ? 28.686  24.434  10.155  1.00 27.02 ? 529 GLN A OE1 1 
ATOM   453 N NE2 . GLN A 1 56 ? 28.712  26.165  8.734   1.00 27.69 ? 529 GLN A NE2 1 
ATOM   454 N N   . GLN A 1 57 ? 33.597  22.223  11.660  1.00 30.39 ? 530 GLN A N   1 
ATOM   455 C CA  . GLN A 1 57 ? 34.180  21.771  12.922  1.00 33.83 ? 530 GLN A CA  1 
ATOM   456 C C   . GLN A 1 57 ? 35.697  21.640  12.821  1.00 33.71 ? 530 GLN A C   1 
ATOM   457 O O   . GLN A 1 57 ? 36.238  21.410  11.740  1.00 35.34 ? 530 GLN A O   1 
ATOM   458 C CB  . GLN A 1 57 ? 33.560  20.435  13.345  1.00 32.93 ? 530 GLN A CB  1 
ATOM   459 C CG  . GLN A 1 57 ? 34.048  19.910  14.694  1.00 33.79 ? 530 GLN A CG  1 
ATOM   460 C CD  . GLN A 1 57 ? 33.629  20.796  15.851  1.00 38.96 ? 530 GLN A CD  1 
ATOM   461 O OE1 . GLN A 1 57 ? 32.670  21.566  15.747  1.00 44.49 ? 530 GLN A OE1 1 
ATOM   462 N NE2 . GLN A 1 57 ? 34.354  20.700  16.964  1.00 41.02 ? 530 GLN A NE2 1 
ATOM   463 N N   . THR B 2 1  ? 7.956   24.566  4.868   1.00 32.73 ? 566 THR B N   1 
ATOM   464 C CA  . THR B 2 1  ? 9.340   24.276  4.515   1.00 29.25 ? 566 THR B CA  1 
ATOM   465 C C   . THR B 2 1  ? 9.455   22.933  3.817   1.00 28.79 ? 566 THR B C   1 
ATOM   466 O O   . THR B 2 1  ? 8.514   22.130  3.801   1.00 23.98 ? 566 THR B O   1 
ATOM   467 C CB  . THR B 2 1  ? 10.281  24.214  5.742   1.00 32.37 ? 566 THR B CB  1 
ATOM   468 O OG1 . THR B 2 1  ? 9.946   23.080  6.562   1.00 30.71 ? 566 THR B OG1 1 
ATOM   469 C CG2 . THR B 2 1  ? 10.221  25.498  6.561   1.00 36.30 ? 566 THR B CG2 1 
ATOM   470 N N   . GLN B 2 2  ? 10.632  22.697  3.259   1.00 26.38 ? 567 GLN B N   1 
ATOM   471 C CA  . GLN B 2 2  ? 10.952  21.440  2.616   1.00 25.69 ? 567 GLN B CA  1 
ATOM   472 C C   . GLN B 2 2  ? 10.691  20.265  3.549   1.00 20.73 ? 567 GLN B C   1 
ATOM   473 O O   . GLN B 2 2  ? 10.062  19.283  3.155   1.00 21.41 ? 567 GLN B O   1 
ATOM   474 C CB  . GLN B 2 2  ? 12.414  21.454  2.210   1.00 23.79 ? 567 GLN B CB  1 
ATOM   475 C CG  . GLN B 2 2  ? 12.892  20.195  1.546   1.00 21.61 ? 567 GLN B CG  1 
ATOM   476 C CD  . GLN B 2 2  ? 14.327  20.318  1.109   1.00 22.70 ? 567 GLN B CD  1 
ATOM   477 O OE1 . GLN B 2 2  ? 14.644  20.138  -0.066  1.00 25.69 ? 567 GLN B OE1 1 
ATOM   478 N NE2 . GLN B 2 2  ? 15.212  20.637  2.055   1.00 20.82 ? 567 GLN B NE2 1 
ATOM   479 N N   . TRP B 2 3  ? 11.173  20.376  4.784   1.00 20.04 ? 568 TRP B N   1 
ATOM   480 C CA  . TRP B 2 3  ? 11.085  19.283  5.747   1.00 20.47 ? 568 TRP B CA  1 
ATOM   481 C C   . TRP B 2 3  ? 9.638   19.036  6.177   1.00 21.49 ? 568 TRP B C   1 
ATOM   482 O O   . TRP B 2 3  ? 9.187   17.897  6.219   1.00 18.92 ? 568 TRP B O   1 
ATOM   483 C CB  . TRP B 2 3  ? 11.973  19.558  6.964   1.00 21.08 ? 568 TRP B CB  1 
ATOM   484 C CG  . TRP B 2 3  ? 12.194  18.354  7.824   1.00 20.59 ? 568 TRP B CG  1 
ATOM   485 C CD1 . TRP B 2 3  ? 11.479  17.996  8.932   1.00 22.27 ? 568 TRP B CD1 1 
ATOM   486 C CD2 . TRP B 2 3  ? 13.188  17.338  7.644   1.00 17.92 ? 568 TRP B CD2 1 
ATOM   487 N NE1 . TRP B 2 3  ? 11.966  16.822  9.450   1.00 22.71 ? 568 TRP B NE1 1 
ATOM   488 C CE2 . TRP B 2 3  ? 13.016  16.395  8.678   1.00 19.87 ? 568 TRP B CE2 1 
ATOM   489 C CE3 . TRP B 2 3  ? 14.210  17.137  6.714   1.00 23.17 ? 568 TRP B CE3 1 
ATOM   490 C CZ2 . TRP B 2 3  ? 13.830  15.262  8.808   1.00 20.13 ? 568 TRP B CZ2 1 
ATOM   491 C CZ3 . TRP B 2 3  ? 15.021  16.013  6.844   1.00 20.31 ? 568 TRP B CZ3 1 
ATOM   492 C CH2 . TRP B 2 3  ? 14.825  15.091  7.884   1.00 20.53 ? 568 TRP B CH2 1 
ATOM   493 N N   . ASP B 2 4  ? 8.909   20.106  6.483   1.00 22.48 ? 569 ASP B N   1 
ATOM   494 C CA  . ASP B 2 4  ? 7.500   19.984  6.876   1.00 23.73 ? 569 ASP B CA  1 
ATOM   495 C C   . ASP B 2 4  ? 6.684   19.313  5.780   1.00 20.86 ? 569 ASP B C   1 
ATOM   496 O O   . ASP B 2 4  ? 5.764   18.533  6.063   1.00 20.05 ? 569 ASP B O   1 
ATOM   497 C CB  . ASP B 2 4  ? 6.889   21.355  7.180   1.00 25.82 ? 569 ASP B CB  1 
ATOM   498 C CG  . ASP B 2 4  ? 7.449   21.984  8.439   1.00 27.97 ? 569 ASP B CG  1 
ATOM   499 O OD1 . ASP B 2 4  ? 7.842   21.247  9.369   1.00 30.42 ? 569 ASP B OD1 1 
ATOM   500 O OD2 . ASP B 2 4  ? 7.485   23.228  8.500   1.00 33.39 ? 569 ASP B OD2 1 
ATOM   501 N N   . ASP B 2 5  ? 7.014   19.615  4.532   1.00 18.69 ? 570 ASP B N   1 
ATOM   502 C CA  . ASP B 2 5  ? 6.254   19.070  3.415   1.00 19.34 ? 570 ASP B CA  1 
ATOM   503 C C   . ASP B 2 5  ? 6.511   17.572  3.286   1.00 18.87 ? 570 ASP B C   1 
ATOM   504 O O   . ASP B 2 5  ? 5.598   16.807  2.974   1.00 21.73 ? 570 ASP B O   1 
ATOM   505 C CB  . ASP B 2 5  ? 6.589   19.782  2.110   1.00 19.79 ? 570 ASP B CB  1 
ATOM   506 C CG  . ASP B 2 5  ? 5.983   21.180  2.027   1.00 26.15 ? 570 ASP B CG  1 
ATOM   507 O OD1 . ASP B 2 5  ? 5.119   21.529  2.861   1.00 24.54 ? 570 ASP B OD1 1 
ATOM   508 O OD2 . ASP B 2 5  ? 6.373   21.924  1.109   1.00 33.32 ? 570 ASP B OD2 1 
ATOM   509 N N   . TRP B 2 6  ? 7.747   17.154  3.541   1.00 18.00 ? 571 TRP B N   1 
ATOM   510 C CA  . TRP B 2 6  ? 8.092   15.726  3.543   1.00 14.88 ? 571 TRP B CA  1 
ATOM   511 C C   . TRP B 2 6  ? 7.333   14.993  4.645   1.00 16.90 ? 571 TRP B C   1 
ATOM   512 O O   . TRP B 2 6  ? 6.794   13.912  4.418   1.00 17.43 ? 571 TRP B O   1 
ATOM   513 C CB  . TRP B 2 6  ? 9.600   15.527  3.743   1.00 18.75 ? 571 TRP B CB  1 
ATOM   514 C CG  . TRP B 2 6  ? 10.450  15.776  2.527   1.00 17.18 ? 571 TRP B CG  1 
ATOM   515 C CD1 . TRP B 2 6  ? 10.083  15.626  1.218   1.00 17.88 ? 571 TRP B CD1 1 
ATOM   516 C CD2 . TRP B 2 6  ? 11.822  16.202  2.511   1.00 16.33 ? 571 TRP B CD2 1 
ATOM   517 N NE1 . TRP B 2 6  ? 11.140  15.934  0.393   1.00 18.94 ? 571 TRP B NE1 1 
ATOM   518 C CE2 . TRP B 2 6  ? 12.217  16.293  1.161   1.00 17.17 ? 571 TRP B CE2 1 
ATOM   519 C CE3 . TRP B 2 6  ? 12.751  16.520  3.510   1.00 17.52 ? 571 TRP B CE3 1 
ATOM   520 C CZ2 . TRP B 2 6  ? 13.500  16.696  0.778   1.00 18.83 ? 571 TRP B CZ2 1 
ATOM   521 C CZ3 . TRP B 2 6  ? 14.035  16.917  3.128   1.00 18.65 ? 571 TRP B CZ3 1 
ATOM   522 C CH2 . TRP B 2 6  ? 14.394  16.995  1.773   1.00 18.15 ? 571 TRP B CH2 1 
ATOM   523 N N   . VAL B 2 7  ? 7.307   15.585  5.837   1.00 17.70 ? 572 VAL B N   1 
ATOM   524 C CA  . VAL B 2 7  ? 6.566   15.043  6.976   1.00 16.20 ? 572 VAL B CA  1 
ATOM   525 C C   . VAL B 2 7  ? 5.088   14.861  6.643   1.00 18.02 ? 572 VAL B C   1 
ATOM   526 O O   . VAL B 2 7  ? 4.511   13.808  6.901   1.00 18.18 ? 572 VAL B O   1 
ATOM   527 C CB  . VAL B 2 7  ? 6.725   15.943  8.227   1.00 18.19 ? 572 VAL B CB  1 
ATOM   528 C CG1 . VAL B 2 7  ? 5.714   15.571  9.287   1.00 20.70 ? 572 VAL B CG1 1 
ATOM   529 C CG2 . VAL B 2 7  ? 8.130   15.816  8.782   1.00 17.44 ? 572 VAL B CG2 1 
ATOM   530 N N   . ASP B 2 8  ? 4.483   15.884  6.053   1.00 17.30 ? 573 ASP B N   1 
ATOM   531 C CA  . ASP B 2 8  ? 3.075   15.805  5.648   1.00 20.28 ? 573 ASP B CA  1 
ATOM   532 C C   . ASP B 2 8  ? 2.801   14.684  4.646   1.00 19.31 ? 573 ASP B C   1 
ATOM   533 O O   . ASP B 2 8  ? 1.804   13.967  4.754   1.00 18.84 ? 573 ASP B O   1 
ATOM   534 C CB  . ASP B 2 8  ? 2.619   17.145  5.076   1.00 19.80 ? 573 ASP B CB  1 
ATOM   535 C CG  . ASP B 2 8  ? 2.478   18.204  6.146   1.00 25.41 ? 573 ASP B CG  1 
ATOM   536 O OD1 . ASP B 2 8  ? 2.534   17.841  7.338   1.00 26.81 ? 573 ASP B OD1 1 
ATOM   537 O OD2 . ASP B 2 8  ? 2.302   19.386  5.807   1.00 27.49 ? 573 ASP B OD2 1 
ATOM   538 N N   . LYS B 2 9  ? 3.691   14.530  3.672   1.00 17.79 ? 574 LYS B N   1 
ATOM   539 C CA  . LYS B 2 9  ? 3.532   13.481  2.658   1.00 22.25 ? 574 LYS B CA  1 
ATOM   540 C C   . LYS B 2 9  ? 3.694   12.089  3.276   1.00 18.36 ? 574 LYS B C   1 
ATOM   541 O O   . LYS B 2 9  ? 2.920   11.164  2.987   1.00 16.48 ? 574 LYS B O   1 
ATOM   542 C CB  . LYS B 2 9  ? 4.525   13.695  1.511   1.00 21.21 ? 574 LYS B CB  1 
ATOM   543 C CG  . LYS B 2 9  ? 4.345   15.023  0.779   1.00 26.54 ? 574 LYS B CG  1 
ATOM   544 C CD  . LYS B 2 9  ? 5.411   15.238  -0.315  1.00 28.93 ? 574 LYS B CD  1 
ATOM   545 C CE  . LYS B 2 9  ? 4.798   15.267  -1.665  1.00 35.84 ? 574 LYS B CE  1 
ATOM   546 N NZ  . LYS B 2 9  ? 5.643   16.047  -2.608  1.00 36.37 ? 574 LYS B NZ  1 
ATOM   547 N N   . MET B 2 10 ? 4.694   11.951  4.143   1.00 14.51 ? 575 MET B N   1 
ATOM   548 C CA  . MET B 2 10 ? 4.925   10.690  4.838   1.00 18.38 ? 575 MET B CA  1 
ATOM   549 C C   . MET B 2 10 ? 3.693   10.300  5.646   1.00 18.22 ? 575 MET B C   1 
ATOM   550 O O   . MET B 2 10 ? 3.265   9.144   5.635   1.00 12.53 ? 575 MET B O   1 
ATOM   551 C CB  . MET B 2 10 ? 6.161   10.784  5.748   1.00 15.00 ? 575 MET B CB  1 
ATOM   552 C CG  . MET B 2 10 ? 6.424   9.534   6.581   1.00 18.46 ? 575 MET B CG  1 
ATOM   553 S SD  . MET B 2 10 ? 6.837   8.100   5.557   1.00 24.16 ? 575 MET B SD  1 
ATOM   554 C CE  . MET B 2 10 ? 8.024   8.851   4.466   1.00 9.89  ? 575 MET B CE  1 
ATOM   555 N N   . GLU B 2 11 ? 3.103   11.269  6.334   1.00 17.35 ? 576 GLU B N   1 
ATOM   556 C CA  . GLU B 2 11 ? 1.959   10.959  7.184   1.00 20.17 ? 576 GLU B CA  1 
ATOM   557 C C   . GLU B 2 11 ? 0.691   10.623  6.395   1.00 19.78 ? 576 GLU B C   1 
ATOM   558 O O   . GLU B 2 11 ? -0.085  9.734   6.782   1.00 17.82 ? 576 GLU B O   1 
ATOM   559 C CB  . GLU B 2 11 ? 1.744   12.069  8.213   1.00 22.33 ? 576 GLU B CB  1 
ATOM   560 C CG  . GLU B 2 11 ? 2.849   12.050  9.268   1.00 27.45 ? 576 GLU B CG  1 
ATOM   561 C CD  . GLU B 2 11 ? 2.721   13.152  10.295  1.00 29.99 ? 576 GLU B CD  1 
ATOM   562 O OE1 . GLU B 2 11 ? 1.724   13.905  10.257  1.00 35.78 ? 576 GLU B OE1 1 
ATOM   563 O OE2 . GLU B 2 11 ? 3.631   13.259  11.141  1.00 42.18 ? 576 GLU B OE2 1 
ATOM   564 N N   . ASN B 2 12 ? 0.488   11.306  5.278   1.00 18.24 ? 577 ASN B N   1 
ATOM   565 C CA  . ASN B 2 12 ? -0.612  10.958  4.387   1.00 19.98 ? 577 ASN B CA  1 
ATOM   566 C C   . ASN B 2 12 ? -0.438  9.567   3.783   1.00 21.07 ? 577 ASN B C   1 
ATOM   567 O O   . ASN B 2 12 ? -1.399  8.801   3.664   1.00 18.75 ? 577 ASN B O   1 
ATOM   568 C CB  . ASN B 2 12 ? -0.751  12.005  3.291   1.00 24.01 ? 577 ASN B CB  1 
ATOM   569 C CG  . ASN B 2 12 ? -1.240  13.327  3.825   1.00 30.76 ? 577 ASN B CG  1 
ATOM   570 O OD1 . ASN B 2 12 ? -1.779  13.395  4.931   1.00 31.45 ? 577 ASN B OD1 1 
ATOM   571 N ND2 . ASN B 2 12 ? -1.059  14.386  3.047   1.00 31.67 ? 577 ASN B ND2 1 
ATOM   572 N N   . LEU B 2 13 ? 0.795   9.244   3.406   1.00 16.99 ? 578 LEU B N   1 
ATOM   573 C CA  . LEU B 2 13 ? 1.125   7.908   2.920   1.00 16.17 ? 578 LEU B CA  1 
ATOM   574 C C   . LEU B 2 13 ? 0.883   6.833   3.996   1.00 16.24 ? 578 LEU B C   1 
ATOM   575 O O   . LEU B 2 13 ? 0.409   5.739   3.690   1.00 14.96 ? 578 LEU B O   1 
ATOM   576 C CB  . LEU B 2 13 ? 2.585   7.873   2.463   1.00 17.44 ? 578 LEU B CB  1 
ATOM   577 C CG  . LEU B 2 13 ? 2.946   7.890   0.969   1.00 20.70 ? 578 LEU B CG  1 
ATOM   578 C CD1 . LEU B 2 13 ? 1.746   8.025   0.054   1.00 22.21 ? 578 LEU B CD1 1 
ATOM   579 C CD2 . LEU B 2 13 ? 4.019   8.926   0.644   1.00 16.43 ? 578 LEU B CD2 1 
ATOM   580 N N   . ASN B 2 14 ? 1.240   7.132   5.245   1.00 15.11 ? 579 ASN B N   1 
ATOM   581 C CA  . ASN B 2 14 ? 0.934   6.233   6.363   1.00 17.62 ? 579 ASN B CA  1 
ATOM   582 C C   . ASN B 2 14 ? -0.534  5.840   6.337   1.00 19.47 ? 579 ASN B C   1 
ATOM   583 O O   . ASN B 2 14 ? -0.883  4.653   6.405   1.00 16.46 ? 579 ASN B O   1 
ATOM   584 C CB  . ASN B 2 14 ? 1.250   6.880   7.720   1.00 15.54 ? 579 ASN B CB  1 
ATOM   585 C CG  . ASN B 2 14 ? 2.730   6.895   8.043   1.00 15.95 ? 579 ASN B CG  1 
ATOM   586 O OD1 . ASN B 2 14 ? 3.544   6.275   7.357   1.00 15.43 ? 579 ASN B OD1 1 
ATOM   587 N ND2 . ASN B 2 14 ? 3.086   7.597   9.117   1.00 19.20 ? 579 ASN B ND2 1 
ATOM   588 N N   . HIS B 2 15 ? -1.398  6.841   6.228   1.00 16.61 ? 580 HIS B N   1 
ATOM   589 C CA  . HIS B 2 15 ? -2.831  6.583   6.236   1.00 21.53 ? 580 HIS B CA  1 
ATOM   590 C C   . HIS B 2 15 ? -3.263  5.766   5.017   1.00 21.17 ? 580 HIS B C   1 
ATOM   591 O O   . HIS B 2 15 ? -4.018  4.800   5.153   1.00 18.86 ? 580 HIS B O   1 
ATOM   592 C CB  . HIS B 2 15 ? -3.610  7.895   6.304   1.00 27.58 ? 580 HIS B CB  1 
ATOM   593 C CG  . HIS B 2 15 ? -5.090  7.720   6.194   1.00 33.82 ? 580 HIS B CG  1 
ATOM   594 N ND1 . HIS B 2 15 ? -5.849  7.137   7.188   1.00 35.72 ? 580 HIS B ND1 1 
ATOM   595 C CD2 . HIS B 2 15 ? -5.953  8.047   5.203   1.00 34.33 ? 580 HIS B CD2 1 
ATOM   596 C CE1 . HIS B 2 15 ? -7.114  7.116   6.815   1.00 34.02 ? 580 HIS B CE1 1 
ATOM   597 N NE2 . HIS B 2 15 ? -7.207  7.662   5.615   1.00 37.97 ? 580 HIS B NE2 1 
ATOM   598 N N   . ASP B 2 16 ? -2.775  6.155   3.839   1.00 17.75 ? 581 ASP B N   1 
ATOM   599 C CA  . ASP B 2 16 ? -3.086  5.452   2.595   1.00 18.05 ? 581 ASP B CA  1 
ATOM   600 C C   . ASP B 2 16 ? -2.713  3.973   2.676   1.00 16.62 ? 581 ASP B C   1 
ATOM   601 O O   . ASP B 2 16 ? -3.459  3.105   2.222   1.00 16.10 ? 581 ASP B O   1 
ATOM   602 C CB  . ASP B 2 16 ? -2.323  6.061   1.413   1.00 20.28 ? 581 ASP B CB  1 
ATOM   603 C CG  . ASP B 2 16 ? -2.790  7.462   1.046   1.00 22.90 ? 581 ASP B CG  1 
ATOM   604 O OD1 . ASP B 2 16 ? -3.912  7.843   1.425   1.00 24.11 ? 581 ASP B OD1 1 
ATOM   605 O OD2 . ASP B 2 16 ? -2.023  8.173   0.358   1.00 26.88 ? 581 ASP B OD2 1 
ATOM   606 N N   . ILE B 2 17 ? -1.541  3.682   3.226   1.00 13.89 ? 582 ILE B N   1 
ATOM   607 C CA  . ILE B 2 17 ? -1.068  2.298   3.290   1.00 14.94 ? 582 ILE B CA  1 
ATOM   608 C C   . ILE B 2 17 ? -1.885  1.481   4.294   1.00 18.29 ? 582 ILE B C   1 
ATOM   609 O O   . ILE B 2 17 ? -2.225  0.322   4.042   1.00 15.21 ? 582 ILE B O   1 
ATOM   610 C CB  . ILE B 2 17 ? 0.430   2.244   3.628   1.00 16.35 ? 582 ILE B CB  1 
ATOM   611 C CG1 . ILE B 2 17 ? 1.221   2.762   2.435   1.00 13.78 ? 582 ILE B CG1 1 
ATOM   612 C CG2 . ILE B 2 17 ? 0.857   0.833   3.955   1.00 16.51 ? 582 ILE B CG2 1 
ATOM   613 C CD1 . ILE B 2 17 ? 2.657   3.051   2.723   1.00 15.91 ? 582 ILE B CD1 1 
ATOM   614 N N   . LEU B 2 18 ? -2.212  2.096   5.426   1.00 16.93 ? 583 LEU B N   1 
ATOM   615 C CA  . LEU B 2 18 ? -3.077  1.456   6.417   1.00 18.38 ? 583 LEU B CA  1 
ATOM   616 C C   . LEU B 2 18 ? -4.401  1.036   5.802   1.00 15.12 ? 583 LEU B C   1 
ATOM   617 O O   . LEU B 2 18 ? -4.863  -0.084  6.004   1.00 19.34 ? 583 LEU B O   1 
ATOM   618 C CB  . LEU B 2 18 ? -3.346  2.407   7.588   1.00 19.30 ? 583 LEU B CB  1 
ATOM   619 C CG  . LEU B 2 18 ? -2.434  2.294   8.805   1.00 26.38 ? 583 LEU B CG  1 
ATOM   620 C CD1 . LEU B 2 18 ? -2.672  3.453   9.774   1.00 26.98 ? 583 LEU B CD1 1 
ATOM   621 C CD2 . LEU B 2 18 ? -2.685  0.972   9.487   1.00 22.81 ? 583 LEU B CD2 1 
ATOM   622 N N   . THR B 2 19 ? -5.016  1.938   5.047   1.00 16.03 ? 584 THR B N   1 
ATOM   623 C CA  . THR B 2 19 ? -6.316  1.646   4.445   1.00 19.26 ? 584 THR B CA  1 
ATOM   624 C C   . THR B 2 19 ? -6.184  0.614   3.333   1.00 19.18 ? 584 THR B C   1 
ATOM   625 O O   . THR B 2 19 ? -7.060  -0.240  3.155   1.00 17.32 ? 584 THR B O   1 
ATOM   626 C CB  . THR B 2 19 ? -7.012  2.923   3.927   1.00 24.08 ? 584 THR B CB  1 
ATOM   627 O OG1 . THR B 2 19 ? -6.246  3.500   2.864   1.00 30.93 ? 584 THR B OG1 1 
ATOM   628 C CG2 . THR B 2 19 ? -7.126  3.940   5.047   1.00 18.75 ? 584 THR B CG2 1 
ATOM   629 N N   . THR B 2 20 ? -5.079  0.683   2.597   1.00 18.34 ? 585 THR B N   1 
ATOM   630 C CA  . THR B 2 20 ? -4.830  -0.250  1.507   1.00 17.91 ? 585 THR B CA  1 
ATOM   631 C C   . THR B 2 20 ? -4.642  -1.676  2.030   1.00 16.53 ? 585 THR B C   1 
ATOM   632 O O   . THR B 2 20 ? -5.200  -2.624  1.473   1.00 15.51 ? 585 THR B O   1 
ATOM   633 C CB  . THR B 2 20 ? -3.613  0.181   0.652   1.00 16.87 ? 585 THR B CB  1 
ATOM   634 O OG1 . THR B 2 20 ? -3.907  1.409   -0.022  1.00 15.83 ? 585 THR B OG1 1 
ATOM   635 C CG2 . THR B 2 20 ? -3.290  -0.874  -0.399  1.00 18.84 ? 585 THR B CG2 1 
ATOM   636 N N   . LEU B 2 21 ? -3.867  -1.831  3.100   1.00 15.78 ? 586 LEU B N   1 
ATOM   637 C CA  . LEU B 2 21 ? -3.665  -3.149  3.700   1.00 17.85 ? 586 LEU B CA  1 
ATOM   638 C C   . LEU B 2 21 ? -4.972  -3.711  4.237   1.00 17.99 ? 586 LEU B C   1 
ATOM   639 O O   . LEU B 2 21 ? -5.256  -4.886  4.054   1.00 16.43 ? 586 LEU B O   1 
ATOM   640 C CB  . LEU B 2 21 ? -2.616  -3.106  4.819   1.00 19.17 ? 586 LEU B CB  1 
ATOM   641 C CG  . LEU B 2 21 ? -1.190  -2.759  4.380   1.00 18.89 ? 586 LEU B CG  1 
ATOM   642 C CD1 . LEU B 2 21 ? -0.277  -2.600  5.580   1.00 21.93 ? 586 LEU B CD1 1 
ATOM   643 C CD2 . LEU B 2 21 ? -0.649  -3.811  3.444   1.00 18.58 ? 586 LEU B CD2 1 
ATOM   644 N N   . HIS B 2 22 ? -5.768  -2.872  4.895   1.00 18.95 ? 587 HIS B N   1 
ATOM   645 C CA  . HIS B 2 22 ? -7.072  -3.318  5.395   1.00 17.60 ? 587 HIS B CA  1 
ATOM   646 C C   . HIS B 2 22 ? -7.965  -3.814  4.248   1.00 19.10 ? 587 HIS B C   1 
ATOM   647 O O   . HIS B 2 22 ? -8.614  -4.854  4.350   1.00 20.70 ? 587 HIS B O   1 
ATOM   648 C CB  . HIS B 2 22 ? -7.769  -2.194  6.171   1.00 22.00 ? 587 HIS B CB  1 
ATOM   649 C CG  . HIS B 2 22 ? -9.045  -2.619  6.833   1.00 26.67 ? 587 HIS B CG  1 
ATOM   650 N ND1 . HIS B 2 22 ? -10.264 -2.599  6.186   1.00 32.26 ? 587 HIS B ND1 1 
ATOM   651 C CD2 . HIS B 2 22 ? -9.290  -3.081  8.082   1.00 30.17 ? 587 HIS B CD2 1 
ATOM   652 C CE1 . HIS B 2 22 ? -11.203 -3.029  7.009   1.00 30.19 ? 587 HIS B CE1 1 
ATOM   653 N NE2 . HIS B 2 22 ? -10.639 -3.327  8.166   1.00 33.85 ? 587 HIS B NE2 1 
ATOM   654 N N   . THR B 2 23 ? -7.979  -3.066  3.156   1.00 16.69 ? 588 THR B N   1 
ATOM   655 C CA  . THR B 2 23 ? -8.771  -3.414  1.993   1.00 17.45 ? 588 THR B CA  1 
ATOM   656 C C   . THR B 2 23 ? -8.319  -4.746  1.403   1.00 15.02 ? 588 THR B C   1 
ATOM   657 O O   . THR B 2 23 ? -9.148  -5.602  1.110   1.00 14.64 ? 588 THR B O   1 
ATOM   658 C CB  . THR B 2 23 ? -8.682  -2.311  0.940   1.00 18.97 ? 588 THR B CB  1 
ATOM   659 O OG1 . THR B 2 23 ? -9.329  -1.138  1.447   1.00 19.66 ? 588 THR B OG1 1 
ATOM   660 C CG2 . THR B 2 23 ? -9.340  -2.739  -0.362  1.00 17.17 ? 588 THR B CG2 1 
ATOM   661 N N   . ALA B 2 24 ? -7.007  -4.911  1.247   1.00 15.45 ? 589 ALA B N   1 
ATOM   662 C CA  . ALA B 2 24 ? -6.423  -6.158  0.753   1.00 15.12 ? 589 ALA B CA  1 
ATOM   663 C C   . ALA B 2 24 ? -6.846  -7.336  1.611   1.00 15.46 ? 589 ALA B C   1 
ATOM   664 O O   . ALA B 2 24 ? -7.276  -8.363  1.092   1.00 14.76 ? 589 ALA B O   1 
ATOM   665 C CB  . ALA B 2 24 ? -4.898  -6.057  0.713   1.00 12.92 ? 589 ALA B CB  1 
ATOM   666 N N   . ARG B 2 25 ? -6.732  -7.192  2.927   1.00 14.59 ? 590 ARG B N   1 
ATOM   667 C CA  . ARG B 2 25 ? -7.075  -8.296  3.822   1.00 16.34 ? 590 ARG B CA  1 
ATOM   668 C C   . ARG B 2 25 ? -8.569  -8.611  3.752   1.00 14.73 ? 590 ARG B C   1 
ATOM   669 O O   . ARG B 2 25 ? -8.975  -9.776  3.805   1.00 13.31 ? 590 ARG B O   1 
ATOM   670 C CB  . ARG B 2 25 ? -6.630  -8.012  5.271   1.00 20.29 ? 590 ARG B CB  1 
ATOM   671 C CG  . ARG B 2 25 ? -5.098  -8.068  5.471   1.00 16.97 ? 590 ARG B CG  1 
ATOM   672 C CD  . ARG B 2 25 ? -4.688  -8.047  6.948   1.00 24.30 ? 590 ARG B CD  1 
ATOM   673 N NE  . ARG B 2 25 ? -3.256  -8.306  7.116   1.00 29.01 ? 590 ARG B NE  1 
ATOM   674 C CZ  . ARG B 2 25 ? -2.382  -7.423  7.595   1.00 33.35 ? 590 ARG B CZ  1 
ATOM   675 N NH1 . ARG B 2 25 ? -2.794  -6.214  7.967   1.00 37.59 ? 590 ARG B NH1 1 
ATOM   676 N NH2 . ARG B 2 25 ? -1.095  -7.745  7.711   1.00 26.48 ? 590 ARG B NH2 1 
ATOM   677 N N   . ASN B 2 26 ? -9.381  -7.569  3.624   1.00 14.29 ? 591 ASN B N   1 
ATOM   678 C CA  . ASN B 2 26 ? -10.817 -7.743  3.503   1.00 17.05 ? 591 ASN B CA  1 
ATOM   679 C C   . ASN B 2 26 ? -11.221 -8.458  2.212   1.00 17.89 ? 591 ASN B C   1 
ATOM   680 O O   . ASN B 2 26 ? -12.087 -9.337  2.226   1.00 15.94 ? 591 ASN B O   1 
ATOM   681 C CB  . ASN B 2 26 ? -11.535 -6.401  3.606   1.00 22.37 ? 591 ASN B CB  1 
ATOM   682 C CG  . ASN B 2 26 ? -13.026 -6.560  3.685   1.00 27.29 ? 591 ASN B CG  1 
ATOM   683 O OD1 . ASN B 2 26 ? -13.754 -6.186  2.768   1.00 28.19 ? 591 ASN B OD1 1 
ATOM   684 N ND2 . ASN B 2 26 ? -13.491 -7.158  4.775   1.00 25.74 ? 591 ASN B ND2 1 
ATOM   685 N N   . ASN B 2 27 ? -10.604 -8.075  1.099   1.00 14.37 ? 592 ASN B N   1 
ATOM   686 C CA  . ASN B 2 27 ? -10.842 -8.766  -0.162  1.00 14.75 ? 592 ASN B CA  1 
ATOM   687 C C   . ASN B 2 27 ? -10.390 -10.221 -0.121  1.00 15.79 ? 592 ASN B C   1 
ATOM   688 O O   . ASN B 2 27 ? -11.074 -11.102 -0.634  1.00 14.12 ? 592 ASN B O   1 
ATOM   689 C CB  . ASN B 2 27 ? -10.203 -8.004  -1.327  1.00 13.83 ? 592 ASN B CB  1 
ATOM   690 C CG  . ASN B 2 27 ? -10.976 -6.748  -1.679  1.00 21.82 ? 592 ASN B CG  1 
ATOM   691 O OD1 . ASN B 2 27 ? -12.206 -6.726  -1.606  1.00 19.76 ? 592 ASN B OD1 1 
ATOM   692 N ND2 . ASN B 2 27 ? -10.265 -5.696  -2.048  1.00 15.69 ? 592 ASN B ND2 1 
ATOM   693 N N   . LEU B 2 28 ? -9.246  -10.473 0.506   1.00 14.48 ? 593 LEU B N   1 
ATOM   694 C CA  . LEU B 2 28 ? -8.761  -11.844 0.681   1.00 15.11 ? 593 LEU B CA  1 
ATOM   695 C C   . LEU B 2 28 ? -9.753  -12.646 1.506   1.00 14.20 ? 593 LEU B C   1 
ATOM   696 O O   . LEU B 2 28 ? -10.147 -13.740 1.121   1.00 14.07 ? 593 LEU B O   1 
ATOM   697 C CB  . LEU B 2 28 ? -7.412  -11.850 1.401   1.00 16.03 ? 593 LEU B CB  1 
ATOM   698 C CG  . LEU B 2 28 ? -6.398  -12.984 1.180   1.00 19.78 ? 593 LEU B CG  1 
ATOM   699 C CD1 . LEU B 2 28 ? -5.515  -13.176 2.408   1.00 16.00 ? 593 LEU B CD1 1 
ATOM   700 C CD2 . LEU B 2 28 ? -6.982  -14.308 0.664   1.00 14.64 ? 593 LEU B CD2 1 
ATOM   701 N N   . GLU B 2 29 ? -10.149 -12.114 2.656   1.00 15.07 ? 594 GLU B N   1 
ATOM   702 C CA  . GLU B 2 29 ? -11.115 -12.822 3.501   1.00 17.01 ? 594 GLU B CA  1 
ATOM   703 C C   . GLU B 2 29 ? -12.436 -13.121 2.768   1.00 16.76 ? 594 GLU B C   1 
ATOM   704 O O   . GLU B 2 29 ? -13.004 -14.206 2.910   1.00 16.23 ? 594 GLU B O   1 
ATOM   705 C CB  . GLU B 2 29 ? -11.381 -12.045 4.788   1.00 18.97 ? 594 GLU B CB  1 
ATOM   706 C CG  . GLU B 2 29 ? -12.108 -12.856 5.841   1.00 27.97 ? 594 GLU B CG  1 
ATOM   707 C CD  . GLU B 2 29 ? -11.336 -14.102 6.246   1.00 34.76 ? 594 GLU B CD  1 
ATOM   708 O OE1 . GLU B 2 29 ? -10.149 -13.967 6.616   1.00 38.74 ? 594 GLU B OE1 1 
ATOM   709 O OE2 . GLU B 2 29 ? -11.910 -15.214 6.176   1.00 34.17 ? 594 GLU B OE2 1 
ATOM   710 N N   . GLN B 2 30 ? -12.915 -12.160 1.988   1.00 13.17 ? 595 GLN B N   1 
ATOM   711 C CA  . GLN B 2 30 ? -14.130 -12.370 1.199   1.00 15.22 ? 595 GLN B CA  1 
ATOM   712 C C   . GLN B 2 30 ? -13.975 -13.530 0.207   1.00 18.47 ? 595 GLN B C   1 
ATOM   713 O O   . GLN B 2 30 ? -14.876 -14.365 0.059   1.00 15.83 ? 595 GLN B O   1 
ATOM   714 C CB  . GLN B 2 30 ? -14.512 -11.094 0.452   1.00 18.42 ? 595 GLN B CB  1 
ATOM   715 C CG  . GLN B 2 30 ? -15.645 -11.296 -0.557  1.00 22.88 ? 595 GLN B CG  1 
ATOM   716 C CD  . GLN B 2 30 ? -16.990 -11.528 0.103   1.00 27.58 ? 595 GLN B CD  1 
ATOM   717 O OE1 . GLN B 2 30 ? -17.739 -10.578 0.349   1.00 29.82 ? 595 GLN B OE1 1 
ATOM   718 N NE2 . GLN B 2 30 ? -17.313 -12.798 0.384   1.00 21.42 ? 595 GLN B NE2 1 
ATOM   719 N N   . SER B 2 31 ? -12.832 -13.580 -0.470  1.00 14.61 ? 596 SER B N   1 
ATOM   720 C CA  . SER B 2 31 ? -12.593 -14.637 -1.453  1.00 14.45 ? 596 SER B CA  1 
ATOM   721 C C   . SER B 2 31 ? -12.499 -16.007 -0.791  1.00 14.86 ? 596 SER B C   1 
ATOM   722 O O   . SER B 2 31 ? -12.959 -17.009 -1.343  1.00 14.29 ? 596 SER B O   1 
ATOM   723 C CB  . SER B 2 31 ? -11.356 -14.345 -2.311  1.00 16.13 ? 596 SER B CB  1 
ATOM   724 O OG  . SER B 2 31 ? -10.159 -14.417 -1.559  1.00 16.99 ? 596 SER B OG  1 
ATOM   725 N N   . MET B 2 32 ? -11.915 -16.053 0.398   1.00 13.21 ? 597 MET B N   1 
ATOM   726 C CA  . MET B 2 32 ? -11.784 -17.317 1.105   1.00 14.08 ? 597 MET B CA  1 
ATOM   727 C C   . MET B 2 32 ? -13.152 -17.832 1.536   1.00 15.36 ? 597 MET B C   1 
ATOM   728 O O   . MET B 2 32 ? -13.491 -18.996 1.324   1.00 16.12 ? 597 MET B O   1 
ATOM   729 C CB  . MET B 2 32 ? -10.845 -17.162 2.302   1.00 15.96 ? 597 MET B CB  1 
ATOM   730 C CG  . MET B 2 32 ? -9.413  -16.901 1.878   1.00 18.83 ? 597 MET B CG  1 
ATOM   731 S SD  . MET B 2 32 ? -8.245  -16.906 3.258   1.00 25.08 ? 597 MET B SD  1 
ATOM   732 C CE  . MET B 2 32 ? -8.531  -18.535 3.903   1.00 24.05 ? 597 MET B CE  1 
ATOM   733 N N   . ILE B 2 33 ? -13.943 -16.948 2.119   1.00 14.85 ? 598 ILE B N   1 
ATOM   734 C CA  . ILE B 2 33 ? -15.284 -17.313 2.565   1.00 16.05 ? 598 ILE B CA  1 
ATOM   735 C C   . ILE B 2 33 ? -16.147 -17.785 1.402   1.00 16.71 ? 598 ILE B C   1 
ATOM   736 O O   . ILE B 2 33 ? -16.851 -18.795 1.503   1.00 16.14 ? 598 ILE B O   1 
ATOM   737 C CB  . ILE B 2 33 ? -15.932 -16.140 3.308   1.00 15.40 ? 598 ILE B CB  1 
ATOM   738 C CG1 . ILE B 2 33 ? -15.247 -15.975 4.667   1.00 14.75 ? 598 ILE B CG1 1 
ATOM   739 C CG2 . ILE B 2 33 ? -17.434 -16.350 3.491   1.00 17.94 ? 598 ILE B CG2 1 
ATOM   740 C CD1 . ILE B 2 33 ? -15.693 -14.790 5.397   1.00 17.33 ? 598 ILE B CD1 1 
ATOM   741 N N   . THR B 2 34 ? -16.064 -17.078 0.280   1.00 13.81 ? 599 THR B N   1 
ATOM   742 C CA  . THR B 2 34 ? -16.847 -17.445 -0.901  1.00 16.04 ? 599 THR B CA  1 
ATOM   743 C C   . THR B 2 34 ? -16.407 -18.798 -1.458  1.00 20.57 ? 599 THR B C   1 
ATOM   744 O O   . THR B 2 34 ? -17.240 -19.639 -1.816  1.00 16.74 ? 599 THR B O   1 
ATOM   745 C CB  . THR B 2 34 ? -16.766 -16.354 -1.985  1.00 18.97 ? 599 THR B CB  1 
ATOM   746 O OG1 . THR B 2 34 ? -17.348 -15.146 -1.483  1.00 14.70 ? 599 THR B OG1 1 
ATOM   747 C CG2 . THR B 2 34 ? -17.514 -16.774 -3.246  1.00 16.94 ? 599 THR B CG2 1 
ATOM   748 N N   . PHE B 2 35 ? -15.097 -19.015 -1.516  1.00 15.81 ? 600 PHE B N   1 
ATOM   749 C CA  . PHE B 2 35 ? -14.569 -20.284 -2.014  1.00 18.87 ? 600 PHE B CA  1 
ATOM   750 C C   . PHE B 2 35 ? -15.045 -21.457 -1.164  1.00 19.83 ? 600 PHE B C   1 
ATOM   751 O O   . PHE B 2 35 ? -15.285 -22.553 -1.673  1.00 20.26 ? 600 PHE B O   1 
ATOM   752 C CB  . PHE B 2 35 ? -13.041 -20.269 -2.034  1.00 13.93 ? 600 PHE B CB  1 
ATOM   753 C CG  . PHE B 2 35 ? -12.435 -21.546 -2.524  1.00 15.38 ? 600 PHE B CG  1 
ATOM   754 C CD1 . PHE B 2 35 ? -12.663 -21.976 -3.822  1.00 17.05 ? 600 PHE B CD1 1 
ATOM   755 C CD2 . PHE B 2 35 ? -11.641 -22.318 -1.692  1.00 19.15 ? 600 PHE B CD2 1 
ATOM   756 C CE1 . PHE B 2 35 ? -12.108 -23.155 -4.285  1.00 20.97 ? 600 PHE B CE1 1 
ATOM   757 C CE2 . PHE B 2 35 ? -11.076 -23.503 -2.149  1.00 18.92 ? 600 PHE B CE2 1 
ATOM   758 C CZ  . PHE B 2 35 ? -11.313 -23.917 -3.449  1.00 19.95 ? 600 PHE B CZ  1 
ATOM   759 N N   . ASN B 2 36 ? -15.174 -21.226 0.133   1.00 16.89 ? 601 ASN B N   1 
ATOM   760 C CA  . ASN B 2 36 ? -15.587 -22.292 1.039   1.00 22.17 ? 601 ASN B CA  1 
ATOM   761 C C   . ASN B 2 36 ? -17.106 -22.376 1.241   1.00 25.91 ? 601 ASN B C   1 
ATOM   762 O O   . ASN B 2 36 ? -17.582 -23.036 2.166   1.00 30.18 ? 601 ASN B O   1 
ATOM   763 C CB  . ASN B 2 36 ? -14.836 -22.190 2.369   1.00 26.50 ? 601 ASN B CB  1 
ATOM   764 C CG  . ASN B 2 36 ? -13.365 -22.576 2.231   1.00 29.64 ? 601 ASN B CG  1 
ATOM   765 O OD1 . ASN B 2 36 ? -13.038 -23.753 2.056   1.00 34.96 ? 601 ASN B OD1 1 
ATOM   766 N ND2 . ASN B 2 36 ? -12.475 -21.587 2.289   1.00 27.94 ? 601 ASN B ND2 1 
ATOM   767 N N   . THR B 2 37 ? -17.850 -21.724 0.348   1.00 21.30 ? 602 THR B N   1 
ATOM   768 C CA  . THR B 2 37 ? -19.313 -21.698 0.391   1.00 25.31 ? 602 THR B CA  1 
ATOM   769 C C   . THR B 2 37 ? -19.923 -22.895 -0.328  1.00 27.96 ? 602 THR B C   1 
ATOM   770 O O   . THR B 2 37 ? -20.876 -23.502 0.169   1.00 29.34 ? 602 THR B O   1 
ATOM   771 C CB  . THR B 2 37 ? -19.867 -20.401 -0.234  1.00 22.62 ? 602 THR B CB  1 
ATOM   772 O OG1 . THR B 2 37 ? -19.548 -19.294 0.616   1.00 28.65 ? 602 THR B OG1 1 
ATOM   773 C CG2 . THR B 2 37 ? -21.381 -20.480 -0.424  1.00 28.11 ? 602 THR B CG2 1 
HETATM 774 O O   . HOH C 3 .  ? -5.978  -0.183  -3.408  1.00 14.48 ? 601 HOH A O   1 
HETATM 775 O O   . HOH C 3 .  ? 21.473  11.029  6.555   1.00 14.71 ? 602 HOH A O   1 
HETATM 776 O O   . HOH C 3 .  ? -30.514 -26.114 -9.494  1.00 20.17 ? 603 HOH A O   1 
HETATM 777 O O   . HOH C 3 .  ? -2.457  -13.357 -5.979  0.33 16.67 ? 604 HOH A O   1 
HETATM 778 O O   . HOH C 3 .  ? -31.640 -27.630 -3.346  1.00 18.88 ? 605 HOH A O   1 
HETATM 779 O O   . HOH C 3 .  ? -8.237  -17.095 -7.169  1.00 15.62 ? 606 HOH A O   1 
HETATM 780 O O   . HOH C 3 .  ? -34.640 -23.160 -9.353  1.00 17.14 ? 607 HOH A O   1 
HETATM 781 O O   . HOH C 3 .  ? 19.424  10.419  8.606   0.33 16.34 ? 608 HOH A O   1 
HETATM 782 O O   . HOH C 3 .  ? -15.897 -20.950 -5.716  1.00 22.17 ? 609 HOH A O   1 
HETATM 783 O O   . HOH C 3 .  ? -0.505  3.119   -5.298  1.00 24.14 ? 610 HOH A O   1 
HETATM 784 O O   . HOH C 3 .  ? -4.230  -12.504 -11.756 1.00 16.25 ? 611 HOH A O   1 
HETATM 785 O O   . HOH C 3 .  ? -28.678 -19.106 -9.270  1.00 20.12 ? 612 HOH A O   1 
HETATM 786 O O   . HOH C 3 .  ? -15.523 -13.651 -3.354  1.00 19.99 ? 613 HOH A O   1 
HETATM 787 O O   . HOH C 3 .  ? -12.629 -18.989 -8.962  1.00 16.22 ? 614 HOH A O   1 
HETATM 788 O O   . HOH C 3 .  ? 32.603  17.545  4.949   1.00 25.42 ? 615 HOH A O   1 
HETATM 789 O O   . HOH C 3 .  ? -9.878  -18.279 -8.731  1.00 21.85 ? 616 HOH A O   1 
HETATM 790 O O   . HOH C 3 .  ? -17.919 -11.375 -9.301  1.00 26.26 ? 617 HOH A O   1 
HETATM 791 O O   . HOH C 3 .  ? -13.594 -21.141 -7.446  1.00 24.90 ? 618 HOH A O   1 
HETATM 792 O O   . HOH C 3 .  ? 5.993   4.490   -6.116  1.00 25.55 ? 619 HOH A O   1 
HETATM 793 O O   . HOH C 3 .  ? -1.341  -10.322 -2.066  1.00 20.15 ? 620 HOH A O   1 
HETATM 794 O O   . HOH C 3 .  ? 0.859   5.780   -5.565  1.00 28.94 ? 621 HOH A O   1 
HETATM 795 O O   . HOH C 3 .  ? -23.421 -17.475 -12.908 1.00 31.62 ? 622 HOH A O   1 
HETATM 796 O O   . HOH C 3 .  ? -32.651 -25.389 -11.227 1.00 23.88 ? 623 HOH A O   1 
HETATM 797 O O   . HOH C 3 .  ? -0.708  -11.457 -4.814  0.33 20.56 ? 624 HOH A O   1 
HETATM 798 O O   . HOH C 3 .  ? 10.929  3.529   -7.921  1.00 22.24 ? 625 HOH A O   1 
HETATM 799 O O   . HOH C 3 .  ? -15.034 -7.746  -6.550  1.00 33.65 ? 626 HOH A O   1 
HETATM 800 O O   . HOH C 3 .  ? -20.009 -13.091 -9.252  1.00 28.62 ? 627 HOH A O   1 
HETATM 801 O O   . HOH C 3 .  ? -21.903 -16.875 -2.097  1.00 24.45 ? 628 HOH A O   1 
HETATM 802 O O   . HOH C 3 .  ? 33.231  14.289  5.378   1.00 37.06 ? 629 HOH A O   1 
HETATM 803 O O   . HOH C 3 .  ? -8.921  -3.553  -6.327  1.00 30.21 ? 630 HOH A O   1 
HETATM 804 O O   . HOH C 3 .  ? -2.935  3.694   -4.407  1.00 27.60 ? 631 HOH A O   1 
HETATM 805 O O   . HOH C 3 .  ? -28.056 -26.680 -11.285 1.00 28.60 ? 632 HOH A O   1 
HETATM 806 O O   . HOH C 3 .  ? 32.458  17.741  2.103   1.00 36.01 ? 633 HOH A O   1 
HETATM 807 O O   . HOH C 3 .  ? -17.091 -6.978  -2.545  1.00 37.17 ? 634 HOH A O   1 
HETATM 808 O O   . HOH C 3 .  ? -17.246 -9.662  -7.458  1.00 31.90 ? 635 HOH A O   1 
HETATM 809 O O   . HOH C 3 .  ? -10.239 -2.857  -3.672  1.00 27.80 ? 636 HOH A O   1 
HETATM 810 O O   . HOH C 3 .  ? 23.004  21.214  3.465   1.00 29.10 ? 637 HOH A O   1 
HETATM 811 O O   . HOH C 3 .  ? 5.637   3.108   -9.992  1.00 31.84 ? 638 HOH A O   1 
HETATM 812 O O   . HOH C 3 .  ? -14.501 -18.432 -12.075 1.00 31.45 ? 639 HOH A O   1 
HETATM 813 O O   . HOH C 3 .  ? -11.612 -20.224 -11.226 1.00 28.92 ? 640 HOH A O   1 
HETATM 814 O O   . HOH C 3 .  ? -17.750 -22.219 -7.303  1.00 31.39 ? 641 HOH A O   1 
HETATM 815 O O   . HOH C 3 .  ? 7.582   3.080   -8.171  1.00 26.10 ? 642 HOH A O   1 
HETATM 816 O O   . HOH C 3 .  ? -30.010 -28.089 -7.522  1.00 30.98 ? 643 HOH A O   1 
HETATM 817 O O   . HOH C 3 .  ? -8.499  -19.923 -10.007 0.33 27.03 ? 644 HOH A O   1 
HETATM 818 O O   . HOH C 3 .  ? -11.906 -6.808  -10.098 1.00 33.36 ? 645 HOH A O   1 
HETATM 819 O O   . HOH C 3 .  ? -11.374 -18.323 -12.942 1.00 27.01 ? 646 HOH A O   1 
HETATM 820 O O   . HOH C 3 .  ? 30.289  16.437  0.630   1.00 36.03 ? 647 HOH A O   1 
HETATM 821 O O   . HOH C 3 .  ? 0.180   3.268   -7.410  1.00 39.09 ? 648 HOH A O   1 
HETATM 822 O O   . HOH C 3 .  ? -14.162 -6.365  -8.861  1.00 36.58 ? 649 HOH A O   1 
HETATM 823 O O   . HOH C 3 .  ? -31.788 -21.884 -14.770 1.00 35.16 ? 650 HOH A O   1 
HETATM 824 O O   . HOH C 3 .  ? 0.901   8.786   -3.537  1.00 37.95 ? 651 HOH A O   1 
HETATM 825 O O   . HOH C 3 .  ? 24.631  22.219  8.351   1.00 18.92 ? 652 HOH A O   1 
HETATM 826 O O   . HOH C 3 .  ? 25.845  24.445  9.640   1.00 22.98 ? 653 HOH A O   1 
HETATM 827 O O   . HOH C 3 .  ? 28.960  20.780  14.962  0.33 19.67 ? 654 HOH A O   1 
HETATM 828 O O   . HOH C 3 .  ? 30.568  22.118  13.214  1.00 27.24 ? 655 HOH A O   1 
HETATM 829 O O   . HOH C 3 .  ? -27.046 -26.960 -14.964 1.00 36.63 ? 656 HOH A O   1 
HETATM 830 O O   . HOH C 3 .  ? -19.314 -22.078 -4.014  1.00 32.28 ? 657 HOH A O   1 
HETATM 831 O O   . HOH C 3 .  ? -19.055 -24.037 -10.476 1.00 37.27 ? 658 HOH A O   1 
HETATM 832 O O   . HOH C 3 .  ? 37.706  20.842  10.308  1.00 42.16 ? 659 HOH A O   1 
HETATM 833 O O   . HOH C 3 .  ? -27.016 -28.937 -9.355  1.00 39.22 ? 660 HOH A O   1 
HETATM 834 O O   . HOH C 3 .  ? -14.228 -5.655  -3.163  1.00 32.13 ? 661 HOH A O   1 
HETATM 835 O O   . HOH C 3 .  ? 2.260   11.738  -1.911  1.00 37.99 ? 662 HOH A O   1 
HETATM 836 O O   . HOH C 3 .  ? -0.360  4.801   -9.071  1.00 40.21 ? 663 HOH A O   1 
HETATM 837 O O   . HOH C 3 .  ? -20.790 -24.506 -11.144 1.00 35.13 ? 664 HOH A O   1 
HETATM 838 O O   . HOH C 3 .  ? 38.123  23.114  11.545  1.00 38.27 ? 665 HOH A O   1 
HETATM 839 O O   . HOH C 3 .  ? -11.855 -2.517  -7.371  1.00 39.75 ? 666 HOH A O   1 
HETATM 840 O O   . HOH C 3 .  ? -24.434 -13.132 -9.874  1.00 35.55 ? 667 HOH A O   1 
HETATM 841 O O   . HOH C 3 .  ? -21.476 -15.700 -13.184 1.00 37.59 ? 668 HOH A O   1 
HETATM 842 O O   . HOH C 3 .  ? -28.561 -24.706 -17.656 1.00 39.29 ? 669 HOH A O   1 
HETATM 843 O O   . HOH C 3 .  ? -21.042 -13.881 -12.035 1.00 34.65 ? 670 HOH A O   1 
HETATM 844 O O   . HOH C 3 .  ? -27.336 -23.315 -16.971 1.00 40.59 ? 671 HOH A O   1 
HETATM 845 O O   . HOH C 3 .  ? -25.834 -11.763 -11.520 1.00 39.96 ? 672 HOH A O   1 
HETATM 846 O O   . HOH C 3 .  ? -9.372  0.347   -11.508 1.00 35.14 ? 673 HOH A O   1 
HETATM 847 O O   . HOH C 3 .  ? 4.513   10.788  -2.866  1.00 39.10 ? 674 HOH A O   1 
HETATM 848 O O   . HOH C 3 .  ? 34.927  17.402  11.109  1.00 33.98 ? 675 HOH A O   1 
HETATM 849 O O   . HOH C 3 .  ? -7.528  -2.928  -11.083 1.00 39.53 ? 676 HOH A O   1 
HETATM 850 O O   . HOH C 3 .  ? -25.773 -28.651 -7.598  1.00 37.67 ? 677 HOH A O   1 
HETATM 851 O O   . HOH C 3 .  ? -13.217 -9.153  -13.885 1.00 34.87 ? 678 HOH A O   1 
HETATM 852 O O   . HOH C 3 .  ? -9.431  -2.462  -10.135 1.00 45.43 ? 679 HOH A O   1 
HETATM 853 O O   . HOH C 3 .  ? 32.289  23.580  15.126  1.00 39.36 ? 680 HOH A O   1 
HETATM 854 O O   . HOH C 3 .  ? -8.111  -4.741  -10.475 1.00 33.94 ? 681 HOH A O   1 
HETATM 855 O O   . HOH C 3 .  ? -30.967 -17.794 -10.661 1.00 37.89 ? 682 HOH A O   1 
HETATM 856 O O   . HOH C 3 .  ? -26.693 -16.710 -9.266  1.00 15.58 ? 683 HOH A O   1 
HETATM 857 O O   . HOH C 3 .  ? -22.386 -15.498 -5.782  1.00 21.13 ? 684 HOH A O   1 
HETATM 858 O O   . HOH C 3 .  ? 8.686   5.238   -7.851  1.00 26.53 ? 685 HOH A O   1 
HETATM 859 O O   . HOH C 3 .  ? -34.032 -23.556 -13.791 1.00 42.76 ? 686 HOH A O   1 
HETATM 860 O O   . HOH C 3 .  ? -13.178 -5.906  -11.248 1.00 45.01 ? 687 HOH A O   1 
HETATM 861 O O   . HOH C 3 .  ? -20.074 -13.028 -3.649  1.00 34.76 ? 688 HOH A O   1 
HETATM 862 O O   . HOH C 3 .  ? -20.723 -17.363 -18.041 1.00 44.13 ? 689 HOH A O   1 
HETATM 863 O O   . HOH C 3 .  ? -19.780 -16.856 -16.004 1.00 40.10 ? 690 HOH A O   1 
HETATM 864 O O   . HOH C 3 .  ? -7.155  -0.949  -10.435 1.00 38.95 ? 691 HOH A O   1 
HETATM 865 O O   . HOH C 3 .  ? 36.441  23.958  5.039   1.00 43.97 ? 692 HOH A O   1 
HETATM 866 O O   . HOH C 3 .  ? 17.644  19.853  6.813   1.00 34.76 ? 693 HOH A O   1 
HETATM 867 O O   . HOH C 3 .  ? -34.925 -25.519 -10.559 1.00 31.14 ? 694 HOH A O   1 
HETATM 868 O O   . HOH C 3 .  ? -5.361  0.737   -9.472  1.00 31.67 ? 695 HOH A O   1 
HETATM 869 O O   . HOH C 3 .  ? 26.040  11.598  7.004   1.00 29.05 ? 696 HOH A O   1 
HETATM 870 O O   . HOH C 3 .  ? -21.915 -20.764 -18.630 1.00 39.32 ? 697 HOH A O   1 
HETATM 871 O O   . HOH C 3 .  ? 38.049  25.097  2.879   1.00 44.79 ? 698 HOH A O   1 
HETATM 872 O O   . HOH C 3 .  ? -14.500 -3.485  -6.116  1.00 44.00 ? 699 HOH A O   1 
HETATM 873 O O   . HOH C 3 .  ? -19.249 -10.052 -5.988  1.00 37.75 ? 700 HOH A O   1 
HETATM 874 O O   . HOH C 3 .  ? -12.738 -4.259  -12.386 1.00 43.36 ? 701 HOH A O   1 
HETATM 875 O O   . HOH C 3 .  ? -14.441 -4.013  -13.958 1.00 40.56 ? 702 HOH A O   1 
HETATM 876 O O   . HOH C 3 .  ? -11.123 -2.676  -13.433 1.00 40.04 ? 703 HOH A O   1 
HETATM 877 O O   . HOH D 3 .  ? 3.456   18.018  1.705   1.00 26.32 ? 701 HOH B O   1 
HETATM 878 O O   . HOH D 3 .  ? 9.767   18.905  0.380   1.00 22.74 ? 702 HOH B O   1 
HETATM 879 O O   . HOH D 3 .  ? 0.867   8.960   10.634  1.00 30.75 ? 703 HOH B O   1 
HETATM 880 O O   . HOH D 3 .  ? 0.459   14.250  0.469   1.00 28.57 ? 704 HOH B O   1 
HETATM 881 O O   . HOH D 3 .  ? -20.263 -10.190 1.931   1.00 22.54 ? 705 HOH B O   1 
HETATM 882 O O   . HOH D 3 .  ? -21.750 -23.149 2.496   1.00 21.72 ? 706 HOH B O   1 
HETATM 883 O O   . HOH D 3 .  ? -19.993 -14.845 -1.263  1.00 23.86 ? 707 HOH B O   1 
HETATM 884 O O   . HOH D 3 .  ? 13.065  22.585  5.487   1.00 28.76 ? 708 HOH B O   1 
HETATM 885 O O   . HOH D 3 .  ? -4.198  -1.926  8.095   1.00 24.66 ? 709 HOH B O   1 
HETATM 886 O O   . HOH D 3 .  ? -15.383 -24.009 -4.058  1.00 31.79 ? 710 HOH B O   1 
HETATM 887 O O   . HOH D 3 .  ? -9.323  -5.995  6.965   1.00 28.94 ? 711 HOH B O   1 
HETATM 888 O O   . HOH D 3 .  ? 8.436   21.443  -0.317  1.00 30.25 ? 712 HOH B O   1 
HETATM 889 O O   . HOH D 3 .  ? 0.840   16.797  1.716   1.00 31.01 ? 713 HOH B O   1 
HETATM 890 O O   . HOH D 3 .  ? 12.243  24.992  3.010   1.00 31.75 ? 714 HOH B O   1 
HETATM 891 O O   . HOH D 3 .  ? -2.267  14.703  -0.272  1.00 37.57 ? 715 HOH B O   1 
HETATM 892 O O   . HOH D 3 .  ? -4.210  2.065   -2.697  1.00 25.80 ? 716 HOH B O   1 
HETATM 893 O O   . HOH D 3 .  ? -2.825  -10.402 6.124   1.00 33.10 ? 717 HOH B O   1 
HETATM 894 O O   . HOH D 3 .  ? -5.407  -4.669  8.147   1.00 31.89 ? 718 HOH B O   1 
HETATM 895 O O   . HOH D 3 .  ? -4.156  9.951   3.097   1.00 34.80 ? 719 HOH B O   1 
HETATM 896 O O   . HOH D 3 .  ? 1.352   11.866  0.550   1.00 24.09 ? 720 HOH B O   1 
HETATM 897 O O   . HOH D 3 .  ? -7.567  -5.962  8.535   1.00 32.00 ? 721 HOH B O   1 
HETATM 898 O O   . HOH D 3 .  ? 3.182   14.259  13.759  1.00 41.37 ? 722 HOH B O   1 
HETATM 899 O O   . HOH D 3 .  ? -17.279 -20.026 4.461   1.00 32.69 ? 723 HOH B O   1 
HETATM 900 O O   . HOH D 3 .  ? -14.631 -7.762  0.108   1.00 28.93 ? 724 HOH B O   1 
HETATM 901 O O   . HOH D 3 .  ? -16.874 -8.445  0.105   1.00 36.09 ? 725 HOH B O   1 
HETATM 902 O O   . HOH D 3 .  ? -13.166 -4.575  0.354   1.00 33.96 ? 726 HOH B O   1 
HETATM 903 O O   . HOH D 3 .  ? -2.160  9.784   9.218   1.00 38.10 ? 727 HOH B O   1 
HETATM 904 O O   . HOH D 3 .  ? -1.551  8.265   -2.389  1.00 31.00 ? 728 HOH B O   1 
HETATM 905 O O   . HOH D 3 .  ? -12.224 -5.994  9.419   1.00 34.06 ? 729 HOH B O   1 
HETATM 906 O O   . HOH D 3 .  ? -4.498  11.279  5.365   1.00 35.11 ? 730 HOH B O   1 
HETATM 907 O O   . HOH D 3 .  ? 5.889   25.080  6.537   1.00 36.18 ? 731 HOH B O   1 
HETATM 908 O O   . HOH D 3 .  ? -1.465  10.794  0.337   1.00 31.52 ? 732 HOH B O   1 
HETATM 909 O O   . HOH D 3 .  ? -19.668 -19.576 3.074   1.00 33.36 ? 733 HOH B O   1 
HETATM 910 O O   . HOH D 3 .  ? 0.264   15.002  13.626  1.00 41.92 ? 734 HOH B O   1 
HETATM 911 O O   . HOH D 3 .  ? -7.091  6.312   3.331   1.00 34.66 ? 735 HOH B O   1 
HETATM 912 O O   . HOH D 3 .  ? -12.058 -7.685  7.015   1.00 32.45 ? 736 HOH B O   1 
HETATM 913 O O   . HOH D 3 .  ? -16.740 -6.088  3.083   1.00 30.86 ? 737 HOH B O   1 
HETATM 914 O O   . HOH D 3 .  ? -0.955  17.713  2.991   1.00 42.13 ? 738 HOH B O   1 
HETATM 915 O O   . HOH D 3 .  ? -6.678  5.886   1.202   1.00 38.14 ? 739 HOH B O   1 
HETATM 916 O O   . HOH D 3 .  ? -20.170 -7.532  0.654   1.00 44.80 ? 740 HOH B O   1 
HETATM 917 O O   . HOH D 3 .  ? -8.805  -15.742 8.135   1.00 40.60 ? 741 HOH B O   1 
HETATM 918 O O   . HOH D 3 .  ? -0.540  11.562  11.247  1.00 33.91 ? 742 HOH B O   1 
HETATM 919 O O   . HOH D 3 .  ? 2.471   20.188  3.047   1.00 34.25 ? 743 HOH B O   1 
HETATM 920 O O   . HOH D 3 .  ? -19.192 -19.696 5.120   1.00 35.58 ? 744 HOH B O   1 
HETATM 921 O O   . HOH D 3 .  ? -4.461  -11.426 5.802   1.00 32.59 ? 745 HOH B O   1 
HETATM 922 O O   . HOH D 3 .  ? 15.148  20.691  4.370   1.00 31.25 ? 746 HOH B O   1 
HETATM 923 O O   . HOH D 3 .  ? -3.417  10.870  7.647   1.00 39.22 ? 747 HOH B O   1 
HETATM 924 O O   . HOH D 3 .  ? -0.127  14.956  6.833   1.00 36.21 ? 748 HOH B O   1 
HETATM 925 O O   . HOH D 3 .  ? 10.692  22.498  9.391   1.00 34.25 ? 749 HOH B O   1 
HETATM 926 O O   . HOH D 3 .  ? -19.425 -22.949 3.783   1.00 33.33 ? 750 HOH B O   1 
HETATM 927 O O   . HOH D 3 .  ? -1.655  17.036  5.755   1.00 39.29 ? 751 HOH B O   1 
HETATM 928 O O   . HOH D 3 .  ? -9.376  6.973   3.318   1.00 36.90 ? 752 HOH B O   1 
HETATM 929 O O   . HOH D 3 .  ? -22.114 -25.775 -1.599  1.00 35.20 ? 753 HOH B O   1 
HETATM 930 O O   . HOH D 3 .  ? -22.204 -20.271 2.435   1.00 27.01 ? 754 HOH B O   1 
HETATM 931 O O   . HOH D 3 .  ? 12.975  21.301  10.664  1.00 32.76 ? 755 HOH B O   1 
HETATM 932 O O   . HOH D 3 .  ? 0.899   15.409  8.981   1.00 34.21 ? 756 HOH B O   1 
HETATM 933 O O   . HOH D 3 .  ? 8.215   22.335  11.802  1.00 38.54 ? 757 HOH B O   1 
HETATM 934 O O   . HOH D 3 .  ? -8.780  1.132   -0.231  1.00 32.84 ? 758 HOH B O   1 
HETATM 935 O O   . HOH D 3 .  ? -10.640 -24.988 2.528   1.00 41.16 ? 759 HOH B O   1 
HETATM 936 O O   . HOH D 3 .  ? 14.269  22.168  8.602   1.00 37.10 ? 760 HOH B O   1 
HETATM 937 O O   . HOH D 3 .  ? -3.383  6.603   -3.551  1.00 35.55 ? 761 HOH B O   1 
HETATM 938 O O   . HOH D 3 .  ? 2.164   15.956  13.076  1.00 46.88 ? 762 HOH B O   1 
HETATM 939 O O   . HOH D 3 .  ? -18.757 -6.438  2.618   1.00 37.07 ? 763 HOH B O   1 
HETATM 940 O O   . HOH D 3 .  ? -12.905 -16.553 7.902   1.00 38.98 ? 764 HOH B O   1 
HETATM 941 O O   . HOH D 3 .  ? -10.245 -26.271 0.842   1.00 37.34 ? 765 HOH B O   1 
HETATM 942 O O   . HOH D 3 .  ? -10.542 -24.182 4.533   1.00 45.31 ? 766 HOH B O   1 
HETATM 943 O O   . HOH D 3 .  ? -17.798 -26.452 -3.624  1.00 40.01 ? 767 HOH B O   1 
HETATM 944 O O   . HOH D 3 .  ? -4.533  12.683  1.735   1.00 35.73 ? 768 HOH B O   1 
HETATM 945 O O   . HOH D 3 .  ? -17.427 -25.355 -1.370  1.00 35.75 ? 769 HOH B O   1 
HETATM 946 O O   . HOH D 3 .  ? -20.233 -4.321  2.039   1.00 39.24 ? 770 HOH B O   1 
HETATM 947 O O   . HOH D 3 .  ? 3.657   19.817  9.093   1.00 37.56 ? 771 HOH B O   1 
HETATM 948 O O   . HOH D 3 .  ? -6.048  -1.209  10.015  1.00 32.69 ? 772 HOH B O   1 
HETATM 949 O O   . HOH D 3 .  ? -21.717 -7.890  -0.624  1.00 41.94 ? 773 HOH B O   1 
HETATM 950 O O   . HOH D 3 .  ? 12.163  27.402  4.270   1.00 46.94 ? 774 HOH B O   1 
HETATM 951 O O   . HOH D 3 .  ? -22.140 -9.880  -0.570  1.00 40.51 ? 775 HOH B O   1 
HETATM 952 O O   . HOH D 3 .  ? -16.617 -3.955  5.173   1.00 38.66 ? 776 HOH B O   1 
HETATM 953 O O   . HOH D 3 .  ? -13.595 -4.300  11.643  1.00 40.11 ? 777 HOH B O   1 
HETATM 954 O O   . HOH D 3 .  ? -13.868 -25.433 -0.852  1.00 36.02 ? 778 HOH B O   1 
HETATM 955 O O   . HOH D 3 .  ? -12.710 -26.990 -0.720  1.00 44.17 ? 779 HOH B O   1 
HETATM 956 O O   . HOH D 3 .  ? -13.631 -28.990 1.221   1.00 41.82 ? 780 HOH B O   1 
# 
